data_1YTG
# 
_entry.id   1YTG 
# 
_audit_conform.dict_name       mmcif_pdbx.dic 
_audit_conform.dict_version    5.397 
_audit_conform.dict_location   http://mmcif.pdb.org/dictionaries/ascii/mmcif_pdbx.dic 
# 
loop_
_database_2.database_id 
_database_2.database_code 
_database_2.pdbx_database_accession 
_database_2.pdbx_DOI 
PDB   1YTG         pdb_00001ytg 10.2210/pdb1ytg/pdb 
WWPDB D_1000177435 ?            ?                   
# 
loop_
_pdbx_audit_revision_history.ordinal 
_pdbx_audit_revision_history.data_content_type 
_pdbx_audit_revision_history.major_revision 
_pdbx_audit_revision_history.minor_revision 
_pdbx_audit_revision_history.revision_date 
1 'Structure model' 1 0 1997-03-12 
2 'Structure model' 1 1 2008-03-21 
3 'Structure model' 1 2 2011-07-13 
4 'Structure model' 1 3 2021-11-03 
5 'Structure model' 1 4 2024-10-16 
# 
_pdbx_audit_revision_details.ordinal             1 
_pdbx_audit_revision_details.revision_ordinal    1 
_pdbx_audit_revision_details.data_content_type   'Structure model' 
_pdbx_audit_revision_details.provider            repository 
_pdbx_audit_revision_details.type                'Initial release' 
_pdbx_audit_revision_details.description         ? 
_pdbx_audit_revision_details.details             ? 
# 
loop_
_pdbx_audit_revision_group.ordinal 
_pdbx_audit_revision_group.revision_ordinal 
_pdbx_audit_revision_group.data_content_type 
_pdbx_audit_revision_group.group 
1  2 'Structure model' 'Version format compliance' 
2  3 'Structure model' 'Atomic model'              
3  3 'Structure model' 'Database references'       
4  3 'Structure model' 'Derived calculations'      
5  3 'Structure model' 'Non-polymer description'   
6  3 'Structure model' 'Structure summary'         
7  3 'Structure model' 'Version format compliance' 
8  4 'Structure model' 'Database references'       
9  4 'Structure model' 'Derived calculations'      
10 4 'Structure model' Other                       
11 5 'Structure model' 'Data collection'           
12 5 'Structure model' 'Structure summary'         
# 
loop_
_pdbx_audit_revision_category.ordinal 
_pdbx_audit_revision_category.revision_ordinal 
_pdbx_audit_revision_category.data_content_type 
_pdbx_audit_revision_category.category 
1 4 'Structure model' database_2                
2 4 'Structure model' pdbx_database_status      
3 4 'Structure model' struct_conn               
4 4 'Structure model' struct_ref_seq_dif        
5 5 'Structure model' chem_comp_atom            
6 5 'Structure model' chem_comp_bond            
7 5 'Structure model' pdbx_entry_details        
8 5 'Structure model' pdbx_modification_feature 
# 
loop_
_pdbx_audit_revision_item.ordinal 
_pdbx_audit_revision_item.revision_ordinal 
_pdbx_audit_revision_item.data_content_type 
_pdbx_audit_revision_item.item 
1  4 'Structure model' '_database_2.pdbx_DOI'                
2  4 'Structure model' '_database_2.pdbx_database_accession' 
3  4 'Structure model' '_pdbx_database_status.process_site'  
4  4 'Structure model' '_struct_conn.pdbx_leaving_atom_flag' 
5  4 'Structure model' '_struct_conn.ptnr1_auth_comp_id'     
6  4 'Structure model' '_struct_conn.ptnr1_auth_seq_id'      
7  4 'Structure model' '_struct_conn.ptnr1_label_atom_id'    
8  4 'Structure model' '_struct_conn.ptnr1_label_comp_id'    
9  4 'Structure model' '_struct_conn.ptnr1_label_seq_id'     
10 4 'Structure model' '_struct_conn.ptnr2_auth_comp_id'     
11 4 'Structure model' '_struct_conn.ptnr2_auth_seq_id'      
12 4 'Structure model' '_struct_conn.ptnr2_label_atom_id'    
13 4 'Structure model' '_struct_conn.ptnr2_label_comp_id'    
14 4 'Structure model' '_struct_conn.ptnr2_label_seq_id'     
15 4 'Structure model' '_struct_ref_seq_dif.details'         
# 
_pdbx_database_status.status_code                     REL 
_pdbx_database_status.entry_id                        1YTG 
_pdbx_database_status.recvd_initial_deposition_date   1996-08-01 
_pdbx_database_status.deposit_site                    ? 
_pdbx_database_status.process_site                    BNL 
_pdbx_database_status.status_code_sf                  REL 
_pdbx_database_status.status_code_mr                  ? 
_pdbx_database_status.SG_entry                        ? 
_pdbx_database_status.status_code_cs                  ? 
_pdbx_database_status.pdb_format_compatible           Y 
_pdbx_database_status.status_code_nmr_data            ? 
_pdbx_database_status.methods_development_category    ? 
# 
loop_
_pdbx_database_related.db_name 
_pdbx_database_related.db_id 
_pdbx_database_related.content_type 
_pdbx_database_related.details 
PDB 1YTJ unspecified . 
PDB 1YTH unspecified . 
# 
loop_
_audit_author.name 
_audit_author.pdbx_ordinal 
'Rose, R.B.'    1 
'Craik, C.S.'   2 
'Douglas, N.L.' 3 
'Stroud, R.M.'  4 
# 
_citation.id                        primary 
_citation.title                     'Three-dimensional structures of HIV-1 and SIV protease product complexes.' 
_citation.journal_abbrev            Biochemistry 
_citation.journal_volume            35 
_citation.page_first                12933 
_citation.page_last                 12944 
_citation.year                      1996 
_citation.journal_id_ASTM           BICHAW 
_citation.country                   US 
_citation.journal_id_ISSN           0006-2960 
_citation.journal_id_CSD            0033 
_citation.book_publisher            ? 
_citation.pdbx_database_id_PubMed   8841139 
_citation.pdbx_database_id_DOI      10.1021/bi9612733 
# 
loop_
_citation_author.citation_id 
_citation_author.name 
_citation_author.ordinal 
_citation_author.identifier_ORCID 
primary 'Rose, R.B.'    1 ? 
primary 'Craik, C.S.'   2 ? 
primary 'Douglas, N.L.' 3 ? 
primary 'Stroud, R.M.'  4 ? 
# 
loop_
_entity.id 
_entity.type 
_entity.src_method 
_entity.pdbx_description 
_entity.formula_weight 
_entity.pdbx_number_of_molecules 
_entity.pdbx_ec 
_entity.pdbx_mutation 
_entity.pdbx_fragment 
_entity.details 
1 polymer man 'HIV PROTEASE'    10801.763 2  3.4.23.16 'CHAIN A, B, Q7K' ? ? 
2 polymer man 'PEPTIDE PRODUCT' 325.426   1  ?         ?                 ? ? 
3 water   nat water             18.015    41 ?         ?                 ? ? 
# 
_entity_name_com.entity_id   1 
_entity_name_com.name        'HIV PROTEINASE' 
# 
loop_
_entity_poly.entity_id 
_entity_poly.type 
_entity_poly.nstd_linkage 
_entity_poly.nstd_monomer 
_entity_poly.pdbx_seq_one_letter_code 
_entity_poly.pdbx_seq_one_letter_code_can 
_entity_poly.pdbx_strand_id 
_entity_poly.pdbx_target_identifier 
1 'polypeptide(L)' no no  
;PQITLWKRPLVTIRIGGQLKEALLDTGADDTVLEEMNLPGKWKPKMIGGIGGFIKVRQYDQIPVEICGHKAIGTVLVGPT
PVNIIGRNLLTQIGCTLNF
;
;PQITLWKRPLVTIRIGGQLKEALLDTGADDTVLEEMNLPGKWKPKMIGGIGGFIKVRQYDQIPVEICGHKAIGTVLVGPT
PVNIIGRNLLTQIGCTLNF
;
A,B ? 
2 'polypeptide(L)' no yes 'PIV(NH2)'                                                                                             
PIVX                                                                                                   I   ? 
# 
_pdbx_entity_nonpoly.entity_id   3 
_pdbx_entity_nonpoly.name        water 
_pdbx_entity_nonpoly.comp_id     HOH 
# 
loop_
_entity_poly_seq.entity_id 
_entity_poly_seq.num 
_entity_poly_seq.mon_id 
_entity_poly_seq.hetero 
1 1  PRO n 
1 2  GLN n 
1 3  ILE n 
1 4  THR n 
1 5  LEU n 
1 6  TRP n 
1 7  LYS n 
1 8  ARG n 
1 9  PRO n 
1 10 LEU n 
1 11 VAL n 
1 12 THR n 
1 13 ILE n 
1 14 ARG n 
1 15 ILE n 
1 16 GLY n 
1 17 GLY n 
1 18 GLN n 
1 19 LEU n 
1 20 LYS n 
1 21 GLU n 
1 22 ALA n 
1 23 LEU n 
1 24 LEU n 
1 25 ASP n 
1 26 THR n 
1 27 GLY n 
1 28 ALA n 
1 29 ASP n 
1 30 ASP n 
1 31 THR n 
1 32 VAL n 
1 33 LEU n 
1 34 GLU n 
1 35 GLU n 
1 36 MET n 
1 37 ASN n 
1 38 LEU n 
1 39 PRO n 
1 40 GLY n 
1 41 LYS n 
1 42 TRP n 
1 43 LYS n 
1 44 PRO n 
1 45 LYS n 
1 46 MET n 
1 47 ILE n 
1 48 GLY n 
1 49 GLY n 
1 50 ILE n 
1 51 GLY n 
1 52 GLY n 
1 53 PHE n 
1 54 ILE n 
1 55 LYS n 
1 56 VAL n 
1 57 ARG n 
1 58 GLN n 
1 59 TYR n 
1 60 ASP n 
1 61 GLN n 
1 62 ILE n 
1 63 PRO n 
1 64 VAL n 
1 65 GLU n 
1 66 ILE n 
1 67 CYS n 
1 68 GLY n 
1 69 HIS n 
1 70 LYS n 
1 71 ALA n 
1 72 ILE n 
1 73 GLY n 
1 74 THR n 
1 75 VAL n 
1 76 LEU n 
1 77 VAL n 
1 78 GLY n 
1 79 PRO n 
1 80 THR n 
1 81 PRO n 
1 82 VAL n 
1 83 ASN n 
1 84 ILE n 
1 85 ILE n 
1 86 GLY n 
1 87 ARG n 
1 88 ASN n 
1 89 LEU n 
1 90 LEU n 
1 91 THR n 
1 92 GLN n 
1 93 ILE n 
1 94 GLY n 
1 95 CYS n 
1 96 THR n 
1 97 LEU n 
1 98 ASN n 
1 99 PHE n 
2 1  PRO n 
2 2  ILE n 
2 3  VAL n 
2 4  NH2 n 
# 
_entity_src_gen.entity_id                          1 
_entity_src_gen.pdbx_src_id                        1 
_entity_src_gen.pdbx_alt_source_flag               sample 
_entity_src_gen.pdbx_seq_type                      ? 
_entity_src_gen.pdbx_beg_seq_num                   ? 
_entity_src_gen.pdbx_end_seq_num                   ? 
_entity_src_gen.gene_src_common_name               ? 
_entity_src_gen.gene_src_genus                     Lentivirus 
_entity_src_gen.pdbx_gene_src_gene                 'STRAIN SF-2' 
_entity_src_gen.gene_src_species                   ? 
_entity_src_gen.gene_src_strain                    X90 
_entity_src_gen.gene_src_tissue                    ? 
_entity_src_gen.gene_src_tissue_fraction           ? 
_entity_src_gen.gene_src_details                   ? 
_entity_src_gen.pdbx_gene_src_fragment             ? 
_entity_src_gen.pdbx_gene_src_scientific_name      'Human immunodeficiency virus 1' 
_entity_src_gen.pdbx_gene_src_ncbi_taxonomy_id     11676 
_entity_src_gen.pdbx_gene_src_variant              ? 
_entity_src_gen.pdbx_gene_src_cell_line            ? 
_entity_src_gen.pdbx_gene_src_atcc                 ? 
_entity_src_gen.pdbx_gene_src_organ                ? 
_entity_src_gen.pdbx_gene_src_organelle            ? 
_entity_src_gen.pdbx_gene_src_cell                 ? 
_entity_src_gen.pdbx_gene_src_cellular_location    ? 
_entity_src_gen.host_org_common_name               ? 
_entity_src_gen.pdbx_host_org_scientific_name      'HUMAN IMMUNODEFICIENCY VIRUS 1' 
_entity_src_gen.pdbx_host_org_ncbi_taxonomy_id     11676 
_entity_src_gen.host_org_genus                     ? 
_entity_src_gen.pdbx_host_org_gene                 'STRAIN SF-2' 
_entity_src_gen.pdbx_host_org_organ                ? 
_entity_src_gen.host_org_species                   ? 
_entity_src_gen.pdbx_host_org_tissue               ? 
_entity_src_gen.pdbx_host_org_tissue_fraction      ? 
_entity_src_gen.pdbx_host_org_strain               ? 
_entity_src_gen.pdbx_host_org_variant              ? 
_entity_src_gen.pdbx_host_org_cell_line            ? 
_entity_src_gen.pdbx_host_org_atcc                 ? 
_entity_src_gen.pdbx_host_org_culture_collection   ? 
_entity_src_gen.pdbx_host_org_cell                 ? 
_entity_src_gen.pdbx_host_org_organelle            ? 
_entity_src_gen.pdbx_host_org_cellular_location    ? 
_entity_src_gen.pdbx_host_org_vector_type          ? 
_entity_src_gen.pdbx_host_org_vector               ? 
_entity_src_gen.host_org_details                   ? 
_entity_src_gen.expression_system_id               ? 
_entity_src_gen.plasmid_name                       PSOD/PR179 
_entity_src_gen.plasmid_details                    ? 
_entity_src_gen.pdbx_description                   ? 
# 
loop_
_chem_comp.id 
_chem_comp.type 
_chem_comp.mon_nstd_flag 
_chem_comp.name 
_chem_comp.pdbx_synonyms 
_chem_comp.formula 
_chem_comp.formula_weight 
ALA 'L-peptide linking' y ALANINE         ? 'C3 H7 N O2'     89.093  
ARG 'L-peptide linking' y ARGININE        ? 'C6 H15 N4 O2 1' 175.209 
ASN 'L-peptide linking' y ASPARAGINE      ? 'C4 H8 N2 O3'    132.118 
ASP 'L-peptide linking' y 'ASPARTIC ACID' ? 'C4 H7 N O4'     133.103 
CYS 'L-peptide linking' y CYSTEINE        ? 'C3 H7 N O2 S'   121.158 
GLN 'L-peptide linking' y GLUTAMINE       ? 'C5 H10 N2 O3'   146.144 
GLU 'L-peptide linking' y 'GLUTAMIC ACID' ? 'C5 H9 N O4'     147.129 
GLY 'peptide linking'   y GLYCINE         ? 'C2 H5 N O2'     75.067  
HIS 'L-peptide linking' y HISTIDINE       ? 'C6 H10 N3 O2 1' 156.162 
HOH non-polymer         . WATER           ? 'H2 O'           18.015  
ILE 'L-peptide linking' y ISOLEUCINE      ? 'C6 H13 N O2'    131.173 
LEU 'L-peptide linking' y LEUCINE         ? 'C6 H13 N O2'    131.173 
LYS 'L-peptide linking' y LYSINE          ? 'C6 H15 N2 O2 1' 147.195 
MET 'L-peptide linking' y METHIONINE      ? 'C5 H11 N O2 S'  149.211 
NH2 non-polymer         . 'AMINO GROUP'   ? 'H2 N'           16.023  
PHE 'L-peptide linking' y PHENYLALANINE   ? 'C9 H11 N O2'    165.189 
PRO 'L-peptide linking' y PROLINE         ? 'C5 H9 N O2'     115.130 
THR 'L-peptide linking' y THREONINE       ? 'C4 H9 N O3'     119.119 
TRP 'L-peptide linking' y TRYPTOPHAN      ? 'C11 H12 N2 O2'  204.225 
TYR 'L-peptide linking' y TYROSINE        ? 'C9 H11 N O3'    181.189 
VAL 'L-peptide linking' y VALINE          ? 'C5 H11 N O2'    117.146 
# 
loop_
_pdbx_poly_seq_scheme.asym_id 
_pdbx_poly_seq_scheme.entity_id 
_pdbx_poly_seq_scheme.seq_id 
_pdbx_poly_seq_scheme.mon_id 
_pdbx_poly_seq_scheme.ndb_seq_num 
_pdbx_poly_seq_scheme.pdb_seq_num 
_pdbx_poly_seq_scheme.auth_seq_num 
_pdbx_poly_seq_scheme.pdb_mon_id 
_pdbx_poly_seq_scheme.auth_mon_id 
_pdbx_poly_seq_scheme.pdb_strand_id 
_pdbx_poly_seq_scheme.pdb_ins_code 
_pdbx_poly_seq_scheme.hetero 
A 1 1  PRO 1  1  1  PRO PRO A . n 
A 1 2  GLN 2  2  2  GLN GLN A . n 
A 1 3  ILE 3  3  3  ILE ILE A . n 
A 1 4  THR 4  4  4  THR THR A . n 
A 1 5  LEU 5  5  5  LEU LEU A . n 
A 1 6  TRP 6  6  6  TRP TRP A . n 
A 1 7  LYS 7  7  7  LYS LYS A . n 
A 1 8  ARG 8  8  8  ARG ARG A . n 
A 1 9  PRO 9  9  9  PRO PRO A . n 
A 1 10 LEU 10 10 10 LEU LEU A . n 
A 1 11 VAL 11 11 11 VAL VAL A . n 
A 1 12 THR 12 12 12 THR THR A . n 
A 1 13 ILE 13 13 13 ILE ILE A . n 
A 1 14 ARG 14 14 14 ARG ARG A . n 
A 1 15 ILE 15 15 15 ILE ILE A . n 
A 1 16 GLY 16 16 16 GLY GLY A . n 
A 1 17 GLY 17 17 17 GLY GLY A . n 
A 1 18 GLN 18 18 18 GLN GLN A . n 
A 1 19 LEU 19 19 19 LEU LEU A . n 
A 1 20 LYS 20 20 20 LYS LYS A . n 
A 1 21 GLU 21 21 21 GLU GLU A . n 
A 1 22 ALA 22 22 22 ALA ALA A . n 
A 1 23 LEU 23 23 23 LEU LEU A . n 
A 1 24 LEU 24 24 24 LEU LEU A . n 
A 1 25 ASP 25 25 25 ASP ASP A . n 
A 1 26 THR 26 26 26 THR THR A . n 
A 1 27 GLY 27 27 27 GLY GLY A . n 
A 1 28 ALA 28 28 28 ALA ALA A . n 
A 1 29 ASP 29 29 29 ASP ASP A . n 
A 1 30 ASP 30 30 30 ASP ASP A . n 
A 1 31 THR 31 31 31 THR THR A . n 
A 1 32 VAL 32 32 32 VAL VAL A . n 
A 1 33 LEU 33 33 33 LEU LEU A . n 
A 1 34 GLU 34 34 34 GLU GLU A . n 
A 1 35 GLU 35 35 35 GLU GLU A . n 
A 1 36 MET 36 36 36 MET MET A . n 
A 1 37 ASN 37 37 37 ASN ASN A . n 
A 1 38 LEU 38 38 38 LEU LEU A . n 
A 1 39 PRO 39 39 39 PRO PRO A . n 
A 1 40 GLY 40 40 40 GLY GLY A . n 
A 1 41 LYS 41 41 41 LYS LYS A . n 
A 1 42 TRP 42 42 42 TRP TRP A . n 
A 1 43 LYS 43 43 43 LYS LYS A . n 
A 1 44 PRO 44 44 44 PRO PRO A . n 
A 1 45 LYS 45 45 45 LYS LYS A . n 
A 1 46 MET 46 46 46 MET MET A . n 
A 1 47 ILE 47 47 47 ILE ILE A . n 
A 1 48 GLY 48 48 48 GLY GLY A . n 
A 1 49 GLY 49 49 49 GLY GLY A . n 
A 1 50 ILE 50 50 50 ILE ILE A . n 
A 1 51 GLY 51 51 51 GLY GLY A . n 
A 1 52 GLY 52 52 52 GLY GLY A . n 
A 1 53 PHE 53 53 53 PHE PHE A . n 
A 1 54 ILE 54 54 54 ILE ILE A . n 
A 1 55 LYS 55 55 55 LYS LYS A . n 
A 1 56 VAL 56 56 56 VAL VAL A . n 
A 1 57 ARG 57 57 57 ARG ARG A . n 
A 1 58 GLN 58 58 58 GLN GLN A . n 
A 1 59 TYR 59 59 59 TYR TYR A . n 
A 1 60 ASP 60 60 60 ASP ASP A . n 
A 1 61 GLN 61 61 61 GLN GLN A . n 
A 1 62 ILE 62 62 62 ILE ILE A . n 
A 1 63 PRO 63 63 63 PRO PRO A . n 
A 1 64 VAL 64 64 64 VAL VAL A . n 
A 1 65 GLU 65 65 65 GLU GLU A . n 
A 1 66 ILE 66 66 66 ILE ILE A . n 
A 1 67 CYS 67 67 67 CYS CYS A . n 
A 1 68 GLY 68 68 68 GLY GLY A . n 
A 1 69 HIS 69 69 69 HIS HIS A . n 
A 1 70 LYS 70 70 70 LYS LYS A . n 
A 1 71 ALA 71 71 71 ALA ALA A . n 
A 1 72 ILE 72 72 72 ILE ILE A . n 
A 1 73 GLY 73 73 73 GLY GLY A . n 
A 1 74 THR 74 74 74 THR THR A . n 
A 1 75 VAL 75 75 75 VAL VAL A . n 
A 1 76 LEU 76 76 76 LEU LEU A . n 
A 1 77 VAL 77 77 77 VAL VAL A . n 
A 1 78 GLY 78 78 78 GLY GLY A . n 
A 1 79 PRO 79 79 79 PRO PRO A . n 
A 1 80 THR 80 80 80 THR THR A . n 
A 1 81 PRO 81 81 81 PRO PRO A . n 
A 1 82 VAL 82 82 82 VAL VAL A . n 
A 1 83 ASN 83 83 83 ASN ASN A . n 
A 1 84 ILE 84 84 84 ILE ILE A . n 
A 1 85 ILE 85 85 85 ILE ILE A . n 
A 1 86 GLY 86 86 86 GLY GLY A . n 
A 1 87 ARG 87 87 87 ARG ARG A . n 
A 1 88 ASN 88 88 88 ASN ASN A . n 
A 1 89 LEU 89 89 89 LEU LEU A . n 
A 1 90 LEU 90 90 90 LEU LEU A . n 
A 1 91 THR 91 91 91 THR THR A . n 
A 1 92 GLN 92 92 92 GLN GLN A . n 
A 1 93 ILE 93 93 93 ILE ILE A . n 
A 1 94 GLY 94 94 94 GLY GLY A . n 
A 1 95 CYS 95 95 95 CYS CYS A . n 
A 1 96 THR 96 96 96 THR THR A . n 
A 1 97 LEU 97 97 97 LEU LEU A . n 
A 1 98 ASN 98 98 98 ASN ASN A . n 
A 1 99 PHE 99 99 99 PHE PHE A . n 
B 1 1  PRO 1  1  1  PRO PRO B . n 
B 1 2  GLN 2  2  2  GLN GLN B . n 
B 1 3  ILE 3  3  3  ILE ILE B . n 
B 1 4  THR 4  4  4  THR THR B . n 
B 1 5  LEU 5  5  5  LEU LEU B . n 
B 1 6  TRP 6  6  6  TRP TRP B . n 
B 1 7  LYS 7  7  7  LYS LYS B . n 
B 1 8  ARG 8  8  8  ARG ARG B . n 
B 1 9  PRO 9  9  9  PRO PRO B . n 
B 1 10 LEU 10 10 10 LEU LEU B . n 
B 1 11 VAL 11 11 11 VAL VAL B . n 
B 1 12 THR 12 12 12 THR THR B . n 
B 1 13 ILE 13 13 13 ILE ILE B . n 
B 1 14 ARG 14 14 14 ARG ARG B . n 
B 1 15 ILE 15 15 15 ILE ILE B . n 
B 1 16 GLY 16 16 16 GLY GLY B . n 
B 1 17 GLY 17 17 17 GLY GLY B . n 
B 1 18 GLN 18 18 18 GLN GLN B . n 
B 1 19 LEU 19 19 19 LEU LEU B . n 
B 1 20 LYS 20 20 20 LYS LYS B . n 
B 1 21 GLU 21 21 21 GLU GLU B . n 
B 1 22 ALA 22 22 22 ALA ALA B . n 
B 1 23 LEU 23 23 23 LEU LEU B . n 
B 1 24 LEU 24 24 24 LEU LEU B . n 
B 1 25 ASP 25 25 25 ASP ASP B . n 
B 1 26 THR 26 26 26 THR THR B . n 
B 1 27 GLY 27 27 27 GLY GLY B . n 
B 1 28 ALA 28 28 28 ALA ALA B . n 
B 1 29 ASP 29 29 29 ASP ASP B . n 
B 1 30 ASP 30 30 30 ASP ASP B . n 
B 1 31 THR 31 31 31 THR THR B . n 
B 1 32 VAL 32 32 32 VAL VAL B . n 
B 1 33 LEU 33 33 33 LEU LEU B . n 
B 1 34 GLU 34 34 34 GLU GLU B . n 
B 1 35 GLU 35 35 35 GLU GLU B . n 
B 1 36 MET 36 36 36 MET MET B . n 
B 1 37 ASN 37 37 37 ASN ASN B . n 
B 1 38 LEU 38 38 38 LEU LEU B . n 
B 1 39 PRO 39 39 39 PRO PRO B . n 
B 1 40 GLY 40 40 40 GLY GLY B . n 
B 1 41 LYS 41 41 41 LYS LYS B . n 
B 1 42 TRP 42 42 42 TRP TRP B . n 
B 1 43 LYS 43 43 43 LYS LYS B . n 
B 1 44 PRO 44 44 44 PRO PRO B . n 
B 1 45 LYS 45 45 45 LYS LYS B . n 
B 1 46 MET 46 46 46 MET MET B . n 
B 1 47 ILE 47 47 47 ILE ILE B . n 
B 1 48 GLY 48 48 48 GLY GLY B . n 
B 1 49 GLY 49 49 49 GLY GLY B . n 
B 1 50 ILE 50 50 50 ILE ILE B . n 
B 1 51 GLY 51 51 51 GLY GLY B . n 
B 1 52 GLY 52 52 52 GLY GLY B . n 
B 1 53 PHE 53 53 53 PHE PHE B . n 
B 1 54 ILE 54 54 54 ILE ILE B . n 
B 1 55 LYS 55 55 55 LYS LYS B . n 
B 1 56 VAL 56 56 56 VAL VAL B . n 
B 1 57 ARG 57 57 57 ARG ARG B . n 
B 1 58 GLN 58 58 58 GLN GLN B . n 
B 1 59 TYR 59 59 59 TYR TYR B . n 
B 1 60 ASP 60 60 60 ASP ASP B . n 
B 1 61 GLN 61 61 61 GLN GLN B . n 
B 1 62 ILE 62 62 62 ILE ILE B . n 
B 1 63 PRO 63 63 63 PRO PRO B . n 
B 1 64 VAL 64 64 64 VAL VAL B . n 
B 1 65 GLU 65 65 65 GLU GLU B . n 
B 1 66 ILE 66 66 66 ILE ILE B . n 
B 1 67 CYS 67 67 67 CYS CYS B . n 
B 1 68 GLY 68 68 68 GLY GLY B . n 
B 1 69 HIS 69 69 69 HIS HIS B . n 
B 1 70 LYS 70 70 70 LYS LYS B . n 
B 1 71 ALA 71 71 71 ALA ALA B . n 
B 1 72 ILE 72 72 72 ILE ILE B . n 
B 1 73 GLY 73 73 73 GLY GLY B . n 
B 1 74 THR 74 74 74 THR THR B . n 
B 1 75 VAL 75 75 75 VAL VAL B . n 
B 1 76 LEU 76 76 76 LEU LEU B . n 
B 1 77 VAL 77 77 77 VAL VAL B . n 
B 1 78 GLY 78 78 78 GLY GLY B . n 
B 1 79 PRO 79 79 79 PRO PRO B . n 
B 1 80 THR 80 80 80 THR THR B . n 
B 1 81 PRO 81 81 81 PRO PRO B . n 
B 1 82 VAL 82 82 82 VAL VAL B . n 
B 1 83 ASN 83 83 83 ASN ASN B . n 
B 1 84 ILE 84 84 84 ILE ILE B . n 
B 1 85 ILE 85 85 85 ILE ILE B . n 
B 1 86 GLY 86 86 86 GLY GLY B . n 
B 1 87 ARG 87 87 87 ARG ARG B . n 
B 1 88 ASN 88 88 88 ASN ASN B . n 
B 1 89 LEU 89 89 89 LEU LEU B . n 
B 1 90 LEU 90 90 90 LEU LEU B . n 
B 1 91 THR 91 91 91 THR THR B . n 
B 1 92 GLN 92 92 92 GLN GLN B . n 
B 1 93 ILE 93 93 93 ILE ILE B . n 
B 1 94 GLY 94 94 94 GLY GLY B . n 
B 1 95 CYS 95 95 95 CYS CYS B . n 
B 1 96 THR 96 96 96 THR THR B . n 
B 1 97 LEU 97 97 97 LEU LEU B . n 
B 1 98 ASN 98 98 98 ASN ASN B . n 
B 1 99 PHE 99 99 99 PHE PHE B . n 
C 2 1  PRO 1  1  1  PRO PRO I . n 
C 2 2  ILE 2  2  2  ILE ILE I . n 
C 2 3  VAL 3  3  3  VAL VAL I . n 
C 2 4  NH2 4  4  4  NH2 NH2 I . n 
# 
loop_
_pdbx_nonpoly_scheme.asym_id 
_pdbx_nonpoly_scheme.entity_id 
_pdbx_nonpoly_scheme.mon_id 
_pdbx_nonpoly_scheme.ndb_seq_num 
_pdbx_nonpoly_scheme.pdb_seq_num 
_pdbx_nonpoly_scheme.auth_seq_num 
_pdbx_nonpoly_scheme.pdb_mon_id 
_pdbx_nonpoly_scheme.auth_mon_id 
_pdbx_nonpoly_scheme.pdb_strand_id 
_pdbx_nonpoly_scheme.pdb_ins_code 
D 3 HOH 1  404 404 HOH HOH A . 
D 3 HOH 2  406 406 HOH HOH A . 
D 3 HOH 3  407 407 HOH HOH A . 
D 3 HOH 4  408 408 HOH HOH A . 
D 3 HOH 5  409 409 HOH HOH A . 
D 3 HOH 6  411 411 HOH HOH A . 
D 3 HOH 7  412 412 HOH HOH A . 
D 3 HOH 8  414 414 HOH HOH A . 
D 3 HOH 9  417 417 HOH HOH A . 
D 3 HOH 10 418 418 HOH HOH A . 
D 3 HOH 11 419 419 HOH HOH A . 
D 3 HOH 12 423 423 HOH HOH A . 
D 3 HOH 13 424 424 HOH HOH A . 
D 3 HOH 14 425 425 HOH HOH A . 
D 3 HOH 15 426 426 HOH HOH A . 
D 3 HOH 16 429 429 HOH HOH A . 
D 3 HOH 17 430 430 HOH HOH A . 
D 3 HOH 18 431 431 HOH HOH A . 
D 3 HOH 19 432 432 HOH HOH A . 
D 3 HOH 20 433 433 HOH HOH A . 
D 3 HOH 21 434 434 HOH HOH A . 
D 3 HOH 22 435 435 HOH HOH A . 
D 3 HOH 23 436 436 HOH HOH A . 
D 3 HOH 24 437 437 HOH HOH A . 
E 3 HOH 1  402 402 HOH HOH B . 
E 3 HOH 2  403 403 HOH HOH B . 
E 3 HOH 3  405 405 HOH HOH B . 
E 3 HOH 4  410 410 HOH HOH B . 
E 3 HOH 5  413 413 HOH HOH B . 
E 3 HOH 6  415 415 HOH HOH B . 
E 3 HOH 7  416 416 HOH HOH B . 
E 3 HOH 8  420 420 HOH HOH B . 
E 3 HOH 9  421 421 HOH HOH B . 
E 3 HOH 10 422 422 HOH HOH B . 
E 3 HOH 11 439 439 HOH HOH B . 
E 3 HOH 12 440 440 HOH HOH B . 
E 3 HOH 13 441 441 HOH HOH B . 
E 3 HOH 14 442 442 HOH HOH B . 
F 3 HOH 1  401 401 HOH HOH I . 
F 3 HOH 2  427 427 HOH HOH I . 
F 3 HOH 3  428 428 HOH HOH I . 
# 
loop_
_pdbx_unobs_or_zero_occ_atoms.id 
_pdbx_unobs_or_zero_occ_atoms.PDB_model_num 
_pdbx_unobs_or_zero_occ_atoms.polymer_flag 
_pdbx_unobs_or_zero_occ_atoms.occupancy_flag 
_pdbx_unobs_or_zero_occ_atoms.auth_asym_id 
_pdbx_unobs_or_zero_occ_atoms.auth_comp_id 
_pdbx_unobs_or_zero_occ_atoms.auth_seq_id 
_pdbx_unobs_or_zero_occ_atoms.PDB_ins_code 
_pdbx_unobs_or_zero_occ_atoms.auth_atom_id 
_pdbx_unobs_or_zero_occ_atoms.label_alt_id 
_pdbx_unobs_or_zero_occ_atoms.label_asym_id 
_pdbx_unobs_or_zero_occ_atoms.label_comp_id 
_pdbx_unobs_or_zero_occ_atoms.label_seq_id 
_pdbx_unobs_or_zero_occ_atoms.label_atom_id 
1  1 Y 1 A LYS 7  ? CG  ? A LYS 7  CG  
2  1 Y 1 A LYS 7  ? CD  ? A LYS 7  CD  
3  1 Y 1 A LYS 7  ? CE  ? A LYS 7  CE  
4  1 Y 1 A LYS 7  ? NZ  ? A LYS 7  NZ  
5  1 Y 1 A LYS 41 ? CG  ? A LYS 41 CG  
6  1 Y 1 A LYS 41 ? CD  ? A LYS 41 CD  
7  1 Y 1 A LYS 41 ? CE  ? A LYS 41 CE  
8  1 Y 1 A LYS 41 ? NZ  ? A LYS 41 NZ  
9  1 Y 1 A LYS 43 ? CG  ? A LYS 43 CG  
10 1 Y 1 A LYS 43 ? CD  ? A LYS 43 CD  
11 1 Y 1 A LYS 43 ? CE  ? A LYS 43 CE  
12 1 Y 1 A LYS 43 ? NZ  ? A LYS 43 NZ  
13 1 Y 1 A LYS 55 ? CG  ? A LYS 55 CG  
14 1 Y 1 A LYS 55 ? CD  ? A LYS 55 CD  
15 1 Y 1 A LYS 55 ? CE  ? A LYS 55 CE  
16 1 Y 1 A LYS 55 ? NZ  ? A LYS 55 NZ  
17 1 Y 1 B LYS 7  ? CG  ? B LYS 7  CG  
18 1 Y 1 B LYS 7  ? CD  ? B LYS 7  CD  
19 1 Y 1 B LYS 7  ? CE  ? B LYS 7  CE  
20 1 Y 1 B LYS 7  ? NZ  ? B LYS 7  NZ  
21 1 Y 1 B ARG 8  ? CG  ? B ARG 8  CG  
22 1 Y 1 B ARG 8  ? CD  ? B ARG 8  CD  
23 1 Y 1 B ARG 8  ? NE  ? B ARG 8  NE  
24 1 Y 1 B ARG 8  ? CZ  ? B ARG 8  CZ  
25 1 Y 1 B ARG 8  ? NH1 ? B ARG 8  NH1 
26 1 Y 1 B ARG 8  ? NH2 ? B ARG 8  NH2 
27 1 Y 1 B ARG 14 ? CG  ? B ARG 14 CG  
28 1 Y 1 B ARG 14 ? CD  ? B ARG 14 CD  
29 1 Y 1 B ARG 14 ? NE  ? B ARG 14 NE  
30 1 Y 1 B ARG 14 ? CZ  ? B ARG 14 CZ  
31 1 Y 1 B ARG 14 ? NH1 ? B ARG 14 NH1 
32 1 Y 1 B ARG 14 ? NH2 ? B ARG 14 NH2 
33 1 Y 1 B LYS 41 ? CG  ? B LYS 41 CG  
34 1 Y 1 B LYS 41 ? CD  ? B LYS 41 CD  
35 1 Y 1 B LYS 41 ? CE  ? B LYS 41 CE  
36 1 Y 1 B LYS 41 ? NZ  ? B LYS 41 NZ  
37 1 Y 1 B LYS 55 ? CG  ? B LYS 55 CG  
38 1 Y 1 B LYS 55 ? CD  ? B LYS 55 CD  
39 1 Y 1 B LYS 55 ? CE  ? B LYS 55 CE  
40 1 Y 1 B LYS 55 ? NZ  ? B LYS 55 NZ  
41 1 Y 1 B LYS 70 ? CG  ? B LYS 70 CG  
42 1 Y 1 B LYS 70 ? CD  ? B LYS 70 CD  
43 1 Y 1 B LYS 70 ? CE  ? B LYS 70 CE  
44 1 Y 1 B LYS 70 ? NZ  ? B LYS 70 NZ  
# 
loop_
_software.name 
_software.classification 
_software.version 
_software.citation_id 
_software.pdbx_ordinal 
X-PLOR 'model building' . ? 1 
X-PLOR refinement       . ? 2 
DENZO  'data reduction' . ? 3 
X-PLOR phasing          . ? 4 
# 
_cell.entry_id           1YTG 
_cell.length_a           51.300 
_cell.length_b           59.100 
_cell.length_c           62.300 
_cell.angle_alpha        90.00 
_cell.angle_beta         90.00 
_cell.angle_gamma        90.00 
_cell.Z_PDB              8 
_cell.pdbx_unique_axis   ? 
_cell.length_a_esd       ? 
_cell.length_b_esd       ? 
_cell.length_c_esd       ? 
_cell.angle_alpha_esd    ? 
_cell.angle_beta_esd     ? 
_cell.angle_gamma_esd    ? 
# 
_symmetry.entry_id                         1YTG 
_symmetry.space_group_name_H-M             'P 21 21 21' 
_symmetry.pdbx_full_space_group_name_H-M   ? 
_symmetry.cell_setting                     ? 
_symmetry.Int_Tables_number                19 
_symmetry.space_group_name_Hall            ? 
# 
_exptl.entry_id          1YTG 
_exptl.method            'X-RAY DIFFRACTION' 
_exptl.crystals_number   ? 
# 
_exptl_crystal.id                    1 
_exptl_crystal.density_meas          ? 
_exptl_crystal.density_Matthews      2.15 
_exptl_crystal.density_percent_sol   40. 
_exptl_crystal.description           ? 
_exptl_crystal.F_000                 ? 
_exptl_crystal.preparation           ? 
# 
_diffrn.id                     1 
_diffrn.ambient_temp           ? 
_diffrn.ambient_temp_details   ? 
_diffrn.crystal_id             1 
# 
_diffrn_detector.diffrn_id              1 
_diffrn_detector.detector               'IMAGE PLATE' 
_diffrn_detector.type                   RIGAKU 
_diffrn_detector.pdbx_collection_date   ? 
_diffrn_detector.details                ? 
# 
_diffrn_radiation.diffrn_id                        1 
_diffrn_radiation.wavelength_id                    1 
_diffrn_radiation.pdbx_monochromatic_or_laue_m_l   M 
_diffrn_radiation.monochromator                    ? 
_diffrn_radiation.pdbx_diffrn_protocol             ? 
_diffrn_radiation.pdbx_scattering_type             x-ray 
# 
_diffrn_radiation_wavelength.id           1 
_diffrn_radiation_wavelength.wavelength   1.5418 
_diffrn_radiation_wavelength.wt           1.0 
# 
_diffrn_source.diffrn_id                   1 
_diffrn_source.source                      ? 
_diffrn_source.type                        ? 
_diffrn_source.pdbx_synchrotron_site       ? 
_diffrn_source.pdbx_synchrotron_beamline   ? 
_diffrn_source.pdbx_wavelength             1.5418 
_diffrn_source.pdbx_wavelength_list        ? 
# 
_reflns.entry_id                     1YTG 
_reflns.observed_criterion_sigma_I   2. 
_reflns.observed_criterion_sigma_F   ? 
_reflns.d_resolution_low             ? 
_reflns.d_resolution_high            ? 
_reflns.number_obs                   8700 
_reflns.number_all                   ? 
_reflns.percent_possible_obs         97. 
_reflns.pdbx_Rmerge_I_obs            0.0700000 
_reflns.pdbx_Rsym_value              ? 
_reflns.pdbx_netI_over_sigmaI        ? 
_reflns.B_iso_Wilson_estimate        ? 
_reflns.pdbx_redundancy              5. 
_reflns.R_free_details               ? 
_reflns.limit_h_max                  ? 
_reflns.limit_h_min                  ? 
_reflns.limit_k_max                  ? 
_reflns.limit_k_min                  ? 
_reflns.limit_l_max                  ? 
_reflns.limit_l_min                  ? 
_reflns.observed_criterion_F_max     ? 
_reflns.observed_criterion_F_min     ? 
_reflns.pdbx_chi_squared             ? 
_reflns.pdbx_scaling_rejects         ? 
_reflns.pdbx_ordinal                 1 
_reflns.pdbx_diffrn_id               1 
# 
_refine.entry_id                                 1YTG 
_refine.ls_number_reflns_obs                     42000 
_refine.ls_number_reflns_all                     ? 
_refine.pdbx_ls_sigma_I                          ? 
_refine.pdbx_ls_sigma_F                          0.0 
_refine.pdbx_data_cutoff_high_absF               ? 
_refine.pdbx_data_cutoff_low_absF                ? 
_refine.pdbx_data_cutoff_high_rms_absF           ? 
_refine.ls_d_res_low                             7.0 
_refine.ls_d_res_high                            2.3 
_refine.ls_percent_reflns_obs                    ? 
_refine.ls_R_factor_obs                          0.1790000 
_refine.ls_R_factor_all                          ? 
_refine.ls_R_factor_R_work                       0.1790000 
_refine.ls_R_factor_R_free                       0.2850000 
_refine.ls_R_factor_R_free_error                 ? 
_refine.ls_R_factor_R_free_error_details         ? 
_refine.ls_percent_reflns_R_free                 ? 
_refine.ls_number_reflns_R_free                  ? 
_refine.ls_number_parameters                     ? 
_refine.ls_number_restraints                     ? 
_refine.occupancy_min                            ? 
_refine.occupancy_max                            ? 
_refine.B_iso_mean                               22. 
_refine.aniso_B[1][1]                            ? 
_refine.aniso_B[2][2]                            ? 
_refine.aniso_B[3][3]                            ? 
_refine.aniso_B[1][2]                            ? 
_refine.aniso_B[1][3]                            ? 
_refine.aniso_B[2][3]                            ? 
_refine.solvent_model_details                    ? 
_refine.solvent_model_param_ksol                 ? 
_refine.solvent_model_param_bsol                 ? 
_refine.pdbx_ls_cross_valid_method               ? 
_refine.details                                  ? 
_refine.pdbx_starting_model                      ? 
_refine.pdbx_method_to_determine_struct          ? 
_refine.pdbx_isotropic_thermal_model             ? 
_refine.pdbx_stereochemistry_target_values       ? 
_refine.pdbx_stereochem_target_val_spec_case     ? 
_refine.pdbx_R_Free_selection_details            ? 
_refine.pdbx_overall_ESU_R_Free                  ? 
_refine.overall_SU_ML                            ? 
_refine.overall_SU_B                             ? 
_refine.pdbx_refine_id                           'X-RAY DIFFRACTION' 
_refine.ls_redundancy_reflns_obs                 ? 
_refine.pdbx_overall_phase_error                 ? 
_refine.B_iso_min                                ? 
_refine.B_iso_max                                ? 
_refine.correlation_coeff_Fo_to_Fc               ? 
_refine.correlation_coeff_Fo_to_Fc_free          ? 
_refine.pdbx_solvent_vdw_probe_radii             ? 
_refine.pdbx_solvent_ion_probe_radii             ? 
_refine.pdbx_solvent_shrinkage_radii             ? 
_refine.overall_SU_R_Cruickshank_DPI             ? 
_refine.overall_SU_R_free                        ? 
_refine.ls_wR_factor_R_free                      ? 
_refine.ls_wR_factor_R_work                      ? 
_refine.overall_FOM_free_R_set                   ? 
_refine.overall_FOM_work_R_set                   ? 
_refine.pdbx_overall_ESU_R                       ? 
_refine.pdbx_diffrn_id                           1 
_refine.pdbx_TLS_residual_ADP_flag               ? 
_refine.pdbx_overall_SU_R_free_Cruickshank_DPI   ? 
_refine.pdbx_overall_SU_R_Blow_DPI               ? 
_refine.pdbx_overall_SU_R_free_Blow_DPI          ? 
# 
_refine_hist.pdbx_refine_id                   'X-RAY DIFFRACTION' 
_refine_hist.cycle_id                         LAST 
_refine_hist.pdbx_number_atoms_protein        1495 
_refine_hist.pdbx_number_atoms_nucleic_acid   0 
_refine_hist.pdbx_number_atoms_ligand         0 
_refine_hist.number_atoms_solvent             41 
_refine_hist.number_atoms_total               1536 
_refine_hist.d_res_high                       2.3 
_refine_hist.d_res_low                        7.0 
# 
loop_
_refine_ls_restr.type 
_refine_ls_restr.dev_ideal 
_refine_ls_restr.dev_ideal_target 
_refine_ls_restr.weight 
_refine_ls_restr.number 
_refine_ls_restr.pdbx_refine_id 
_refine_ls_restr.pdbx_restraint_function 
x_bond_d                0.015 ? ? ? 'X-RAY DIFFRACTION' ? 
x_bond_d_na             ?     ? ? ? 'X-RAY DIFFRACTION' ? 
x_bond_d_prot           ?     ? ? ? 'X-RAY DIFFRACTION' ? 
x_angle_d               ?     ? ? ? 'X-RAY DIFFRACTION' ? 
x_angle_d_na            ?     ? ? ? 'X-RAY DIFFRACTION' ? 
x_angle_d_prot          ?     ? ? ? 'X-RAY DIFFRACTION' ? 
x_angle_deg             3.1   ? ? ? 'X-RAY DIFFRACTION' ? 
x_angle_deg_na          ?     ? ? ? 'X-RAY DIFFRACTION' ? 
x_angle_deg_prot        ?     ? ? ? 'X-RAY DIFFRACTION' ? 
x_dihedral_angle_d      ?     ? ? ? 'X-RAY DIFFRACTION' ? 
x_dihedral_angle_d_na   ?     ? ? ? 'X-RAY DIFFRACTION' ? 
x_dihedral_angle_d_prot ?     ? ? ? 'X-RAY DIFFRACTION' ? 
x_improper_angle_d      ?     ? ? ? 'X-RAY DIFFRACTION' ? 
x_improper_angle_d_na   ?     ? ? ? 'X-RAY DIFFRACTION' ? 
x_improper_angle_d_prot ?     ? ? ? 'X-RAY DIFFRACTION' ? 
x_mcbond_it             ?     ? ? ? 'X-RAY DIFFRACTION' ? 
x_mcangle_it            ?     ? ? ? 'X-RAY DIFFRACTION' ? 
x_scbond_it             ?     ? ? ? 'X-RAY DIFFRACTION' ? 
x_scangle_it            ?     ? ? ? 'X-RAY DIFFRACTION' ? 
# 
_struct_ncs_oper.id             1 
_struct_ncs_oper.code           given 
_struct_ncs_oper.details        ? 
_struct_ncs_oper.matrix[1][1]   -0.85988312 
_struct_ncs_oper.matrix[1][2]   -0.49385261 
_struct_ncs_oper.matrix[1][3]   0.12375546 
_struct_ncs_oper.matrix[2][1]   -0.50491440 
_struct_ncs_oper.matrix[2][2]   0.79948260 
_struct_ncs_oper.matrix[2][3]   -0.32610956 
_struct_ncs_oper.matrix[3][1]   0.06317266 
_struct_ncs_oper.matrix[3][2]   -0.34202692 
_struct_ncs_oper.matrix[3][3]   -0.93659948 
_struct_ncs_oper.vector[1]      0.23477 
_struct_ncs_oper.vector[2]      0.20232 
_struct_ncs_oper.vector[3]      -0.38502 
# 
_struct.entry_id                  1YTG 
_struct.title                     'SIV PROTEASE CRYSTALLIZED WITH PEPTIDE PRODUCT' 
_struct.pdbx_model_details        ? 
_struct.pdbx_CASP_flag            ? 
_struct.pdbx_model_type_details   ? 
# 
_struct_keywords.entry_id        1YTG 
_struct_keywords.pdbx_keywords   HYDROLASE/PEPTIDE 
_struct_keywords.text            
'AIDS, POLYPROTEIN, HYDROLASE, ASPARTYL PROTEASE, ENDONUCLEASE, RNA-DIRECTED DNA POLYMERASE, HYDROLASE-PEPTIDE COMPLEX' 
# 
loop_
_struct_asym.id 
_struct_asym.pdbx_blank_PDB_chainid_flag 
_struct_asym.pdbx_modified 
_struct_asym.entity_id 
_struct_asym.details 
A N N 1 ? 
B N N 1 ? 
C N N 2 ? 
D N N 3 ? 
E N N 3 ? 
F N N 3 ? 
# 
loop_
_struct_ref.id 
_struct_ref.db_name 
_struct_ref.db_code 
_struct_ref.entity_id 
_struct_ref.pdbx_db_accession 
_struct_ref.pdbx_align_begin 
_struct_ref.pdbx_seq_one_letter_code 
_struct_ref.pdbx_db_isoform 
1 UNP POL_HV1A2 1 P03369 1 
;FFREDLAFLQGKAREFSSEQTRANSPTRRELQVWGGENNSLSEAGADRQGTVSFNFPQITLWQRPLVTIRIGGQLKEALL
DTGADDTVLEEMNLPGKWKPKMIGGIGGFIKVRQYDQIPVEICGHKAIGTVLVGPTPVNIIGRNLLTQIGCTLNFPISPI
ETVPVKLKPGMDGPKVKQWPLTEEKIKALVEICTEMEKEGKISKIGPENPYNTPVFAIKKKDSTKWRKLVDFRELNKRTQ
DFWEVQLGIPHPAGLKKKKSVTVLDVGDAYFSVPLDKDFRKYTAFTIPSINNETPGIRYQYNVLPQGWKGSPAIFQSSMT
KILEPFRKQNPDIVIYQYMDDLYVGSDLEIGQHRTKIEELRQHLLRWGFTTPDKKHQKEPPFLWMGYELHPDKWTVQPIM
LPEKDSWTVNDIQKLVGKLNWASQIYAGIKVKQLCKLLRGTKALTEVIPLTEEAELELAENREILKEPVHEVYYDPSKDL
VAEIQKQGQGQWTYQIYQEPFKNLKTGKYARMRGAHTNDVKQLTEAVQKVSTESIVIWGKIPKFKLPIQKETWEAWWMEY
WQATWIPEWEFVNTPPLVKLWYQLEKEPIVGAETFYVDGAANRETKLGKAGYVTDRGRQKVVSIADTTNQKTELQAIHLA
LQDSGLEVNIVTDSQYALGIIQAQPDKSESELVSQIIEQLIKKEKVYLAWVPAHKGIGGNEQVDKLVSAGIRKVLFLNGI
DKAQEEHEKYHSNWRAMASDFNLPPVVAKEIVASCDKCQLKGEAMHGQVDCSPGIWQLDCTHLEGKIILVAVHVASGYIE
AEVIPAETGQETAYFLLKLAGRWPVKTIHTDNGSNFTSTTVKAACWWAGIKQEFGIPYNPQSQGVVESMNNELKKIIGQV
RDQAEHLKTAVQMAVFIHNFKRKGGIGGYSAGERIVDIIATDIQTKELQKQITKIQNFRVYYRDNKDPLWKGPAKLLWKG
EGAVVIQDNSDIKVVPRRKAKIIRDYGKQMAGDDCVASRQDED
;
? 
2 PDB 1YTG      2 1YTG   ? PIVX ? 
# 
loop_
_struct_ref_seq.align_id 
_struct_ref_seq.ref_id 
_struct_ref_seq.pdbx_PDB_id_code 
_struct_ref_seq.pdbx_strand_id 
_struct_ref_seq.seq_align_beg 
_struct_ref_seq.pdbx_seq_align_beg_ins_code 
_struct_ref_seq.seq_align_end 
_struct_ref_seq.pdbx_seq_align_end_ins_code 
_struct_ref_seq.pdbx_db_accession 
_struct_ref_seq.db_align_beg 
_struct_ref_seq.pdbx_db_align_beg_ins_code 
_struct_ref_seq.db_align_end 
_struct_ref_seq.pdbx_db_align_end_ins_code 
_struct_ref_seq.pdbx_auth_seq_align_beg 
_struct_ref_seq.pdbx_auth_seq_align_end 
1 1 1YTG A 1 ? 99 ? P03369 57 ? 155 ? 1 99 
2 1 1YTG B 1 ? 99 ? P03369 57 ? 155 ? 1 99 
3 2 1YTG I 1 ? 4  ? 1YTG   1  ? 4   ? 1 4  
# 
loop_
_struct_ref_seq_dif.align_id 
_struct_ref_seq_dif.pdbx_pdb_id_code 
_struct_ref_seq_dif.mon_id 
_struct_ref_seq_dif.pdbx_pdb_strand_id 
_struct_ref_seq_dif.seq_num 
_struct_ref_seq_dif.pdbx_pdb_ins_code 
_struct_ref_seq_dif.pdbx_seq_db_name 
_struct_ref_seq_dif.pdbx_seq_db_accession_code 
_struct_ref_seq_dif.db_mon_id 
_struct_ref_seq_dif.pdbx_seq_db_seq_num 
_struct_ref_seq_dif.details 
_struct_ref_seq_dif.pdbx_auth_seq_num 
_struct_ref_seq_dif.pdbx_ordinal 
1 1YTG LYS A 7 ? UNP P03369 GLN 63 'engineered mutation' 7 1 
2 1YTG LYS B 7 ? UNP P03369 GLN 63 'engineered mutation' 7 2 
# 
_pdbx_struct_assembly.id                   1 
_pdbx_struct_assembly.details              author_and_software_defined_assembly 
_pdbx_struct_assembly.method_details       PISA 
_pdbx_struct_assembly.oligomeric_details   trimeric 
_pdbx_struct_assembly.oligomeric_count     3 
# 
loop_
_pdbx_struct_assembly_prop.biol_id 
_pdbx_struct_assembly_prop.type 
_pdbx_struct_assembly_prop.value 
_pdbx_struct_assembly_prop.details 
1 'ABSA (A^2)' 4490 ? 
1 MORE         -28  ? 
1 'SSA (A^2)'  8960 ? 
# 
_pdbx_struct_assembly_gen.assembly_id       1 
_pdbx_struct_assembly_gen.oper_expression   1 
_pdbx_struct_assembly_gen.asym_id_list      A,B,C,D,E,F 
# 
_pdbx_struct_oper_list.id                   1 
_pdbx_struct_oper_list.type                 'identity operation' 
_pdbx_struct_oper_list.name                 1_555 
_pdbx_struct_oper_list.symmetry_operation   x,y,z 
_pdbx_struct_oper_list.matrix[1][1]         1.0000000000 
_pdbx_struct_oper_list.matrix[1][2]         0.0000000000 
_pdbx_struct_oper_list.matrix[1][3]         0.0000000000 
_pdbx_struct_oper_list.vector[1]            0.0000000000 
_pdbx_struct_oper_list.matrix[2][1]         0.0000000000 
_pdbx_struct_oper_list.matrix[2][2]         1.0000000000 
_pdbx_struct_oper_list.matrix[2][3]         0.0000000000 
_pdbx_struct_oper_list.vector[2]            0.0000000000 
_pdbx_struct_oper_list.matrix[3][1]         0.0000000000 
_pdbx_struct_oper_list.matrix[3][2]         0.0000000000 
_pdbx_struct_oper_list.matrix[3][3]         1.0000000000 
_pdbx_struct_oper_list.vector[3]            0.0000000000 
# 
_struct_biol.id        1 
_struct_biol.details   ? 
# 
loop_
_struct_conf.conf_type_id 
_struct_conf.id 
_struct_conf.pdbx_PDB_helix_id 
_struct_conf.beg_label_comp_id 
_struct_conf.beg_label_asym_id 
_struct_conf.beg_label_seq_id 
_struct_conf.pdbx_beg_PDB_ins_code 
_struct_conf.end_label_comp_id 
_struct_conf.end_label_asym_id 
_struct_conf.end_label_seq_id 
_struct_conf.pdbx_end_PDB_ins_code 
_struct_conf.beg_auth_comp_id 
_struct_conf.beg_auth_asym_id 
_struct_conf.beg_auth_seq_id 
_struct_conf.end_auth_comp_id 
_struct_conf.end_auth_asym_id 
_struct_conf.end_auth_seq_id 
_struct_conf.pdbx_PDB_helix_class 
_struct_conf.details 
_struct_conf.pdbx_PDB_helix_length 
HELX_P HELX_P1 1 ARG A 87 ? LEU A 90 ? ARG A 87 LEU A 90 1 ? 4 
HELX_P HELX_P2 2 ARG B 87 ? LEU B 90 ? ARG B 87 LEU B 90 1 ? 4 
# 
_struct_conf_type.id          HELX_P 
_struct_conf_type.criteria    ? 
_struct_conf_type.reference   ? 
# 
_struct_conn.id                            covale1 
_struct_conn.conn_type_id                  covale 
_struct_conn.pdbx_leaving_atom_flag        both 
_struct_conn.pdbx_PDB_id                   ? 
_struct_conn.ptnr1_label_asym_id           C 
_struct_conn.ptnr1_label_comp_id           VAL 
_struct_conn.ptnr1_label_seq_id            3 
_struct_conn.ptnr1_label_atom_id           C 
_struct_conn.pdbx_ptnr1_label_alt_id       ? 
_struct_conn.pdbx_ptnr1_PDB_ins_code       ? 
_struct_conn.pdbx_ptnr1_standard_comp_id   ? 
_struct_conn.ptnr1_symmetry                1_555 
_struct_conn.ptnr2_label_asym_id           C 
_struct_conn.ptnr2_label_comp_id           NH2 
_struct_conn.ptnr2_label_seq_id            4 
_struct_conn.ptnr2_label_atom_id           N 
_struct_conn.pdbx_ptnr2_label_alt_id       ? 
_struct_conn.pdbx_ptnr2_PDB_ins_code       ? 
_struct_conn.ptnr1_auth_asym_id            I 
_struct_conn.ptnr1_auth_comp_id            VAL 
_struct_conn.ptnr1_auth_seq_id             3 
_struct_conn.ptnr2_auth_asym_id            I 
_struct_conn.ptnr2_auth_comp_id            NH2 
_struct_conn.ptnr2_auth_seq_id             4 
_struct_conn.ptnr2_symmetry                1_555 
_struct_conn.pdbx_ptnr3_label_atom_id      ? 
_struct_conn.pdbx_ptnr3_label_seq_id       ? 
_struct_conn.pdbx_ptnr3_label_comp_id      ? 
_struct_conn.pdbx_ptnr3_label_asym_id      ? 
_struct_conn.pdbx_ptnr3_label_alt_id       ? 
_struct_conn.pdbx_ptnr3_PDB_ins_code       ? 
_struct_conn.details                       ? 
_struct_conn.pdbx_dist_value               1.449 
_struct_conn.pdbx_value_order              ? 
_struct_conn.pdbx_role                     ? 
# 
_struct_conn_type.id          covale 
_struct_conn_type.criteria    ? 
_struct_conn_type.reference   ? 
# 
_pdbx_modification_feature.ordinal                            1 
_pdbx_modification_feature.label_comp_id                      NH2 
_pdbx_modification_feature.label_asym_id                      C 
_pdbx_modification_feature.label_seq_id                       4 
_pdbx_modification_feature.label_alt_id                       ? 
_pdbx_modification_feature.modified_residue_label_comp_id     VAL 
_pdbx_modification_feature.modified_residue_label_asym_id     C 
_pdbx_modification_feature.modified_residue_label_seq_id      3 
_pdbx_modification_feature.modified_residue_label_alt_id      ? 
_pdbx_modification_feature.auth_comp_id                       NH2 
_pdbx_modification_feature.auth_asym_id                       I 
_pdbx_modification_feature.auth_seq_id                        4 
_pdbx_modification_feature.PDB_ins_code                       ? 
_pdbx_modification_feature.symmetry                           1_555 
_pdbx_modification_feature.modified_residue_auth_comp_id      VAL 
_pdbx_modification_feature.modified_residue_auth_asym_id      I 
_pdbx_modification_feature.modified_residue_auth_seq_id       3 
_pdbx_modification_feature.modified_residue_PDB_ins_code      ? 
_pdbx_modification_feature.modified_residue_symmetry          1_555 
_pdbx_modification_feature.comp_id_linking_atom               . 
_pdbx_modification_feature.modified_residue_id_linking_atom   . 
_pdbx_modification_feature.modified_residue_id                VAL 
_pdbx_modification_feature.ref_pcm_id                         2 
_pdbx_modification_feature.ref_comp_id                        NH2 
_pdbx_modification_feature.type                               None 
_pdbx_modification_feature.category                           'Terminal amidation' 
# 
loop_
_struct_sheet.id 
_struct_sheet.type 
_struct_sheet.number_strands 
_struct_sheet.details 
A ? 3 ? 
B ? 4 ? 
C ? 3 ? 
D ? 2 ? 
E ? 3 ? 
F ? 2 ? 
# 
loop_
_struct_sheet_order.sheet_id 
_struct_sheet_order.range_id_1 
_struct_sheet_order.range_id_2 
_struct_sheet_order.offset 
_struct_sheet_order.sense 
A 1 2 ? anti-parallel 
A 2 3 ? anti-parallel 
B 1 2 ? anti-parallel 
B 2 3 ? anti-parallel 
B 3 4 ? anti-parallel 
C 1 2 ? anti-parallel 
C 2 3 ? anti-parallel 
D 1 2 ? anti-parallel 
E 1 2 ? anti-parallel 
E 2 3 ? anti-parallel 
F 1 2 ? anti-parallel 
# 
loop_
_struct_sheet_range.sheet_id 
_struct_sheet_range.id 
_struct_sheet_range.beg_label_comp_id 
_struct_sheet_range.beg_label_asym_id 
_struct_sheet_range.beg_label_seq_id 
_struct_sheet_range.pdbx_beg_PDB_ins_code 
_struct_sheet_range.end_label_comp_id 
_struct_sheet_range.end_label_asym_id 
_struct_sheet_range.end_label_seq_id 
_struct_sheet_range.pdbx_end_PDB_ins_code 
_struct_sheet_range.beg_auth_comp_id 
_struct_sheet_range.beg_auth_asym_id 
_struct_sheet_range.beg_auth_seq_id 
_struct_sheet_range.end_auth_comp_id 
_struct_sheet_range.end_auth_asym_id 
_struct_sheet_range.end_auth_seq_id 
A 1 GLN A 2  ? THR A 4  ? GLN A 2  THR A 4  
A 2 THR B 96 ? ASN B 98 ? THR B 96 ASN B 98 
A 3 THR A 96 ? ASN A 98 ? THR A 96 ASN A 98 
B 1 GLN A 18 ? LEU A 23 ? GLN A 18 LEU A 23 
B 2 LEU A 10 ? ILE A 15 ? LEU A 10 ILE A 15 
B 3 ILE A 62 ? ILE A 66 ? ILE A 62 ILE A 66 
B 4 HIS A 69 ? GLY A 73 ? HIS A 69 GLY A 73 
C 1 LYS A 43 ? GLY A 49 ? LYS A 43 GLY A 49 
C 2 GLY A 52 ? TYR A 59 ? GLY A 52 TYR A 59 
C 3 VAL A 75 ? VAL A 77 ? VAL A 75 VAL A 77 
D 1 LEU B 10 ? ILE B 15 ? LEU B 10 ILE B 15 
D 2 GLN B 18 ? LEU B 23 ? GLN B 18 LEU B 23 
E 1 LYS B 43 ? GLY B 49 ? LYS B 43 GLY B 49 
E 2 GLY B 52 ? TYR B 59 ? GLY B 52 TYR B 59 
E 3 VAL B 75 ? VAL B 77 ? VAL B 75 VAL B 77 
F 1 ILE B 62 ? ILE B 66 ? ILE B 62 ILE B 66 
F 2 HIS B 69 ? GLY B 73 ? HIS B 69 GLY B 73 
# 
loop_
_pdbx_struct_sheet_hbond.sheet_id 
_pdbx_struct_sheet_hbond.range_id_1 
_pdbx_struct_sheet_hbond.range_id_2 
_pdbx_struct_sheet_hbond.range_1_label_atom_id 
_pdbx_struct_sheet_hbond.range_1_label_comp_id 
_pdbx_struct_sheet_hbond.range_1_label_asym_id 
_pdbx_struct_sheet_hbond.range_1_label_seq_id 
_pdbx_struct_sheet_hbond.range_1_PDB_ins_code 
_pdbx_struct_sheet_hbond.range_1_auth_atom_id 
_pdbx_struct_sheet_hbond.range_1_auth_comp_id 
_pdbx_struct_sheet_hbond.range_1_auth_asym_id 
_pdbx_struct_sheet_hbond.range_1_auth_seq_id 
_pdbx_struct_sheet_hbond.range_2_label_atom_id 
_pdbx_struct_sheet_hbond.range_2_label_comp_id 
_pdbx_struct_sheet_hbond.range_2_label_asym_id 
_pdbx_struct_sheet_hbond.range_2_label_seq_id 
_pdbx_struct_sheet_hbond.range_2_PDB_ins_code 
_pdbx_struct_sheet_hbond.range_2_auth_atom_id 
_pdbx_struct_sheet_hbond.range_2_auth_comp_id 
_pdbx_struct_sheet_hbond.range_2_auth_asym_id 
_pdbx_struct_sheet_hbond.range_2_auth_seq_id 
A 1 2 O ILE A 3  ? O ILE A 3  N LEU B 97 ? N LEU B 97 
A 2 3 O THR B 96 ? O THR B 96 N ASN A 98 ? N ASN A 98 
B 1 2 O GLN A 18 ? O GLN A 18 N ILE A 15 ? N ILE A 15 
B 2 3 O ARG A 14 ? O ARG A 14 N GLU A 65 ? N GLU A 65 
B 3 4 O ILE A 62 ? O ILE A 62 N GLY A 73 ? N GLY A 73 
C 1 2 O LYS A 43 ? O LYS A 43 N GLN A 58 ? N GLN A 58 
C 2 3 O ARG A 57 ? O ARG A 57 N VAL A 77 ? N VAL A 77 
D 1 2 O VAL B 11 ? O VAL B 11 N ALA B 22 ? N ALA B 22 
E 1 2 O LYS B 43 ? O LYS B 43 N GLN B 58 ? N GLN B 58 
E 2 3 O ARG B 57 ? O ARG B 57 N VAL B 77 ? N VAL B 77 
F 1 2 O ILE B 62 ? O ILE B 62 N GLY B 73 ? N GLY B 73 
# 
_struct_site.id                   AC1 
_struct_site.pdbx_evidence_code   Software 
_struct_site.pdbx_auth_asym_id    ? 
_struct_site.pdbx_auth_comp_id    ? 
_struct_site.pdbx_auth_seq_id     ? 
_struct_site.pdbx_auth_ins_code   ? 
_struct_site.pdbx_num_residues    11 
_struct_site.details              'BINDING SITE FOR CHAIN I OF PEPTIDE PRODUCT' 
# 
loop_
_struct_site_gen.id 
_struct_site_gen.site_id 
_struct_site_gen.pdbx_num_res 
_struct_site_gen.label_comp_id 
_struct_site_gen.label_asym_id 
_struct_site_gen.label_seq_id 
_struct_site_gen.pdbx_auth_ins_code 
_struct_site_gen.auth_comp_id 
_struct_site_gen.auth_asym_id 
_struct_site_gen.auth_seq_id 
_struct_site_gen.label_atom_id 
_struct_site_gen.label_alt_id 
_struct_site_gen.symmetry 
_struct_site_gen.details 
1  AC1 11 ASP A 25 ? ASP A 25  . ? 1_555 ? 
2  AC1 11 VAL A 82 ? VAL A 82  . ? 1_555 ? 
3  AC1 11 ILE A 84 ? ILE A 84  . ? 1_555 ? 
4  AC1 11 ASP B 25 ? ASP B 25  . ? 1_555 ? 
5  AC1 11 GLY B 27 ? GLY B 27  . ? 1_555 ? 
6  AC1 11 ALA B 28 ? ALA B 28  . ? 1_555 ? 
7  AC1 11 ASP B 29 ? ASP B 29  . ? 1_555 ? 
8  AC1 11 GLY B 48 ? GLY B 48  . ? 1_555 ? 
9  AC1 11 GLY B 49 ? GLY B 49  . ? 1_555 ? 
10 AC1 11 HOH F .  ? HOH I 401 . ? 1_555 ? 
11 AC1 11 HOH F .  ? HOH I 427 . ? 1_555 ? 
# 
_pdbx_entry_details.entry_id                   1YTG 
_pdbx_entry_details.compound_details           ? 
_pdbx_entry_details.source_details             ? 
_pdbx_entry_details.nonpolymer_details         ? 
_pdbx_entry_details.sequence_details           ? 
_pdbx_entry_details.has_ligand_of_interest     ? 
_pdbx_entry_details.has_protein_modification   Y 
# 
loop_
_pdbx_validate_rmsd_bond.id 
_pdbx_validate_rmsd_bond.PDB_model_num 
_pdbx_validate_rmsd_bond.auth_atom_id_1 
_pdbx_validate_rmsd_bond.auth_asym_id_1 
_pdbx_validate_rmsd_bond.auth_comp_id_1 
_pdbx_validate_rmsd_bond.auth_seq_id_1 
_pdbx_validate_rmsd_bond.PDB_ins_code_1 
_pdbx_validate_rmsd_bond.label_alt_id_1 
_pdbx_validate_rmsd_bond.auth_atom_id_2 
_pdbx_validate_rmsd_bond.auth_asym_id_2 
_pdbx_validate_rmsd_bond.auth_comp_id_2 
_pdbx_validate_rmsd_bond.auth_seq_id_2 
_pdbx_validate_rmsd_bond.PDB_ins_code_2 
_pdbx_validate_rmsd_bond.label_alt_id_2 
_pdbx_validate_rmsd_bond.bond_value 
_pdbx_validate_rmsd_bond.bond_target_value 
_pdbx_validate_rmsd_bond.bond_deviation 
_pdbx_validate_rmsd_bond.bond_standard_deviation 
_pdbx_validate_rmsd_bond.linker_flag 
1 1 NE2 A HIS 69 ? ? CD2 A HIS 69 ? ? 1.301 1.373 -0.072 0.011 N 
2 1 NE2 B HIS 69 ? ? CD2 B HIS 69 ? ? 1.298 1.373 -0.075 0.011 N 
# 
loop_
_pdbx_validate_rmsd_angle.id 
_pdbx_validate_rmsd_angle.PDB_model_num 
_pdbx_validate_rmsd_angle.auth_atom_id_1 
_pdbx_validate_rmsd_angle.auth_asym_id_1 
_pdbx_validate_rmsd_angle.auth_comp_id_1 
_pdbx_validate_rmsd_angle.auth_seq_id_1 
_pdbx_validate_rmsd_angle.PDB_ins_code_1 
_pdbx_validate_rmsd_angle.label_alt_id_1 
_pdbx_validate_rmsd_angle.auth_atom_id_2 
_pdbx_validate_rmsd_angle.auth_asym_id_2 
_pdbx_validate_rmsd_angle.auth_comp_id_2 
_pdbx_validate_rmsd_angle.auth_seq_id_2 
_pdbx_validate_rmsd_angle.PDB_ins_code_2 
_pdbx_validate_rmsd_angle.label_alt_id_2 
_pdbx_validate_rmsd_angle.auth_atom_id_3 
_pdbx_validate_rmsd_angle.auth_asym_id_3 
_pdbx_validate_rmsd_angle.auth_comp_id_3 
_pdbx_validate_rmsd_angle.auth_seq_id_3 
_pdbx_validate_rmsd_angle.PDB_ins_code_3 
_pdbx_validate_rmsd_angle.label_alt_id_3 
_pdbx_validate_rmsd_angle.angle_value 
_pdbx_validate_rmsd_angle.angle_target_value 
_pdbx_validate_rmsd_angle.angle_deviation 
_pdbx_validate_rmsd_angle.angle_standard_deviation 
_pdbx_validate_rmsd_angle.linker_flag 
1  1 CD1 A TRP 6  ? ? CG  A TRP 6  ? ? CD2 A TRP 6  ? ? 111.75 106.30 5.45   0.80 N 
2  1 CE2 A TRP 6  ? ? CD2 A TRP 6  ? ? CG  A TRP 6  ? ? 101.72 107.30 -5.58  0.80 N 
3  1 NE  A ARG 14 ? ? CZ  A ARG 14 ? ? NH1 A ARG 14 ? ? 123.34 120.30 3.04   0.50 N 
4  1 CD1 A TRP 42 ? ? CG  A TRP 42 ? ? CD2 A TRP 42 ? ? 114.54 106.30 8.24   0.80 N 
5  1 CB  A TRP 42 ? ? CG  A TRP 42 ? ? CD1 A TRP 42 ? ? 118.58 127.00 -8.42  1.30 N 
6  1 CG  A TRP 42 ? ? CD1 A TRP 42 ? ? NE1 A TRP 42 ? ? 103.91 110.10 -6.19  1.00 N 
7  1 CE2 A TRP 42 ? ? CD2 A TRP 42 ? ? CG  A TRP 42 ? ? 100.49 107.30 -6.81  0.80 N 
8  1 CG  A TRP 42 ? ? CD2 A TRP 42 ? ? CE3 A TRP 42 ? ? 139.47 133.90 5.57   0.90 N 
9  1 NE  A ARG 87 ? ? CZ  A ARG 87 ? ? NH1 A ARG 87 ? ? 127.43 120.30 7.13   0.50 N 
10 1 NE  A ARG 87 ? ? CZ  A ARG 87 ? ? NH2 A ARG 87 ? ? 113.85 120.30 -6.45  0.50 N 
11 1 CD1 B TRP 6  ? ? CG  B TRP 6  ? ? CD2 B TRP 6  ? ? 113.01 106.30 6.71   0.80 N 
12 1 CB  B TRP 6  ? ? CG  B TRP 6  ? ? CD1 B TRP 6  ? ? 118.18 127.00 -8.82  1.30 N 
13 1 CE2 B TRP 6  ? ? CD2 B TRP 6  ? ? CG  B TRP 6  ? ? 101.21 107.30 -6.09  0.80 N 
14 1 CG  B TRP 6  ? ? CD2 B TRP 6  ? ? CE3 B TRP 6  ? ? 139.77 133.90 5.87   0.90 N 
15 1 CD1 B TRP 42 ? ? CG  B TRP 42 ? ? CD2 B TRP 42 ? ? 113.19 106.30 6.89   0.80 N 
16 1 CE2 B TRP 42 ? ? CD2 B TRP 42 ? ? CG  B TRP 42 ? ? 101.08 107.30 -6.22  0.80 N 
17 1 CA  B GLU 65 ? ? CB  B GLU 65 ? ? CG  B GLU 65 ? ? 100.11 113.40 -13.29 2.20 N 
18 1 NE  B ARG 87 ? ? CZ  B ARG 87 ? ? NH2 B ARG 87 ? ? 116.32 120.30 -3.98  0.50 N 
# 
loop_
_pdbx_validate_torsion.id 
_pdbx_validate_torsion.PDB_model_num 
_pdbx_validate_torsion.auth_comp_id 
_pdbx_validate_torsion.auth_asym_id 
_pdbx_validate_torsion.auth_seq_id 
_pdbx_validate_torsion.PDB_ins_code 
_pdbx_validate_torsion.label_alt_id 
_pdbx_validate_torsion.phi 
_pdbx_validate_torsion.psi 
1 1 ILE A 50 ? ? -69.12 83.06 
2 1 PRO B 79 ? ? -82.59 45.74 
# 
loop_
_chem_comp_atom.comp_id 
_chem_comp_atom.atom_id 
_chem_comp_atom.type_symbol 
_chem_comp_atom.pdbx_aromatic_flag 
_chem_comp_atom.pdbx_stereo_config 
_chem_comp_atom.pdbx_ordinal 
ALA N    N N N 1   
ALA CA   C N S 2   
ALA C    C N N 3   
ALA O    O N N 4   
ALA CB   C N N 5   
ALA OXT  O N N 6   
ALA H    H N N 7   
ALA H2   H N N 8   
ALA HA   H N N 9   
ALA HB1  H N N 10  
ALA HB2  H N N 11  
ALA HB3  H N N 12  
ALA HXT  H N N 13  
ARG N    N N N 14  
ARG CA   C N S 15  
ARG C    C N N 16  
ARG O    O N N 17  
ARG CB   C N N 18  
ARG CG   C N N 19  
ARG CD   C N N 20  
ARG NE   N N N 21  
ARG CZ   C N N 22  
ARG NH1  N N N 23  
ARG NH2  N N N 24  
ARG OXT  O N N 25  
ARG H    H N N 26  
ARG H2   H N N 27  
ARG HA   H N N 28  
ARG HB2  H N N 29  
ARG HB3  H N N 30  
ARG HG2  H N N 31  
ARG HG3  H N N 32  
ARG HD2  H N N 33  
ARG HD3  H N N 34  
ARG HE   H N N 35  
ARG HH11 H N N 36  
ARG HH12 H N N 37  
ARG HH21 H N N 38  
ARG HH22 H N N 39  
ARG HXT  H N N 40  
ASN N    N N N 41  
ASN CA   C N S 42  
ASN C    C N N 43  
ASN O    O N N 44  
ASN CB   C N N 45  
ASN CG   C N N 46  
ASN OD1  O N N 47  
ASN ND2  N N N 48  
ASN OXT  O N N 49  
ASN H    H N N 50  
ASN H2   H N N 51  
ASN HA   H N N 52  
ASN HB2  H N N 53  
ASN HB3  H N N 54  
ASN HD21 H N N 55  
ASN HD22 H N N 56  
ASN HXT  H N N 57  
ASP N    N N N 58  
ASP CA   C N S 59  
ASP C    C N N 60  
ASP O    O N N 61  
ASP CB   C N N 62  
ASP CG   C N N 63  
ASP OD1  O N N 64  
ASP OD2  O N N 65  
ASP OXT  O N N 66  
ASP H    H N N 67  
ASP H2   H N N 68  
ASP HA   H N N 69  
ASP HB2  H N N 70  
ASP HB3  H N N 71  
ASP HD2  H N N 72  
ASP HXT  H N N 73  
CYS N    N N N 74  
CYS CA   C N R 75  
CYS C    C N N 76  
CYS O    O N N 77  
CYS CB   C N N 78  
CYS SG   S N N 79  
CYS OXT  O N N 80  
CYS H    H N N 81  
CYS H2   H N N 82  
CYS HA   H N N 83  
CYS HB2  H N N 84  
CYS HB3  H N N 85  
CYS HG   H N N 86  
CYS HXT  H N N 87  
GLN N    N N N 88  
GLN CA   C N S 89  
GLN C    C N N 90  
GLN O    O N N 91  
GLN CB   C N N 92  
GLN CG   C N N 93  
GLN CD   C N N 94  
GLN OE1  O N N 95  
GLN NE2  N N N 96  
GLN OXT  O N N 97  
GLN H    H N N 98  
GLN H2   H N N 99  
GLN HA   H N N 100 
GLN HB2  H N N 101 
GLN HB3  H N N 102 
GLN HG2  H N N 103 
GLN HG3  H N N 104 
GLN HE21 H N N 105 
GLN HE22 H N N 106 
GLN HXT  H N N 107 
GLU N    N N N 108 
GLU CA   C N S 109 
GLU C    C N N 110 
GLU O    O N N 111 
GLU CB   C N N 112 
GLU CG   C N N 113 
GLU CD   C N N 114 
GLU OE1  O N N 115 
GLU OE2  O N N 116 
GLU OXT  O N N 117 
GLU H    H N N 118 
GLU H2   H N N 119 
GLU HA   H N N 120 
GLU HB2  H N N 121 
GLU HB3  H N N 122 
GLU HG2  H N N 123 
GLU HG3  H N N 124 
GLU HE2  H N N 125 
GLU HXT  H N N 126 
GLY N    N N N 127 
GLY CA   C N N 128 
GLY C    C N N 129 
GLY O    O N N 130 
GLY OXT  O N N 131 
GLY H    H N N 132 
GLY H2   H N N 133 
GLY HA2  H N N 134 
GLY HA3  H N N 135 
GLY HXT  H N N 136 
HIS N    N N N 137 
HIS CA   C N S 138 
HIS C    C N N 139 
HIS O    O N N 140 
HIS CB   C N N 141 
HIS CG   C Y N 142 
HIS ND1  N Y N 143 
HIS CD2  C Y N 144 
HIS CE1  C Y N 145 
HIS NE2  N Y N 146 
HIS OXT  O N N 147 
HIS H    H N N 148 
HIS H2   H N N 149 
HIS HA   H N N 150 
HIS HB2  H N N 151 
HIS HB3  H N N 152 
HIS HD1  H N N 153 
HIS HD2  H N N 154 
HIS HE1  H N N 155 
HIS HE2  H N N 156 
HIS HXT  H N N 157 
HOH O    O N N 158 
HOH H1   H N N 159 
HOH H2   H N N 160 
ILE N    N N N 161 
ILE CA   C N S 162 
ILE C    C N N 163 
ILE O    O N N 164 
ILE CB   C N S 165 
ILE CG1  C N N 166 
ILE CG2  C N N 167 
ILE CD1  C N N 168 
ILE OXT  O N N 169 
ILE H    H N N 170 
ILE H2   H N N 171 
ILE HA   H N N 172 
ILE HB   H N N 173 
ILE HG12 H N N 174 
ILE HG13 H N N 175 
ILE HG21 H N N 176 
ILE HG22 H N N 177 
ILE HG23 H N N 178 
ILE HD11 H N N 179 
ILE HD12 H N N 180 
ILE HD13 H N N 181 
ILE HXT  H N N 182 
LEU N    N N N 183 
LEU CA   C N S 184 
LEU C    C N N 185 
LEU O    O N N 186 
LEU CB   C N N 187 
LEU CG   C N N 188 
LEU CD1  C N N 189 
LEU CD2  C N N 190 
LEU OXT  O N N 191 
LEU H    H N N 192 
LEU H2   H N N 193 
LEU HA   H N N 194 
LEU HB2  H N N 195 
LEU HB3  H N N 196 
LEU HG   H N N 197 
LEU HD11 H N N 198 
LEU HD12 H N N 199 
LEU HD13 H N N 200 
LEU HD21 H N N 201 
LEU HD22 H N N 202 
LEU HD23 H N N 203 
LEU HXT  H N N 204 
LYS N    N N N 205 
LYS CA   C N S 206 
LYS C    C N N 207 
LYS O    O N N 208 
LYS CB   C N N 209 
LYS CG   C N N 210 
LYS CD   C N N 211 
LYS CE   C N N 212 
LYS NZ   N N N 213 
LYS OXT  O N N 214 
LYS H    H N N 215 
LYS H2   H N N 216 
LYS HA   H N N 217 
LYS HB2  H N N 218 
LYS HB3  H N N 219 
LYS HG2  H N N 220 
LYS HG3  H N N 221 
LYS HD2  H N N 222 
LYS HD3  H N N 223 
LYS HE2  H N N 224 
LYS HE3  H N N 225 
LYS HZ1  H N N 226 
LYS HZ2  H N N 227 
LYS HZ3  H N N 228 
LYS HXT  H N N 229 
MET N    N N N 230 
MET CA   C N S 231 
MET C    C N N 232 
MET O    O N N 233 
MET CB   C N N 234 
MET CG   C N N 235 
MET SD   S N N 236 
MET CE   C N N 237 
MET OXT  O N N 238 
MET H    H N N 239 
MET H2   H N N 240 
MET HA   H N N 241 
MET HB2  H N N 242 
MET HB3  H N N 243 
MET HG2  H N N 244 
MET HG3  H N N 245 
MET HE1  H N N 246 
MET HE2  H N N 247 
MET HE3  H N N 248 
MET HXT  H N N 249 
NH2 N    N N N 250 
NH2 HN1  H N N 251 
NH2 HN2  H N N 252 
PHE N    N N N 253 
PHE CA   C N S 254 
PHE C    C N N 255 
PHE O    O N N 256 
PHE CB   C N N 257 
PHE CG   C Y N 258 
PHE CD1  C Y N 259 
PHE CD2  C Y N 260 
PHE CE1  C Y N 261 
PHE CE2  C Y N 262 
PHE CZ   C Y N 263 
PHE OXT  O N N 264 
PHE H    H N N 265 
PHE H2   H N N 266 
PHE HA   H N N 267 
PHE HB2  H N N 268 
PHE HB3  H N N 269 
PHE HD1  H N N 270 
PHE HD2  H N N 271 
PHE HE1  H N N 272 
PHE HE2  H N N 273 
PHE HZ   H N N 274 
PHE HXT  H N N 275 
PRO N    N N N 276 
PRO CA   C N S 277 
PRO C    C N N 278 
PRO O    O N N 279 
PRO CB   C N N 280 
PRO CG   C N N 281 
PRO CD   C N N 282 
PRO OXT  O N N 283 
PRO H    H N N 284 
PRO HA   H N N 285 
PRO HB2  H N N 286 
PRO HB3  H N N 287 
PRO HG2  H N N 288 
PRO HG3  H N N 289 
PRO HD2  H N N 290 
PRO HD3  H N N 291 
PRO HXT  H N N 292 
THR N    N N N 293 
THR CA   C N S 294 
THR C    C N N 295 
THR O    O N N 296 
THR CB   C N R 297 
THR OG1  O N N 298 
THR CG2  C N N 299 
THR OXT  O N N 300 
THR H    H N N 301 
THR H2   H N N 302 
THR HA   H N N 303 
THR HB   H N N 304 
THR HG1  H N N 305 
THR HG21 H N N 306 
THR HG22 H N N 307 
THR HG23 H N N 308 
THR HXT  H N N 309 
TRP N    N N N 310 
TRP CA   C N S 311 
TRP C    C N N 312 
TRP O    O N N 313 
TRP CB   C N N 314 
TRP CG   C Y N 315 
TRP CD1  C Y N 316 
TRP CD2  C Y N 317 
TRP NE1  N Y N 318 
TRP CE2  C Y N 319 
TRP CE3  C Y N 320 
TRP CZ2  C Y N 321 
TRP CZ3  C Y N 322 
TRP CH2  C Y N 323 
TRP OXT  O N N 324 
TRP H    H N N 325 
TRP H2   H N N 326 
TRP HA   H N N 327 
TRP HB2  H N N 328 
TRP HB3  H N N 329 
TRP HD1  H N N 330 
TRP HE1  H N N 331 
TRP HE3  H N N 332 
TRP HZ2  H N N 333 
TRP HZ3  H N N 334 
TRP HH2  H N N 335 
TRP HXT  H N N 336 
TYR N    N N N 337 
TYR CA   C N S 338 
TYR C    C N N 339 
TYR O    O N N 340 
TYR CB   C N N 341 
TYR CG   C Y N 342 
TYR CD1  C Y N 343 
TYR CD2  C Y N 344 
TYR CE1  C Y N 345 
TYR CE2  C Y N 346 
TYR CZ   C Y N 347 
TYR OH   O N N 348 
TYR OXT  O N N 349 
TYR H    H N N 350 
TYR H2   H N N 351 
TYR HA   H N N 352 
TYR HB2  H N N 353 
TYR HB3  H N N 354 
TYR HD1  H N N 355 
TYR HD2  H N N 356 
TYR HE1  H N N 357 
TYR HE2  H N N 358 
TYR HH   H N N 359 
TYR HXT  H N N 360 
VAL N    N N N 361 
VAL CA   C N S 362 
VAL C    C N N 363 
VAL O    O N N 364 
VAL CB   C N N 365 
VAL CG1  C N N 366 
VAL CG2  C N N 367 
VAL OXT  O N N 368 
VAL H    H N N 369 
VAL H2   H N N 370 
VAL HA   H N N 371 
VAL HB   H N N 372 
VAL HG11 H N N 373 
VAL HG12 H N N 374 
VAL HG13 H N N 375 
VAL HG21 H N N 376 
VAL HG22 H N N 377 
VAL HG23 H N N 378 
VAL HXT  H N N 379 
# 
loop_
_chem_comp_bond.comp_id 
_chem_comp_bond.atom_id_1 
_chem_comp_bond.atom_id_2 
_chem_comp_bond.value_order 
_chem_comp_bond.pdbx_aromatic_flag 
_chem_comp_bond.pdbx_stereo_config 
_chem_comp_bond.pdbx_ordinal 
ALA N   CA   sing N N 1   
ALA N   H    sing N N 2   
ALA N   H2   sing N N 3   
ALA CA  C    sing N N 4   
ALA CA  CB   sing N N 5   
ALA CA  HA   sing N N 6   
ALA C   O    doub N N 7   
ALA C   OXT  sing N N 8   
ALA CB  HB1  sing N N 9   
ALA CB  HB2  sing N N 10  
ALA CB  HB3  sing N N 11  
ALA OXT HXT  sing N N 12  
ARG N   CA   sing N N 13  
ARG N   H    sing N N 14  
ARG N   H2   sing N N 15  
ARG CA  C    sing N N 16  
ARG CA  CB   sing N N 17  
ARG CA  HA   sing N N 18  
ARG C   O    doub N N 19  
ARG C   OXT  sing N N 20  
ARG CB  CG   sing N N 21  
ARG CB  HB2  sing N N 22  
ARG CB  HB3  sing N N 23  
ARG CG  CD   sing N N 24  
ARG CG  HG2  sing N N 25  
ARG CG  HG3  sing N N 26  
ARG CD  NE   sing N N 27  
ARG CD  HD2  sing N N 28  
ARG CD  HD3  sing N N 29  
ARG NE  CZ   sing N N 30  
ARG NE  HE   sing N N 31  
ARG CZ  NH1  sing N N 32  
ARG CZ  NH2  doub N N 33  
ARG NH1 HH11 sing N N 34  
ARG NH1 HH12 sing N N 35  
ARG NH2 HH21 sing N N 36  
ARG NH2 HH22 sing N N 37  
ARG OXT HXT  sing N N 38  
ASN N   CA   sing N N 39  
ASN N   H    sing N N 40  
ASN N   H2   sing N N 41  
ASN CA  C    sing N N 42  
ASN CA  CB   sing N N 43  
ASN CA  HA   sing N N 44  
ASN C   O    doub N N 45  
ASN C   OXT  sing N N 46  
ASN CB  CG   sing N N 47  
ASN CB  HB2  sing N N 48  
ASN CB  HB3  sing N N 49  
ASN CG  OD1  doub N N 50  
ASN CG  ND2  sing N N 51  
ASN ND2 HD21 sing N N 52  
ASN ND2 HD22 sing N N 53  
ASN OXT HXT  sing N N 54  
ASP N   CA   sing N N 55  
ASP N   H    sing N N 56  
ASP N   H2   sing N N 57  
ASP CA  C    sing N N 58  
ASP CA  CB   sing N N 59  
ASP CA  HA   sing N N 60  
ASP C   O    doub N N 61  
ASP C   OXT  sing N N 62  
ASP CB  CG   sing N N 63  
ASP CB  HB2  sing N N 64  
ASP CB  HB3  sing N N 65  
ASP CG  OD1  doub N N 66  
ASP CG  OD2  sing N N 67  
ASP OD2 HD2  sing N N 68  
ASP OXT HXT  sing N N 69  
CYS N   CA   sing N N 70  
CYS N   H    sing N N 71  
CYS N   H2   sing N N 72  
CYS CA  C    sing N N 73  
CYS CA  CB   sing N N 74  
CYS CA  HA   sing N N 75  
CYS C   O    doub N N 76  
CYS C   OXT  sing N N 77  
CYS CB  SG   sing N N 78  
CYS CB  HB2  sing N N 79  
CYS CB  HB3  sing N N 80  
CYS SG  HG   sing N N 81  
CYS OXT HXT  sing N N 82  
GLN N   CA   sing N N 83  
GLN N   H    sing N N 84  
GLN N   H2   sing N N 85  
GLN CA  C    sing N N 86  
GLN CA  CB   sing N N 87  
GLN CA  HA   sing N N 88  
GLN C   O    doub N N 89  
GLN C   OXT  sing N N 90  
GLN CB  CG   sing N N 91  
GLN CB  HB2  sing N N 92  
GLN CB  HB3  sing N N 93  
GLN CG  CD   sing N N 94  
GLN CG  HG2  sing N N 95  
GLN CG  HG3  sing N N 96  
GLN CD  OE1  doub N N 97  
GLN CD  NE2  sing N N 98  
GLN NE2 HE21 sing N N 99  
GLN NE2 HE22 sing N N 100 
GLN OXT HXT  sing N N 101 
GLU N   CA   sing N N 102 
GLU N   H    sing N N 103 
GLU N   H2   sing N N 104 
GLU CA  C    sing N N 105 
GLU CA  CB   sing N N 106 
GLU CA  HA   sing N N 107 
GLU C   O    doub N N 108 
GLU C   OXT  sing N N 109 
GLU CB  CG   sing N N 110 
GLU CB  HB2  sing N N 111 
GLU CB  HB3  sing N N 112 
GLU CG  CD   sing N N 113 
GLU CG  HG2  sing N N 114 
GLU CG  HG3  sing N N 115 
GLU CD  OE1  doub N N 116 
GLU CD  OE2  sing N N 117 
GLU OE2 HE2  sing N N 118 
GLU OXT HXT  sing N N 119 
GLY N   CA   sing N N 120 
GLY N   H    sing N N 121 
GLY N   H2   sing N N 122 
GLY CA  C    sing N N 123 
GLY CA  HA2  sing N N 124 
GLY CA  HA3  sing N N 125 
GLY C   O    doub N N 126 
GLY C   OXT  sing N N 127 
GLY OXT HXT  sing N N 128 
HIS N   CA   sing N N 129 
HIS N   H    sing N N 130 
HIS N   H2   sing N N 131 
HIS CA  C    sing N N 132 
HIS CA  CB   sing N N 133 
HIS CA  HA   sing N N 134 
HIS C   O    doub N N 135 
HIS C   OXT  sing N N 136 
HIS CB  CG   sing N N 137 
HIS CB  HB2  sing N N 138 
HIS CB  HB3  sing N N 139 
HIS CG  ND1  sing Y N 140 
HIS CG  CD2  doub Y N 141 
HIS ND1 CE1  doub Y N 142 
HIS ND1 HD1  sing N N 143 
HIS CD2 NE2  sing Y N 144 
HIS CD2 HD2  sing N N 145 
HIS CE1 NE2  sing Y N 146 
HIS CE1 HE1  sing N N 147 
HIS NE2 HE2  sing N N 148 
HIS OXT HXT  sing N N 149 
HOH O   H1   sing N N 150 
HOH O   H2   sing N N 151 
ILE N   CA   sing N N 152 
ILE N   H    sing N N 153 
ILE N   H2   sing N N 154 
ILE CA  C    sing N N 155 
ILE CA  CB   sing N N 156 
ILE CA  HA   sing N N 157 
ILE C   O    doub N N 158 
ILE C   OXT  sing N N 159 
ILE CB  CG1  sing N N 160 
ILE CB  CG2  sing N N 161 
ILE CB  HB   sing N N 162 
ILE CG1 CD1  sing N N 163 
ILE CG1 HG12 sing N N 164 
ILE CG1 HG13 sing N N 165 
ILE CG2 HG21 sing N N 166 
ILE CG2 HG22 sing N N 167 
ILE CG2 HG23 sing N N 168 
ILE CD1 HD11 sing N N 169 
ILE CD1 HD12 sing N N 170 
ILE CD1 HD13 sing N N 171 
ILE OXT HXT  sing N N 172 
LEU N   CA   sing N N 173 
LEU N   H    sing N N 174 
LEU N   H2   sing N N 175 
LEU CA  C    sing N N 176 
LEU CA  CB   sing N N 177 
LEU CA  HA   sing N N 178 
LEU C   O    doub N N 179 
LEU C   OXT  sing N N 180 
LEU CB  CG   sing N N 181 
LEU CB  HB2  sing N N 182 
LEU CB  HB3  sing N N 183 
LEU CG  CD1  sing N N 184 
LEU CG  CD2  sing N N 185 
LEU CG  HG   sing N N 186 
LEU CD1 HD11 sing N N 187 
LEU CD1 HD12 sing N N 188 
LEU CD1 HD13 sing N N 189 
LEU CD2 HD21 sing N N 190 
LEU CD2 HD22 sing N N 191 
LEU CD2 HD23 sing N N 192 
LEU OXT HXT  sing N N 193 
LYS N   CA   sing N N 194 
LYS N   H    sing N N 195 
LYS N   H2   sing N N 196 
LYS CA  C    sing N N 197 
LYS CA  CB   sing N N 198 
LYS CA  HA   sing N N 199 
LYS C   O    doub N N 200 
LYS C   OXT  sing N N 201 
LYS CB  CG   sing N N 202 
LYS CB  HB2  sing N N 203 
LYS CB  HB3  sing N N 204 
LYS CG  CD   sing N N 205 
LYS CG  HG2  sing N N 206 
LYS CG  HG3  sing N N 207 
LYS CD  CE   sing N N 208 
LYS CD  HD2  sing N N 209 
LYS CD  HD3  sing N N 210 
LYS CE  NZ   sing N N 211 
LYS CE  HE2  sing N N 212 
LYS CE  HE3  sing N N 213 
LYS NZ  HZ1  sing N N 214 
LYS NZ  HZ2  sing N N 215 
LYS NZ  HZ3  sing N N 216 
LYS OXT HXT  sing N N 217 
MET N   CA   sing N N 218 
MET N   H    sing N N 219 
MET N   H2   sing N N 220 
MET CA  C    sing N N 221 
MET CA  CB   sing N N 222 
MET CA  HA   sing N N 223 
MET C   O    doub N N 224 
MET C   OXT  sing N N 225 
MET CB  CG   sing N N 226 
MET CB  HB2  sing N N 227 
MET CB  HB3  sing N N 228 
MET CG  SD   sing N N 229 
MET CG  HG2  sing N N 230 
MET CG  HG3  sing N N 231 
MET SD  CE   sing N N 232 
MET CE  HE1  sing N N 233 
MET CE  HE2  sing N N 234 
MET CE  HE3  sing N N 235 
MET OXT HXT  sing N N 236 
NH2 N   HN1  sing N N 237 
NH2 N   HN2  sing N N 238 
PHE N   CA   sing N N 239 
PHE N   H    sing N N 240 
PHE N   H2   sing N N 241 
PHE CA  C    sing N N 242 
PHE CA  CB   sing N N 243 
PHE CA  HA   sing N N 244 
PHE C   O    doub N N 245 
PHE C   OXT  sing N N 246 
PHE CB  CG   sing N N 247 
PHE CB  HB2  sing N N 248 
PHE CB  HB3  sing N N 249 
PHE CG  CD1  doub Y N 250 
PHE CG  CD2  sing Y N 251 
PHE CD1 CE1  sing Y N 252 
PHE CD1 HD1  sing N N 253 
PHE CD2 CE2  doub Y N 254 
PHE CD2 HD2  sing N N 255 
PHE CE1 CZ   doub Y N 256 
PHE CE1 HE1  sing N N 257 
PHE CE2 CZ   sing Y N 258 
PHE CE2 HE2  sing N N 259 
PHE CZ  HZ   sing N N 260 
PHE OXT HXT  sing N N 261 
PRO N   CA   sing N N 262 
PRO N   CD   sing N N 263 
PRO N   H    sing N N 264 
PRO CA  C    sing N N 265 
PRO CA  CB   sing N N 266 
PRO CA  HA   sing N N 267 
PRO C   O    doub N N 268 
PRO C   OXT  sing N N 269 
PRO CB  CG   sing N N 270 
PRO CB  HB2  sing N N 271 
PRO CB  HB3  sing N N 272 
PRO CG  CD   sing N N 273 
PRO CG  HG2  sing N N 274 
PRO CG  HG3  sing N N 275 
PRO CD  HD2  sing N N 276 
PRO CD  HD3  sing N N 277 
PRO OXT HXT  sing N N 278 
THR N   CA   sing N N 279 
THR N   H    sing N N 280 
THR N   H2   sing N N 281 
THR CA  C    sing N N 282 
THR CA  CB   sing N N 283 
THR CA  HA   sing N N 284 
THR C   O    doub N N 285 
THR C   OXT  sing N N 286 
THR CB  OG1  sing N N 287 
THR CB  CG2  sing N N 288 
THR CB  HB   sing N N 289 
THR OG1 HG1  sing N N 290 
THR CG2 HG21 sing N N 291 
THR CG2 HG22 sing N N 292 
THR CG2 HG23 sing N N 293 
THR OXT HXT  sing N N 294 
TRP N   CA   sing N N 295 
TRP N   H    sing N N 296 
TRP N   H2   sing N N 297 
TRP CA  C    sing N N 298 
TRP CA  CB   sing N N 299 
TRP CA  HA   sing N N 300 
TRP C   O    doub N N 301 
TRP C   OXT  sing N N 302 
TRP CB  CG   sing N N 303 
TRP CB  HB2  sing N N 304 
TRP CB  HB3  sing N N 305 
TRP CG  CD1  doub Y N 306 
TRP CG  CD2  sing Y N 307 
TRP CD1 NE1  sing Y N 308 
TRP CD1 HD1  sing N N 309 
TRP CD2 CE2  doub Y N 310 
TRP CD2 CE3  sing Y N 311 
TRP NE1 CE2  sing Y N 312 
TRP NE1 HE1  sing N N 313 
TRP CE2 CZ2  sing Y N 314 
TRP CE3 CZ3  doub Y N 315 
TRP CE3 HE3  sing N N 316 
TRP CZ2 CH2  doub Y N 317 
TRP CZ2 HZ2  sing N N 318 
TRP CZ3 CH2  sing Y N 319 
TRP CZ3 HZ3  sing N N 320 
TRP CH2 HH2  sing N N 321 
TRP OXT HXT  sing N N 322 
TYR N   CA   sing N N 323 
TYR N   H    sing N N 324 
TYR N   H2   sing N N 325 
TYR CA  C    sing N N 326 
TYR CA  CB   sing N N 327 
TYR CA  HA   sing N N 328 
TYR C   O    doub N N 329 
TYR C   OXT  sing N N 330 
TYR CB  CG   sing N N 331 
TYR CB  HB2  sing N N 332 
TYR CB  HB3  sing N N 333 
TYR CG  CD1  doub Y N 334 
TYR CG  CD2  sing Y N 335 
TYR CD1 CE1  sing Y N 336 
TYR CD1 HD1  sing N N 337 
TYR CD2 CE2  doub Y N 338 
TYR CD2 HD2  sing N N 339 
TYR CE1 CZ   doub Y N 340 
TYR CE1 HE1  sing N N 341 
TYR CE2 CZ   sing Y N 342 
TYR CE2 HE2  sing N N 343 
TYR CZ  OH   sing N N 344 
TYR OH  HH   sing N N 345 
TYR OXT HXT  sing N N 346 
VAL N   CA   sing N N 347 
VAL N   H    sing N N 348 
VAL N   H2   sing N N 349 
VAL CA  C    sing N N 350 
VAL CA  CB   sing N N 351 
VAL CA  HA   sing N N 352 
VAL C   O    doub N N 353 
VAL C   OXT  sing N N 354 
VAL CB  CG1  sing N N 355 
VAL CB  CG2  sing N N 356 
VAL CB  HB   sing N N 357 
VAL CG1 HG11 sing N N 358 
VAL CG1 HG12 sing N N 359 
VAL CG1 HG13 sing N N 360 
VAL CG2 HG21 sing N N 361 
VAL CG2 HG22 sing N N 362 
VAL CG2 HG23 sing N N 363 
VAL OXT HXT  sing N N 364 
# 
_atom_sites.entry_id                    1YTG 
_atom_sites.fract_transf_matrix[1][1]   0.01477556 
_atom_sites.fract_transf_matrix[1][2]   0.00622783 
_atom_sites.fract_transf_matrix[1][3]   0.01108486 
_atom_sites.fract_transf_matrix[2][1]   0.00545278 
_atom_sites.fract_transf_matrix[2][2]   0.00972121 
_atom_sites.fract_transf_matrix[2][3]   -0.01272996 
_atom_sites.fract_transf_matrix[3][1]   -0.00910235 
_atom_sites.fract_transf_matrix[3][2]   0.01209515 
_atom_sites.fract_transf_matrix[3][3]   0.00533752 
_atom_sites.fract_transf_vector[1]      0.102801 
_atom_sites.fract_transf_vector[2]      0.020069 
_atom_sites.fract_transf_vector[3]      0.289390 
# 
loop_
_atom_type.symbol 
C 
N 
O 
S 
# 
loop_
_atom_site.group_PDB 
_atom_site.id 
_atom_site.type_symbol 
_atom_site.label_atom_id 
_atom_site.label_alt_id 
_atom_site.label_comp_id 
_atom_site.label_asym_id 
_atom_site.label_entity_id 
_atom_site.label_seq_id 
_atom_site.pdbx_PDB_ins_code 
_atom_site.Cartn_x 
_atom_site.Cartn_y 
_atom_site.Cartn_z 
_atom_site.occupancy 
_atom_site.B_iso_or_equiv 
_atom_site.pdbx_formal_charge 
_atom_site.auth_seq_id 
_atom_site.auth_comp_id 
_atom_site.auth_asym_id 
_atom_site.auth_atom_id 
_atom_site.pdbx_PDB_model_num 
ATOM   1    N N   . PRO A 1 1  ? -12.640 12.928  -4.231  1.00 37.01 ? 1   PRO A N   1 
ATOM   2    C CA  . PRO A 1 1  ? -12.759 13.459  -2.888  1.00 35.85 ? 1   PRO A CA  1 
ATOM   3    C C   . PRO A 1 1  ? -11.353 13.626  -2.358  1.00 34.67 ? 1   PRO A C   1 
ATOM   4    O O   . PRO A 1 1  ? -10.393 13.332  -3.081  1.00 35.37 ? 1   PRO A O   1 
ATOM   5    C CB  . PRO A 1 1  ? -13.542 12.447  -2.071  1.00 36.75 ? 1   PRO A CB  1 
ATOM   6    C CG  . PRO A 1 1  ? -13.360 11.153  -2.857  1.00 36.61 ? 1   PRO A CG  1 
ATOM   7    C CD  . PRO A 1 1  ? -13.439 11.727  -4.270  1.00 37.64 ? 1   PRO A CD  1 
ATOM   8    N N   . GLN A 1 2  ? -11.207 14.089  -1.126  1.00 32.32 ? 2   GLN A N   1 
ATOM   9    C CA  . GLN A 1 2  ? -9.898  14.140  -0.504  1.00 33.01 ? 2   GLN A CA  1 
ATOM   10   C C   . GLN A 1 2  ? -10.048 13.173  0.653   1.00 32.50 ? 2   GLN A C   1 
ATOM   11   O O   . GLN A 1 2  ? -11.027 13.282  1.394   1.00 34.30 ? 2   GLN A O   1 
ATOM   12   C CB  . GLN A 1 2  ? -9.639  15.527  -0.027  1.00 34.90 ? 2   GLN A CB  1 
ATOM   13   C CG  . GLN A 1 2  ? -8.560  15.634  0.991   1.00 41.19 ? 2   GLN A CG  1 
ATOM   14   C CD  . GLN A 1 2  ? -8.395  17.090  1.319   1.00 45.08 ? 2   GLN A CD  1 
ATOM   15   O OE1 . GLN A 1 2  ? -7.753  17.821  0.567   1.00 47.56 ? 2   GLN A OE1 1 
ATOM   16   N NE2 . GLN A 1 2  ? -9.001  17.542  2.415   1.00 46.52 ? 2   GLN A NE2 1 
ATOM   17   N N   . ILE A 1 3  ? -9.133  12.221  0.789   1.00 27.15 ? 3   ILE A N   1 
ATOM   18   C CA  . ILE A 1 3  ? -9.218  11.177  1.770   1.00 16.76 ? 3   ILE A CA  1 
ATOM   19   C C   . ILE A 1 3  ? -7.987  11.326  2.631   1.00 18.35 ? 3   ILE A C   1 
ATOM   20   O O   . ILE A 1 3  ? -6.855  11.462  2.144   1.00 14.80 ? 3   ILE A O   1 
ATOM   21   C CB  . ILE A 1 3  ? -9.268  9.870   0.996   1.00 19.15 ? 3   ILE A CB  1 
ATOM   22   C CG1 . ILE A 1 3  ? -10.543 9.849   0.170   1.00 19.90 ? 3   ILE A CG1 1 
ATOM   23   C CG2 . ILE A 1 3  ? -9.223  8.668   1.941   1.00 16.63 ? 3   ILE A CG2 1 
ATOM   24   C CD1 . ILE A 1 3  ? -10.469 8.714   -0.866  1.00 19.64 ? 3   ILE A CD1 1 
ATOM   25   N N   . THR A 1 4  ? -8.264  11.322  3.923   1.00 17.67 ? 4   THR A N   1 
ATOM   26   C CA  . THR A 1 4  ? -7.281  11.470  4.993   1.00 14.39 ? 4   THR A CA  1 
ATOM   27   C C   . THR A 1 4  ? -6.942  10.046  5.423   1.00 15.56 ? 4   THR A C   1 
ATOM   28   O O   . THR A 1 4  ? -7.730  9.102   5.243   1.00 19.51 ? 4   THR A O   1 
ATOM   29   C CB  . THR A 1 4  ? -7.923  12.271  6.159   1.00 19.35 ? 4   THR A CB  1 
ATOM   30   O OG1 . THR A 1 4  ? -9.150  11.587  6.523   1.00 19.99 ? 4   THR A OG1 1 
ATOM   31   C CG2 . THR A 1 4  ? -8.269  13.731  5.782   1.00 18.18 ? 4   THR A CG2 1 
ATOM   32   N N   . LEU A 1 5  ? -5.796  9.850   6.035   1.00 11.14 ? 5   LEU A N   1 
ATOM   33   C CA  . LEU A 1 5  ? -5.341  8.526   6.348   1.00 10.61 ? 5   LEU A CA  1 
ATOM   34   C C   . LEU A 1 5  ? -5.362  8.110   7.805   1.00 14.35 ? 5   LEU A C   1 
ATOM   35   O O   . LEU A 1 5  ? -4.697  7.152   8.163   1.00 16.57 ? 5   LEU A O   1 
ATOM   36   C CB  . LEU A 1 5  ? -3.960  8.436   5.735   1.00 8.75  ? 5   LEU A CB  1 
ATOM   37   C CG  . LEU A 1 5  ? -4.067  8.603   4.241   1.00 7.57  ? 5   LEU A CG  1 
ATOM   38   C CD1 . LEU A 1 5  ? -2.748  8.888   3.534   1.00 4.16  ? 5   LEU A CD1 1 
ATOM   39   C CD2 . LEU A 1 5  ? -4.778  7.333   3.832   1.00 7.44  ? 5   LEU A CD2 1 
ATOM   40   N N   . TRP A 1 6  ? -6.115  8.809   8.679   1.00 18.62 ? 6   TRP A N   1 
ATOM   41   C CA  . TRP A 1 6  ? -6.321  8.391   10.062  1.00 18.78 ? 6   TRP A CA  1 
ATOM   42   C C   . TRP A 1 6  ? -6.981  7.030   10.036  1.00 22.07 ? 6   TRP A C   1 
ATOM   43   O O   . TRP A 1 6  ? -6.738  6.179   10.887  1.00 26.54 ? 6   TRP A O   1 
ATOM   44   C CB  . TRP A 1 6  ? -7.258  9.312   10.825  1.00 21.57 ? 6   TRP A CB  1 
ATOM   45   C CG  . TRP A 1 6  ? -6.802  10.751  10.687  1.00 28.46 ? 6   TRP A CG  1 
ATOM   46   C CD1 . TRP A 1 6  ? -7.433  11.630  9.831   1.00 32.23 ? 6   TRP A CD1 1 
ATOM   47   C CD2 . TRP A 1 6  ? -5.688  11.298  11.241  1.00 29.24 ? 6   TRP A CD2 1 
ATOM   48   N NE1 . TRP A 1 6  ? -6.703  12.730  9.813   1.00 29.89 ? 6   TRP A NE1 1 
ATOM   49   C CE2 . TRP A 1 6  ? -5.660  12.580  10.626  1.00 29.55 ? 6   TRP A CE2 1 
ATOM   50   C CE3 . TRP A 1 6  ? -4.701  10.913  12.141  1.00 28.89 ? 6   TRP A CE3 1 
ATOM   51   C CZ2 . TRP A 1 6  ? -4.654  13.506  10.882  1.00 24.39 ? 6   TRP A CZ2 1 
ATOM   52   C CZ3 . TRP A 1 6  ? -3.678  11.841  12.398  1.00 30.71 ? 6   TRP A CZ3 1 
ATOM   53   C CH2 . TRP A 1 6  ? -3.665  13.109  11.773  1.00 25.83 ? 6   TRP A CH2 1 
ATOM   54   N N   . LYS A 1 7  ? -7.848  6.807   9.055   1.00 21.26 ? 7   LYS A N   1 
ATOM   55   C CA  . LYS A 1 7  ? -8.534  5.551   8.941   1.00 18.28 ? 7   LYS A CA  1 
ATOM   56   C C   . LYS A 1 7  ? -7.998  4.837   7.708   1.00 18.17 ? 7   LYS A C   1 
ATOM   57   O O   . LYS A 1 7  ? -7.308  5.471   6.898   1.00 17.29 ? 7   LYS A O   1 
ATOM   58   C CB  . LYS A 1 7  ? -10.021 5.885   8.840   1.00 23.71 ? 7   LYS A CB  1 
ATOM   59   N N   . ARG A 1 8  ? -8.205  3.525   7.562   1.00 16.85 ? 8   ARG A N   1 
ATOM   60   C CA  . ARG A 1 8  ? -7.770  2.835   6.361   1.00 13.55 ? 8   ARG A CA  1 
ATOM   61   C C   . ARG A 1 8  ? -8.535  3.417   5.181   1.00 16.62 ? 8   ARG A C   1 
ATOM   62   O O   . ARG A 1 8  ? -9.753  3.572   5.312   1.00 16.00 ? 8   ARG A O   1 
ATOM   63   C CB  . ARG A 1 8  ? -8.086  1.372   6.421   1.00 14.51 ? 8   ARG A CB  1 
ATOM   64   C CG  . ARG A 1 8  ? -7.092  0.629   7.280   1.00 13.04 ? 8   ARG A CG  1 
ATOM   65   C CD  . ARG A 1 8  ? -7.231  -0.852  7.012   1.00 13.04 ? 8   ARG A CD  1 
ATOM   66   N NE  . ARG A 1 8  ? -6.612  -1.607  8.095   1.00 20.01 ? 8   ARG A NE  1 
ATOM   67   C CZ  . ARG A 1 8  ? -6.198  -2.871  7.979   1.00 24.36 ? 8   ARG A CZ  1 
ATOM   68   N NH1 . ARG A 1 8  ? -6.180  -3.519  6.804   1.00 32.31 ? 8   ARG A NH1 1 
ATOM   69   N NH2 . ARG A 1 8  ? -5.734  -3.496  9.058   1.00 23.62 ? 8   ARG A NH2 1 
ATOM   70   N N   . PRO A 1 9  ? -7.952  3.725   4.011   1.00 13.39 ? 9   PRO A N   1 
ATOM   71   C CA  . PRO A 1 9  ? -8.696  4.284   2.879   1.00 11.08 ? 9   PRO A CA  1 
ATOM   72   C C   . PRO A 1 9  ? -9.462  3.218   2.028   1.00 13.70 ? 9   PRO A C   1 
ATOM   73   O O   . PRO A 1 9  ? -9.067  2.757   0.940   1.00 10.60 ? 9   PRO A O   1 
ATOM   74   C CB  . PRO A 1 9  ? -7.572  5.059   2.236   1.00 6.16  ? 9   PRO A CB  1 
ATOM   75   C CG  . PRO A 1 9  ? -6.380  4.104   2.358   1.00 3.96  ? 9   PRO A CG  1 
ATOM   76   C CD  . PRO A 1 9  ? -6.512  3.678   3.785   1.00 6.45  ? 9   PRO A CD  1 
ATOM   77   N N   . LEU A 1 10 ? -10.549 2.774   2.683   1.00 14.75 ? 10  LEU A N   1 
ATOM   78   C CA  . LEU A 1 10 ? -11.527 1.769   2.224   1.00 22.02 ? 10  LEU A CA  1 
ATOM   79   C C   . LEU A 1 10 ? -12.683 2.428   1.474   1.00 18.34 ? 10  LEU A C   1 
ATOM   80   O O   . LEU A 1 10 ? -13.296 3.412   1.888   1.00 18.61 ? 10  LEU A O   1 
ATOM   81   C CB  . LEU A 1 10 ? -12.115 0.981   3.410   1.00 23.07 ? 10  LEU A CB  1 
ATOM   82   C CG  . LEU A 1 10 ? -11.771 -0.468  3.719   1.00 24.56 ? 10  LEU A CG  1 
ATOM   83   C CD1 . LEU A 1 10 ? -10.287 -0.778  3.741   1.00 23.57 ? 10  LEU A CD1 1 
ATOM   84   C CD2 . LEU A 1 10 ? -12.360 -0.717  5.090   1.00 27.70 ? 10  LEU A CD2 1 
ATOM   85   N N   . VAL A 1 11 ? -13.002 1.851   0.345   1.00 18.92 ? 11  VAL A N   1 
ATOM   86   C CA  . VAL A 1 11 ? -13.855 2.484   -0.638  1.00 19.51 ? 11  VAL A CA  1 
ATOM   87   C C   . VAL A 1 11 ? -14.772 1.366   -1.112  1.00 21.17 ? 11  VAL A C   1 
ATOM   88   O O   . VAL A 1 11 ? -14.512 0.168   -0.900  1.00 19.22 ? 11  VAL A O   1 
ATOM   89   C CB  . VAL A 1 11 ? -12.853 3.056   -1.693  1.00 18.83 ? 11  VAL A CB  1 
ATOM   90   C CG1 . VAL A 1 11 ? -12.832 2.334   -3.017  1.00 18.22 ? 11  VAL A CG1 1 
ATOM   91   C CG2 . VAL A 1 11 ? -13.215 4.469   -1.883  1.00 23.63 ? 11  VAL A CG2 1 
ATOM   92   N N   . THR A 1 12 ? -15.872 1.771   -1.725  1.00 21.31 ? 12  THR A N   1 
ATOM   93   C CA  . THR A 1 12 ? -16.815 0.812   -2.257  1.00 21.98 ? 12  THR A CA  1 
ATOM   94   C C   . THR A 1 12 ? -16.623 0.810   -3.777  1.00 18.89 ? 12  THR A C   1 
ATOM   95   O O   . THR A 1 12 ? -16.526 1.886   -4.394  1.00 18.49 ? 12  THR A O   1 
ATOM   96   C CB  . THR A 1 12 ? -18.245 1.240   -1.820  1.00 24.35 ? 12  THR A CB  1 
ATOM   97   O OG1 . THR A 1 12 ? -18.201 1.508   -0.407  1.00 27.82 ? 12  THR A OG1 1 
ATOM   98   C CG2 . THR A 1 12 ? -19.283 0.119   -2.052  1.00 27.89 ? 12  THR A CG2 1 
ATOM   99   N N   . ILE A 1 13 ? -16.420 -0.382  -4.332  1.00 14.10 ? 13  ILE A N   1 
ATOM   100  C CA  . ILE A 1 13 ? -16.259 -0.575  -5.741  1.00 16.20 ? 13  ILE A CA  1 
ATOM   101  C C   . ILE A 1 13 ? -17.411 -1.454  -6.239  1.00 17.12 ? 13  ILE A C   1 
ATOM   102  O O   . ILE A 1 13 ? -18.145 -2.062  -5.460  1.00 16.54 ? 13  ILE A O   1 
ATOM   103  C CB  . ILE A 1 13 ? -14.862 -1.239  -6.093  1.00 14.08 ? 13  ILE A CB  1 
ATOM   104  C CG1 . ILE A 1 13 ? -14.703 -2.652  -5.587  1.00 9.72  ? 13  ILE A CG1 1 
ATOM   105  C CG2 . ILE A 1 13 ? -13.816 -0.277  -5.538  1.00 14.46 ? 13  ILE A CG2 1 
ATOM   106  C CD1 . ILE A 1 13 ? -13.629 -3.532  -6.225  1.00 9.08  ? 13  ILE A CD1 1 
ATOM   107  N N   . ARG A 1 14 ? -17.584 -1.485  -7.560  1.00 23.62 ? 14  ARG A N   1 
ATOM   108  C CA  . ARG A 1 14 ? -18.645 -2.191  -8.261  1.00 24.82 ? 14  ARG A CA  1 
ATOM   109  C C   . ARG A 1 14 ? -17.868 -2.846  -9.366  1.00 19.98 ? 14  ARG A C   1 
ATOM   110  O O   . ARG A 1 14 ? -17.122 -2.184  -10.079 1.00 21.35 ? 14  ARG A O   1 
ATOM   111  C CB  . ARG A 1 14 ? -19.678 -1.215  -8.852  1.00 28.23 ? 14  ARG A CB  1 
ATOM   112  C CG  . ARG A 1 14 ? -21.012 -1.909  -9.103  1.00 35.59 ? 14  ARG A CG  1 
ATOM   113  C CD  . ARG A 1 14 ? -22.205 -0.929  -9.129  1.00 42.75 ? 14  ARG A CD  1 
ATOM   114  N NE  . ARG A 1 14 ? -22.265 -0.195  -10.383 1.00 50.93 ? 14  ARG A NE  1 
ATOM   115  C CZ  . ARG A 1 14 ? -22.902 -0.666  -11.479 1.00 56.16 ? 14  ARG A CZ  1 
ATOM   116  N NH1 . ARG A 1 14 ? -23.631 -1.801  -11.482 1.00 56.88 ? 14  ARG A NH1 1 
ATOM   117  N NH2 . ARG A 1 14 ? -22.839 0.048   -12.607 1.00 57.07 ? 14  ARG A NH2 1 
ATOM   118  N N   . ILE A 1 15 ? -17.940 -4.155  -9.404  1.00 20.44 ? 15  ILE A N   1 
ATOM   119  C CA  . ILE A 1 15 ? -17.228 -4.979  -10.366 1.00 23.87 ? 15  ILE A CA  1 
ATOM   120  C C   . ILE A 1 15 ? -18.187 -6.162  -10.588 1.00 28.65 ? 15  ILE A C   1 
ATOM   121  O O   . ILE A 1 15 ? -18.822 -6.634  -9.634  1.00 28.51 ? 15  ILE A O   1 
ATOM   122  C CB  . ILE A 1 15 ? -15.811 -5.411  -9.750  1.00 23.28 ? 15  ILE A CB  1 
ATOM   123  C CG1 . ILE A 1 15 ? -15.010 -6.174  -10.816 1.00 17.24 ? 15  ILE A CG1 1 
ATOM   124  C CG2 . ILE A 1 15 ? -15.986 -6.239  -8.460  1.00 18.68 ? 15  ILE A CG2 1 
ATOM   125  C CD1 . ILE A 1 15 ? -13.520 -6.421  -10.555 1.00 16.66 ? 15  ILE A CD1 1 
ATOM   126  N N   . GLY A 1 16 ? -18.364 -6.662  -11.805 1.00 32.72 ? 16  GLY A N   1 
ATOM   127  C CA  . GLY A 1 16 ? -19.317 -7.737  -12.116 1.00 37.40 ? 16  GLY A CA  1 
ATOM   128  C C   . GLY A 1 16 ? -20.730 -7.513  -11.541 1.00 39.59 ? 16  GLY A C   1 
ATOM   129  O O   . GLY A 1 16 ? -21.385 -8.476  -11.136 1.00 46.96 ? 16  GLY A O   1 
ATOM   130  N N   . GLY A 1 17 ? -21.218 -6.270  -11.389 1.00 36.85 ? 17  GLY A N   1 
ATOM   131  C CA  . GLY A 1 17 ? -22.524 -6.017  -10.787 1.00 32.70 ? 17  GLY A CA  1 
ATOM   132  C C   . GLY A 1 17 ? -22.544 -6.268  -9.264  1.00 34.05 ? 17  GLY A C   1 
ATOM   133  O O   . GLY A 1 17 ? -23.575 -6.223  -8.594  1.00 36.69 ? 17  GLY A O   1 
ATOM   134  N N   . GLN A 1 18 ? -21.410 -6.510  -8.633  1.00 33.00 ? 18  GLN A N   1 
ATOM   135  C CA  . GLN A 1 18 ? -21.293 -6.711  -7.202  1.00 30.06 ? 18  GLN A CA  1 
ATOM   136  C C   . GLN A 1 18 ? -20.571 -5.496  -6.506  1.00 26.90 ? 18  GLN A C   1 
ATOM   137  O O   . GLN A 1 18 ? -19.602 -4.902  -7.002  1.00 21.67 ? 18  GLN A O   1 
ATOM   138  C CB  . GLN A 1 18 ? -20.591 -8.064  -7.177  1.00 33.53 ? 18  GLN A CB  1 
ATOM   139  C CG  . GLN A 1 18 ? -20.736 -8.963  -5.976  1.00 44.99 ? 18  GLN A CG  1 
ATOM   140  C CD  . GLN A 1 18 ? -20.483 -10.418 -6.366  1.00 51.93 ? 18  GLN A CD  1 
ATOM   141  O OE1 . GLN A 1 18 ? -19.481 -11.076 -6.046  1.00 55.21 ? 18  GLN A OE1 1 
ATOM   142  N NE2 . GLN A 1 18 ? -21.436 -10.971 -7.106  1.00 55.02 ? 18  GLN A NE2 1 
ATOM   143  N N   . LEU A 1 19 ? -21.107 -5.012  -5.382  1.00 20.80 ? 19  LEU A N   1 
ATOM   144  C CA  . LEU A 1 19 ? -20.483 -3.997  -4.557  1.00 20.51 ? 19  LEU A CA  1 
ATOM   145  C C   . LEU A 1 19 ? -19.502 -4.620  -3.589  1.00 19.49 ? 19  LEU A C   1 
ATOM   146  O O   . LEU A 1 19 ? -19.874 -5.529  -2.862  1.00 22.33 ? 19  LEU A O   1 
ATOM   147  C CB  . LEU A 1 19 ? -21.425 -3.273  -3.662  1.00 16.23 ? 19  LEU A CB  1 
ATOM   148  C CG  . LEU A 1 19 ? -22.343 -2.312  -4.250  1.00 22.07 ? 19  LEU A CG  1 
ATOM   149  C CD1 . LEU A 1 19 ? -23.049 -1.567  -3.121  1.00 22.51 ? 19  LEU A CD1 1 
ATOM   150  C CD2 . LEU A 1 19 ? -21.547 -1.400  -5.177  1.00 22.08 ? 19  LEU A CD2 1 
ATOM   151  N N   . LYS A 1 20 ? -18.283 -4.158  -3.502  1.00 18.34 ? 20  LYS A N   1 
ATOM   152  C CA  . LYS A 1 20 ? -17.323 -4.671  -2.560  1.00 18.33 ? 20  LYS A CA  1 
ATOM   153  C C   . LYS A 1 20 ? -16.596 -3.493  -1.935  1.00 17.53 ? 20  LYS A C   1 
ATOM   154  O O   . LYS A 1 20 ? -16.663 -2.381  -2.444  1.00 18.84 ? 20  LYS A O   1 
ATOM   155  C CB  . LYS A 1 20 ? -16.334 -5.560  -3.259  1.00 19.59 ? 20  LYS A CB  1 
ATOM   156  C CG  . LYS A 1 20 ? -16.957 -6.843  -3.707  1.00 20.60 ? 20  LYS A CG  1 
ATOM   157  C CD  . LYS A 1 20 ? -15.948 -7.464  -4.592  1.00 25.52 ? 20  LYS A CD  1 
ATOM   158  C CE  . LYS A 1 20 ? -16.547 -8.746  -5.157  1.00 36.38 ? 20  LYS A CE  1 
ATOM   159  N NZ  . LYS A 1 20 ? -16.506 -9.851  -4.200  1.00 44.79 ? 20  LYS A NZ  1 
ATOM   160  N N   . GLU A 1 21 ? -15.949 -3.664  -0.796  1.00 16.56 ? 21  GLU A N   1 
ATOM   161  C CA  . GLU A 1 21 ? -15.108 -2.637  -0.256  1.00 18.02 ? 21  GLU A CA  1 
ATOM   162  C C   . GLU A 1 21 ? -13.673 -2.943  -0.614  1.00 12.19 ? 21  GLU A C   1 
ATOM   163  O O   . GLU A 1 21 ? -13.260 -4.100  -0.750  1.00 10.91 ? 21  GLU A O   1 
ATOM   164  C CB  . GLU A 1 21 ? -15.279 -2.581  1.224   1.00 27.30 ? 21  GLU A CB  1 
ATOM   165  C CG  . GLU A 1 21 ? -16.651 -1.991  1.520   1.00 38.22 ? 21  GLU A CG  1 
ATOM   166  C CD  . GLU A 1 21 ? -16.580 -0.959  2.633   1.00 46.72 ? 21  GLU A CD  1 
ATOM   167  O OE1 . GLU A 1 21 ? -16.379 -1.329  3.806   1.00 51.55 ? 21  GLU A OE1 1 
ATOM   168  O OE2 . GLU A 1 21 ? -16.722 0.222   2.302   1.00 50.25 ? 21  GLU A OE2 1 
ATOM   169  N N   . ALA A 1 22 ? -12.865 -1.925  -0.774  1.00 12.99 ? 22  ALA A N   1 
ATOM   170  C CA  . ALA A 1 22 ? -11.491 -2.126  -1.185  1.00 12.72 ? 22  ALA A CA  1 
ATOM   171  C C   . ALA A 1 22 ? -10.626 -0.999  -0.678  1.00 11.80 ? 22  ALA A C   1 
ATOM   172  O O   . ALA A 1 22 ? -11.112 0.131   -0.497  1.00 11.92 ? 22  ALA A O   1 
ATOM   173  C CB  . ALA A 1 22 ? -11.377 -2.146  -2.697  1.00 17.12 ? 22  ALA A CB  1 
ATOM   174  N N   . LEU A 1 23 ? -9.373  -1.369  -0.436  1.00 6.42  ? 23  LEU A N   1 
ATOM   175  C CA  . LEU A 1 23 ? -8.362  -0.460  0.079   1.00 10.98 ? 23  LEU A CA  1 
ATOM   176  C C   . LEU A 1 23 ? -7.644  0.162   -1.090  1.00 7.70  ? 23  LEU A C   1 
ATOM   177  O O   . LEU A 1 23 ? -7.188  -0.536  -2.005  1.00 4.07  ? 23  LEU A O   1 
ATOM   178  C CB  . LEU A 1 23 ? -7.263  -1.155  0.894   1.00 12.13 ? 23  LEU A CB  1 
ATOM   179  C CG  . LEU A 1 23 ? -6.867  -0.883  2.354   1.00 15.75 ? 23  LEU A CG  1 
ATOM   180  C CD1 . LEU A 1 23 ? -5.455  -1.388  2.542   1.00 16.82 ? 23  LEU A CD1 1 
ATOM   181  C CD2 . LEU A 1 23 ? -6.817  0.565   2.686   1.00 10.42 ? 23  LEU A CD2 1 
ATOM   182  N N   . LEU A 1 24 ? -7.499  1.476   -1.016  1.00 11.52 ? 24  LEU A N   1 
ATOM   183  C CA  . LEU A 1 24 ? -6.748  2.262   -2.000  1.00 11.77 ? 24  LEU A CA  1 
ATOM   184  C C   . LEU A 1 24 ? -5.279  2.170   -1.549  1.00 9.45  ? 24  LEU A C   1 
ATOM   185  O O   . LEU A 1 24 ? -4.880  2.782   -0.570  1.00 9.38  ? 24  LEU A O   1 
ATOM   186  C CB  . LEU A 1 24 ? -7.259  3.682   -1.934  1.00 11.18 ? 24  LEU A CB  1 
ATOM   187  C CG  . LEU A 1 24 ? -8.217  4.231   -2.924  1.00 17.51 ? 24  LEU A CG  1 
ATOM   188  C CD1 . LEU A 1 24 ? -9.238  3.235   -3.413  1.00 14.72 ? 24  LEU A CD1 1 
ATOM   189  C CD2 . LEU A 1 24 ? -8.803  5.433   -2.235  1.00 17.51 ? 24  LEU A CD2 1 
ATOM   190  N N   . ASP A 1 25 ? -4.397  1.504   -2.248  1.00 10.20 ? 25  ASP A N   1 
ATOM   191  C CA  . ASP A 1 25 ? -3.085  1.149   -1.768  1.00 6.98  ? 25  ASP A CA  1 
ATOM   192  C C   . ASP A 1 25 ? -2.068  1.641   -2.780  1.00 11.18 ? 25  ASP A C   1 
ATOM   193  O O   . ASP A 1 25 ? -1.866  0.965   -3.803  1.00 6.54  ? 25  ASP A O   1 
ATOM   194  C CB  . ASP A 1 25 ? -3.165  -0.344  -1.651  1.00 9.79  ? 25  ASP A CB  1 
ATOM   195  C CG  . ASP A 1 25 ? -1.951  -1.143  -1.245  1.00 13.27 ? 25  ASP A CG  1 
ATOM   196  O OD1 . ASP A 1 25 ? -0.868  -0.627  -1.003  1.00 14.94 ? 25  ASP A OD1 1 
ATOM   197  O OD2 . ASP A 1 25 ? -2.131  -2.345  -1.156  1.00 18.56 ? 25  ASP A OD2 1 
ATOM   198  N N   . THR A 1 26 ? -1.389  2.782   -2.515  1.00 9.51  ? 26  THR A N   1 
ATOM   199  C CA  . THR A 1 26 ? -0.346  3.326   -3.409  1.00 5.65  ? 26  THR A CA  1 
ATOM   200  C C   . THR A 1 26 ? 0.910   2.467   -3.480  1.00 7.17  ? 26  THR A C   1 
ATOM   201  O O   . THR A 1 26 ? 1.802   2.600   -4.333  1.00 7.62  ? 26  THR A O   1 
ATOM   202  C CB  . THR A 1 26 ? -0.016  4.723   -2.922  1.00 6.76  ? 26  THR A CB  1 
ATOM   203  O OG1 . THR A 1 26 ? 0.177   4.695   -1.513  1.00 2.00  ? 26  THR A OG1 1 
ATOM   204  C CG2 . THR A 1 26 ? -1.171  5.655   -3.239  1.00 8.54  ? 26  THR A CG2 1 
ATOM   205  N N   . GLY A 1 27 ? 0.959   1.556   -2.508  1.00 6.53  ? 27  GLY A N   1 
ATOM   206  C CA  . GLY A 1 27 ? 2.035   0.625   -2.390  1.00 4.18  ? 27  GLY A CA  1 
ATOM   207  C C   . GLY A 1 27 ? 1.888   -0.542  -3.320  1.00 9.89  ? 27  GLY A C   1 
ATOM   208  O O   . GLY A 1 27 ? 2.861   -1.286  -3.503  1.00 10.77 ? 27  GLY A O   1 
ATOM   209  N N   . ALA A 1 28 ? 0.703   -0.784  -3.870  1.00 8.62  ? 28  ALA A N   1 
ATOM   210  C CA  . ALA A 1 28 ? 0.575   -1.916  -4.771  1.00 6.06  ? 28  ALA A CA  1 
ATOM   211  C C   . ALA A 1 28 ? 0.611   -1.479  -6.224  1.00 2.00  ? 28  ALA A C   1 
ATOM   212  O O   . ALA A 1 28 ? 0.042   -0.453  -6.595  1.00 5.44  ? 28  ALA A O   1 
ATOM   213  C CB  . ALA A 1 28 ? -0.722  -2.577  -4.472  1.00 11.18 ? 28  ALA A CB  1 
ATOM   214  N N   . ASP A 1 29 ? 1.270   -2.220  -7.087  1.00 7.03  ? 29  ASP A N   1 
ATOM   215  C CA  . ASP A 1 29 ? 1.267   -1.944  -8.523  1.00 9.56  ? 29  ASP A CA  1 
ATOM   216  C C   . ASP A 1 29 ? -0.002  -2.406  -9.242  1.00 9.07  ? 29  ASP A C   1 
ATOM   217  O O   . ASP A 1 29 ? -0.426  -1.760  -10.203 1.00 6.86  ? 29  ASP A O   1 
ATOM   218  C CB  . ASP A 1 29 ? 2.416   -2.642  -9.239  1.00 14.91 ? 29  ASP A CB  1 
ATOM   219  C CG  . ASP A 1 29 ? 3.814   -2.380  -8.672  1.00 23.10 ? 29  ASP A CG  1 
ATOM   220  O OD1 . ASP A 1 29 ? 4.097   -1.242  -8.259  1.00 16.09 ? 29  ASP A OD1 1 
ATOM   221  O OD2 . ASP A 1 29 ? 4.607   -3.339  -8.652  1.00 25.49 ? 29  ASP A OD2 1 
ATOM   222  N N   . ASP A 1 30 ? -0.583  -3.504  -8.740  1.00 9.98  ? 30  ASP A N   1 
ATOM   223  C CA  . ASP A 1 30 ? -1.682  -4.268  -9.319  1.00 10.44 ? 30  ASP A CA  1 
ATOM   224  C C   . ASP A 1 30 ? -2.872  -4.249  -8.430  1.00 9.73  ? 30  ASP A C   1 
ATOM   225  O O   . ASP A 1 30 ? -2.710  -3.940  -7.256  1.00 14.11 ? 30  ASP A O   1 
ATOM   226  C CB  . ASP A 1 30 ? -1.316  -5.713  -9.480  1.00 12.20 ? 30  ASP A CB  1 
ATOM   227  C CG  . ASP A 1 30 ? -0.095  -5.866  -10.369 1.00 18.14 ? 30  ASP A CG  1 
ATOM   228  O OD1 . ASP A 1 30 ? -0.148  -5.394  -11.502 1.00 21.56 ? 30  ASP A OD1 1 
ATOM   229  O OD2 . ASP A 1 30 ? 0.906   -6.436  -9.932  1.00 21.17 ? 30  ASP A OD2 1 
ATOM   230  N N   . THR A 1 31 ? -4.054  -4.510  -8.969  1.00 14.36 ? 31  THR A N   1 
ATOM   231  C CA  . THR A 1 31 ? -5.286  -4.603  -8.215  1.00 13.38 ? 31  THR A CA  1 
ATOM   232  C C   . THR A 1 31 ? -5.468  -6.100  -7.961  1.00 14.96 ? 31  THR A C   1 
ATOM   233  O O   . THR A 1 31 ? -5.370  -6.875  -8.914  1.00 16.09 ? 31  THR A O   1 
ATOM   234  C CB  . THR A 1 31 ? -6.403  -4.005  -9.081  1.00 14.59 ? 31  THR A CB  1 
ATOM   235  O OG1 . THR A 1 31 ? -6.080  -2.605  -9.095  1.00 10.33 ? 31  THR A OG1 1 
ATOM   236  C CG2 . THR A 1 31 ? -7.845  -4.362  -8.643  1.00 10.90 ? 31  THR A CG2 1 
ATOM   237  N N   . VAL A 1 32 ? -5.663  -6.577  -6.729  1.00 12.58 ? 32  VAL A N   1 
ATOM   238  C CA  . VAL A 1 32 ? -5.863  -7.998  -6.512  1.00 11.72 ? 32  VAL A CA  1 
ATOM   239  C C   . VAL A 1 32 ? -7.013  -8.052  -5.521  1.00 9.81  ? 32  VAL A C   1 
ATOM   240  O O   . VAL A 1 32 ? -7.186  -7.221  -4.631  1.00 9.80  ? 32  VAL A O   1 
ATOM   241  C CB  . VAL A 1 32 ? -4.447  -8.713  -6.107  1.00 10.92 ? 32  VAL A CB  1 
ATOM   242  C CG1 . VAL A 1 32 ? -3.475  -7.733  -5.543  1.00 10.72 ? 32  VAL A CG1 1 
ATOM   243  C CG2 . VAL A 1 32 ? -4.680  -9.916  -5.207  1.00 11.14 ? 32  VAL A CG2 1 
ATOM   244  N N   . LEU A 1 33 ? -7.962  -8.898  -5.899  1.00 9.62  ? 33  LEU A N   1 
ATOM   245  C CA  . LEU A 1 33 ? -9.233  -8.992  -5.225  1.00 10.38 ? 33  LEU A CA  1 
ATOM   246  C C   . LEU A 1 33 ? -9.414  -10.403 -4.729  1.00 5.88  ? 33  LEU A C   1 
ATOM   247  O O   . LEU A 1 33 ? -8.814  -11.317 -5.269  1.00 10.68 ? 33  LEU A O   1 
ATOM   248  C CB  . LEU A 1 33 ? -10.354 -8.646  -6.195  1.00 11.15 ? 33  LEU A CB  1 
ATOM   249  C CG  . LEU A 1 33 ? -10.505 -7.338  -6.974  1.00 12.36 ? 33  LEU A CG  1 
ATOM   250  C CD1 . LEU A 1 33 ? -11.681 -7.511  -7.856  1.00 17.06 ? 33  LEU A CD1 1 
ATOM   251  C CD2 . LEU A 1 33 ? -10.896 -6.155  -6.153  1.00 9.36  ? 33  LEU A CD2 1 
ATOM   252  N N   . GLU A 1 34 ? -10.163 -10.607 -3.662  1.00 11.58 ? 34  GLU A N   1 
ATOM   253  C CA  . GLU A 1 34 ? -10.528 -11.916 -3.153  1.00 17.93 ? 34  GLU A CA  1 
ATOM   254  C C   . GLU A 1 34 ? -11.161 -12.756 -4.234  1.00 20.67 ? 34  GLU A C   1 
ATOM   255  O O   . GLU A 1 34 ? -11.772 -12.286 -5.200  1.00 24.44 ? 34  GLU A O   1 
ATOM   256  C CB  . GLU A 1 34 ? -11.570 -11.863 -2.085  1.00 22.07 ? 34  GLU A CB  1 
ATOM   257  C CG  . GLU A 1 34 ? -11.103 -11.542 -0.709  1.00 30.69 ? 34  GLU A CG  1 
ATOM   258  C CD  . GLU A 1 34 ? -12.074 -10.635 0.040   1.00 36.95 ? 34  GLU A CD  1 
ATOM   259  O OE1 . GLU A 1 34 ? -13.291 -10.706 -0.229  1.00 37.69 ? 34  GLU A OE1 1 
ATOM   260  O OE2 . GLU A 1 34 ? -11.582 -9.840  0.865   1.00 35.52 ? 34  GLU A OE2 1 
ATOM   261  N N   . GLU A 1 35 ? -11.097 -14.038 -3.924  1.00 22.21 ? 35  GLU A N   1 
ATOM   262  C CA  . GLU A 1 35 ? -11.536 -15.059 -4.831  1.00 28.15 ? 35  GLU A CA  1 
ATOM   263  C C   . GLU A 1 35 ? -12.965 -14.803 -5.303  1.00 26.00 ? 35  GLU A C   1 
ATOM   264  O O   . GLU A 1 35 ? -13.860 -14.636 -4.475  1.00 23.21 ? 35  GLU A O   1 
ATOM   265  C CB  . GLU A 1 35 ? -11.348 -16.358 -4.070  1.00 33.87 ? 35  GLU A CB  1 
ATOM   266  C CG  . GLU A 1 35 ? -11.524 -17.650 -4.855  1.00 43.12 ? 35  GLU A CG  1 
ATOM   267  C CD  . GLU A 1 35 ? -10.874 -17.684 -6.240  1.00 48.51 ? 35  GLU A CD  1 
ATOM   268  O OE1 . GLU A 1 35 ? -9.725  -17.238 -6.426  1.00 50.25 ? 35  GLU A OE1 1 
ATOM   269  O OE2 . GLU A 1 35 ? -11.562 -18.181 -7.134  1.00 50.18 ? 35  GLU A OE2 1 
ATOM   270  N N   . MET A 1 36 ? -13.147 -14.620 -6.611  1.00 26.72 ? 36  MET A N   1 
ATOM   271  C CA  . MET A 1 36 ? -14.474 -14.403 -7.162  1.00 27.05 ? 36  MET A CA  1 
ATOM   272  C C   . MET A 1 36 ? -14.518 -14.911 -8.591  1.00 27.62 ? 36  MET A C   1 
ATOM   273  O O   . MET A 1 36 ? -13.486 -15.146 -9.217  1.00 25.84 ? 36  MET A O   1 
ATOM   274  C CB  . MET A 1 36 ? -14.856 -12.910 -7.116  1.00 24.65 ? 36  MET A CB  1 
ATOM   275  C CG  . MET A 1 36 ? -14.299 -11.950 -8.137  1.00 25.57 ? 36  MET A CG  1 
ATOM   276  S SD  . MET A 1 36 ? -14.923 -10.272 -7.831  1.00 29.74 ? 36  MET A SD  1 
ATOM   277  C CE  . MET A 1 36 ? -16.618 -10.193 -8.394  1.00 27.14 ? 36  MET A CE  1 
ATOM   278  N N   . ASN A 1 37 ? -15.702 -15.139 -9.134  1.00 29.83 ? 37  ASN A N   1 
ATOM   279  C CA  . ASN A 1 37 ? -15.789 -15.651 -10.479 1.00 31.71 ? 37  ASN A CA  1 
ATOM   280  C C   . ASN A 1 37 ? -16.143 -14.467 -11.334 1.00 33.02 ? 37  ASN A C   1 
ATOM   281  O O   . ASN A 1 37 ? -17.191 -13.832 -11.158 1.00 35.67 ? 37  ASN A O   1 
ATOM   282  C CB  . ASN A 1 37 ? -16.876 -16.687 -10.593 1.00 36.91 ? 37  ASN A CB  1 
ATOM   283  C CG  . ASN A 1 37 ? -16.572 -17.968 -9.817  1.00 42.78 ? 37  ASN A CG  1 
ATOM   284  O OD1 . ASN A 1 37 ? -17.066 -18.172 -8.703  1.00 47.42 ? 37  ASN A OD1 1 
ATOM   285  N ND2 . ASN A 1 37 ? -15.785 -18.908 -10.344 1.00 44.92 ? 37  ASN A ND2 1 
ATOM   286  N N   . LEU A 1 38 ? -15.201 -14.090 -12.180 1.00 29.97 ? 38  LEU A N   1 
ATOM   287  C CA  . LEU A 1 38 ? -15.497 -13.035 -13.130 1.00 27.81 ? 38  LEU A CA  1 
ATOM   288  C C   . LEU A 1 38 ? -15.556 -13.758 -14.486 1.00 28.65 ? 38  LEU A C   1 
ATOM   289  O O   . LEU A 1 38 ? -15.060 -14.893 -14.600 1.00 25.79 ? 38  LEU A O   1 
ATOM   290  C CB  . LEU A 1 38 ? -14.381 -11.956 -13.071 1.00 18.85 ? 38  LEU A CB  1 
ATOM   291  C CG  . LEU A 1 38 ? -14.322 -11.029 -11.876 1.00 15.43 ? 38  LEU A CG  1 
ATOM   292  C CD1 . LEU A 1 38 ? -12.978 -10.284 -11.826 1.00 13.91 ? 38  LEU A CD1 1 
ATOM   293  C CD2 . LEU A 1 38 ? -15.497 -10.090 -11.961 1.00 16.33 ? 38  LEU A CD2 1 
ATOM   294  N N   . PRO A 1 39 ? -16.180 -13.206 -15.529 1.00 29.30 ? 39  PRO A N   1 
ATOM   295  C CA  . PRO A 1 39 ? -16.126 -13.739 -16.871 1.00 33.06 ? 39  PRO A CA  1 
ATOM   296  C C   . PRO A 1 39 ? -14.896 -13.244 -17.589 1.00 32.36 ? 39  PRO A C   1 
ATOM   297  O O   . PRO A 1 39 ? -14.501 -12.081 -17.515 1.00 35.32 ? 39  PRO A O   1 
ATOM   298  C CB  . PRO A 1 39 ? -17.408 -13.277 -17.562 1.00 32.15 ? 39  PRO A CB  1 
ATOM   299  C CG  . PRO A 1 39 ? -18.029 -12.261 -16.619 1.00 31.18 ? 39  PRO A CG  1 
ATOM   300  C CD  . PRO A 1 39 ? -16.954 -11.974 -15.555 1.00 31.04 ? 39  PRO A CD  1 
ATOM   301  N N   . GLY A 1 40 ? -14.295 -14.175 -18.281 1.00 33.20 ? 40  GLY A N   1 
ATOM   302  C CA  . GLY A 1 40 ? -13.205 -13.863 -19.178 1.00 32.92 ? 40  GLY A CA  1 
ATOM   303  C C   . GLY A 1 40 ? -12.342 -15.094 -19.239 1.00 33.99 ? 40  GLY A C   1 
ATOM   304  O O   . GLY A 1 40 ? -12.545 -16.058 -18.483 1.00 36.78 ? 40  GLY A O   1 
ATOM   305  N N   . LYS A 1 41 ? -11.438 -15.145 -20.201 1.00 32.74 ? 41  LYS A N   1 
ATOM   306  C CA  . LYS A 1 41 ? -10.405 -16.155 -20.089 1.00 32.53 ? 41  LYS A CA  1 
ATOM   307  C C   . LYS A 1 41 ? -9.449  -15.519 -19.023 1.00 33.70 ? 41  LYS A C   1 
ATOM   308  O O   . LYS A 1 41 ? -9.428  -14.273 -18.806 1.00 31.00 ? 41  LYS A O   1 
ATOM   309  C CB  . LYS A 1 41 ? -9.703  -16.338 -21.442 1.00 29.88 ? 41  LYS A CB  1 
ATOM   310  N N   . TRP A 1 42 ? -8.731  -16.357 -18.269 1.00 26.33 ? 42  TRP A N   1 
ATOM   311  C CA  . TRP A 1 42 ? -7.778  -15.828 -17.345 1.00 26.76 ? 42  TRP A CA  1 
ATOM   312  C C   . TRP A 1 42 ? -6.520  -16.650 -17.477 1.00 28.01 ? 42  TRP A C   1 
ATOM   313  O O   . TRP A 1 42 ? -6.547  -17.832 -17.841 1.00 33.21 ? 42  TRP A O   1 
ATOM   314  C CB  . TRP A 1 42 ? -8.310  -15.851 -15.883 1.00 23.53 ? 42  TRP A CB  1 
ATOM   315  C CG  . TRP A 1 42 ? -8.716  -17.195 -15.399 1.00 25.42 ? 42  TRP A CG  1 
ATOM   316  C CD1 . TRP A 1 42 ? -10.023 -17.540 -15.467 1.00 26.86 ? 42  TRP A CD1 1 
ATOM   317  C CD2 . TRP A 1 42 ? -7.887  -18.186 -14.932 1.00 29.09 ? 42  TRP A CD2 1 
ATOM   318  N NE1 . TRP A 1 42 ? -10.043 -18.777 -15.049 1.00 26.96 ? 42  TRP A NE1 1 
ATOM   319  C CE2 . TRP A 1 42 ? -8.807  -19.208 -14.725 1.00 27.14 ? 42  TRP A CE2 1 
ATOM   320  C CE3 . TRP A 1 42 ? -6.532  -18.396 -14.654 1.00 30.33 ? 42  TRP A CE3 1 
ATOM   321  C CZ2 . TRP A 1 42 ? -8.384  -20.451 -14.242 1.00 26.87 ? 42  TRP A CZ2 1 
ATOM   322  C CZ3 . TRP A 1 42 ? -6.111  -19.634 -14.172 1.00 27.35 ? 42  TRP A CZ3 1 
ATOM   323  C CH2 . TRP A 1 42 ? -7.036  -20.652 -13.970 1.00 25.55 ? 42  TRP A CH2 1 
ATOM   324  N N   . LYS A 1 43 ? -5.390  -15.999 -17.231 1.00 26.83 ? 43  LYS A N   1 
ATOM   325  C CA  . LYS A 1 43 ? -4.097  -16.652 -17.267 1.00 26.46 ? 43  LYS A CA  1 
ATOM   326  C C   . LYS A 1 43 ? -3.721  -16.838 -15.773 1.00 26.05 ? 43  LYS A C   1 
ATOM   327  O O   . LYS A 1 43 ? -4.039  -15.997 -14.915 1.00 26.06 ? 43  LYS A O   1 
ATOM   328  C CB  . LYS A 1 43 ? -3.088  -15.728 -18.043 1.00 22.48 ? 43  LYS A CB  1 
ATOM   329  N N   . PRO A 1 44 ? -3.137  -17.942 -15.353 1.00 23.56 ? 44  PRO A N   1 
ATOM   330  C CA  . PRO A 1 44 ? -2.508  -18.063 -14.048 1.00 27.74 ? 44  PRO A CA  1 
ATOM   331  C C   . PRO A 1 44 ? -1.371  -17.081 -13.926 1.00 27.26 ? 44  PRO A C   1 
ATOM   332  O O   . PRO A 1 44 ? -0.612  -16.927 -14.880 1.00 25.42 ? 44  PRO A O   1 
ATOM   333  C CB  . PRO A 1 44 ? -2.035  -19.475 -13.972 1.00 29.09 ? 44  PRO A CB  1 
ATOM   334  C CG  . PRO A 1 44 ? -1.928  -19.883 -15.430 1.00 30.71 ? 44  PRO A CG  1 
ATOM   335  C CD  . PRO A 1 44 ? -3.078  -19.177 -16.105 1.00 28.27 ? 44  PRO A CD  1 
ATOM   336  N N   . LYS A 1 45 ? -1.208  -16.426 -12.795 1.00 26.75 ? 45  LYS A N   1 
ATOM   337  C CA  . LYS A 1 45 ? -0.123  -15.474 -12.669 1.00 28.18 ? 45  LYS A CA  1 
ATOM   338  C C   . LYS A 1 45 ? 0.495   -15.693 -11.299 1.00 24.01 ? 45  LYS A C   1 
ATOM   339  O O   . LYS A 1 45 ? -0.167  -16.273 -10.444 1.00 25.35 ? 45  LYS A O   1 
ATOM   340  C CB  . LYS A 1 45 ? -0.692  -14.074 -12.793 1.00 27.22 ? 45  LYS A CB  1 
ATOM   341  C CG  . LYS A 1 45 ? 0.444   -13.147 -13.071 1.00 30.79 ? 45  LYS A CG  1 
ATOM   342  C CD  . LYS A 1 45 ? 0.014   -11.733 -12.814 1.00 35.85 ? 45  LYS A CD  1 
ATOM   343  C CE  . LYS A 1 45 ? 1.240   -10.893 -13.141 1.00 42.74 ? 45  LYS A CE  1 
ATOM   344  N NZ  . LYS A 1 45 ? 0.901   -9.494  -13.346 1.00 46.71 ? 45  LYS A NZ  1 
ATOM   345  N N   . MET A 1 46 ? 1.711   -15.262 -11.043 1.00 25.43 ? 46  MET A N   1 
ATOM   346  C CA  . MET A 1 46 ? 2.336   -15.389 -9.733  1.00 32.81 ? 46  MET A CA  1 
ATOM   347  C C   . MET A 1 46 ? 2.760   -13.991 -9.317  1.00 31.49 ? 46  MET A C   1 
ATOM   348  O O   . MET A 1 46 ? 3.324   -13.289 -10.151 1.00 33.21 ? 46  MET A O   1 
ATOM   349  C CB  . MET A 1 46 ? 3.569   -16.232 -9.790  1.00 38.00 ? 46  MET A CB  1 
ATOM   350  C CG  . MET A 1 46 ? 3.388   -17.709 -10.014 1.00 43.44 ? 46  MET A CG  1 
ATOM   351  S SD  . MET A 1 46 ? 2.979   -18.545 -8.476  1.00 56.32 ? 46  MET A SD  1 
ATOM   352  C CE  . MET A 1 46 ? 2.153   -19.949 -9.173  1.00 50.36 ? 46  MET A CE  1 
ATOM   353  N N   . ILE A 1 47 ? 2.483   -13.493 -8.114  1.00 28.59 ? 47  ILE A N   1 
ATOM   354  C CA  . ILE A 1 47 ? 2.909   -12.153 -7.694  1.00 25.20 ? 47  ILE A CA  1 
ATOM   355  C C   . ILE A 1 47 ? 3.584   -12.264 -6.326  1.00 24.30 ? 47  ILE A C   1 
ATOM   356  O O   . ILE A 1 47 ? 3.624   -13.384 -5.827  1.00 23.43 ? 47  ILE A O   1 
ATOM   357  C CB  . ILE A 1 47 ? 1.706   -11.218 -7.563  1.00 25.06 ? 47  ILE A CB  1 
ATOM   358  C CG1 . ILE A 1 47 ? 0.682   -11.810 -6.611  1.00 20.60 ? 47  ILE A CG1 1 
ATOM   359  C CG2 . ILE A 1 47 ? 1.158   -10.936 -8.954  1.00 23.06 ? 47  ILE A CG2 1 
ATOM   360  C CD1 . ILE A 1 47 ? -0.187  -10.737 -5.910  1.00 21.50 ? 47  ILE A CD1 1 
ATOM   361  N N   . GLY A 1 48 ? 4.050   -11.226 -5.630  1.00 28.13 ? 48  GLY A N   1 
ATOM   362  C CA  . GLY A 1 48 ? 4.647   -11.355 -4.290  1.00 30.12 ? 48  GLY A CA  1 
ATOM   363  C C   . GLY A 1 48 ? 4.317   -10.154 -3.397  1.00 36.78 ? 48  GLY A C   1 
ATOM   364  O O   . GLY A 1 48 ? 4.001   -9.103  -3.951  1.00 41.34 ? 48  GLY A O   1 
ATOM   365  N N   . GLY A 1 49 ? 4.312   -10.198 -2.062  1.00 41.86 ? 49  GLY A N   1 
ATOM   366  C CA  . GLY A 1 49 ? 4.044   -9.047  -1.188  1.00 45.74 ? 49  GLY A CA  1 
ATOM   367  C C   . GLY A 1 49 ? 4.849   -9.206  0.119   1.00 50.30 ? 49  GLY A C   1 
ATOM   368  O O   . GLY A 1 49 ? 5.797   -10.013 0.129   1.00 54.54 ? 49  GLY A O   1 
ATOM   369  N N   . ILE A 1 50 ? 4.565   -8.486  1.230   1.00 49.14 ? 50  ILE A N   1 
ATOM   370  C CA  . ILE A 1 50 ? 5.194   -8.641  2.566   1.00 42.26 ? 50  ILE A CA  1 
ATOM   371  C C   . ILE A 1 50 ? 4.718   -9.988  3.118   1.00 42.73 ? 50  ILE A C   1 
ATOM   372  O O   . ILE A 1 50 ? 3.729   -10.133 3.852   1.00 47.75 ? 50  ILE A O   1 
ATOM   373  C CB  . ILE A 1 50 ? 4.751   -7.411  3.455   1.00 42.00 ? 50  ILE A CB  1 
ATOM   374  C CG1 . ILE A 1 50 ? 5.797   -6.344  3.214   1.00 44.40 ? 50  ILE A CG1 1 
ATOM   375  C CG2 . ILE A 1 50 ? 4.671   -7.648  4.965   1.00 40.69 ? 50  ILE A CG2 1 
ATOM   376  C CD1 . ILE A 1 50 ? 7.180   -6.575  3.896   1.00 46.69 ? 50  ILE A CD1 1 
ATOM   377  N N   . GLY A 1 51 ? 5.408   -11.027 2.691   1.00 35.49 ? 51  GLY A N   1 
ATOM   378  C CA  . GLY A 1 51 ? 5.059   -12.376 3.071   1.00 31.11 ? 51  GLY A CA  1 
ATOM   379  C C   . GLY A 1 51 ? 5.518   -13.171 1.890   1.00 34.31 ? 51  GLY A C   1 
ATOM   380  O O   . GLY A 1 51 ? 6.033   -14.277 2.024   1.00 35.43 ? 51  GLY A O   1 
ATOM   381  N N   . GLY A 1 52 ? 5.329   -12.645 0.689   1.00 34.60 ? 52  GLY A N   1 
ATOM   382  C CA  . GLY A 1 52 ? 5.976   -13.288 -0.426  1.00 39.48 ? 52  GLY A CA  1 
ATOM   383  C C   . GLY A 1 52 ? 5.072   -13.588 -1.582  1.00 42.73 ? 52  GLY A C   1 
ATOM   384  O O   . GLY A 1 52 ? 4.075   -12.898 -1.772  1.00 41.37 ? 52  GLY A O   1 
ATOM   385  N N   . PHE A 1 53 ? 5.524   -14.624 -2.297  1.00 44.44 ? 53  PHE A N   1 
ATOM   386  C CA  . PHE A 1 53 ? 4.974   -15.119 -3.546  1.00 48.12 ? 53  PHE A CA  1 
ATOM   387  C C   . PHE A 1 53 ? 3.630   -15.859 -3.543  1.00 47.49 ? 53  PHE A C   1 
ATOM   388  O O   . PHE A 1 53 ? 3.410   -16.619 -2.595  1.00 50.56 ? 53  PHE A O   1 
ATOM   389  C CB  . PHE A 1 53 ? 6.041   -15.986 -4.139  1.00 50.71 ? 53  PHE A CB  1 
ATOM   390  C CG  . PHE A 1 53 ? 6.329   -15.528 -5.540  1.00 55.01 ? 53  PHE A CG  1 
ATOM   391  C CD1 . PHE A 1 53 ? 6.862   -14.250 -5.745  1.00 57.66 ? 53  PHE A CD1 1 
ATOM   392  C CD2 . PHE A 1 53 ? 6.004   -16.368 -6.604  1.00 56.60 ? 53  PHE A CD2 1 
ATOM   393  C CE1 . PHE A 1 53 ? 7.072   -13.795 -7.048  1.00 61.04 ? 53  PHE A CE1 1 
ATOM   394  C CE2 . PHE A 1 53 ? 6.215   -15.910 -7.897  1.00 59.29 ? 53  PHE A CE2 1 
ATOM   395  C CZ  . PHE A 1 53 ? 6.744   -14.628 -8.121  1.00 62.61 ? 53  PHE A CZ  1 
ATOM   396  N N   . ILE A 1 54 ? 2.694   -15.675 -4.504  1.00 39.07 ? 54  ILE A N   1 
ATOM   397  C CA  . ILE A 1 54 ? 1.413   -16.394 -4.541  1.00 27.80 ? 54  ILE A CA  1 
ATOM   398  C C   . ILE A 1 54 ? 0.894   -16.507 -5.980  1.00 23.15 ? 54  ILE A C   1 
ATOM   399  O O   . ILE A 1 54 ? 1.339   -15.800 -6.876  1.00 23.51 ? 54  ILE A O   1 
ATOM   400  C CB  . ILE A 1 54 ? 0.267   -15.716 -3.688  1.00 24.37 ? 54  ILE A CB  1 
ATOM   401  C CG1 . ILE A 1 54 ? 0.013   -14.333 -4.174  1.00 23.50 ? 54  ILE A CG1 1 
ATOM   402  C CG2 . ILE A 1 54 ? 0.631   -15.608 -2.196  1.00 29.01 ? 54  ILE A CG2 1 
ATOM   403  C CD1 . ILE A 1 54 ? -1.361  -13.867 -3.680  1.00 26.55 ? 54  ILE A CD1 1 
ATOM   404  N N   . LYS A 1 55 ? -0.051  -17.412 -6.203  1.00 20.40 ? 55  LYS A N   1 
ATOM   405  C CA  . LYS A 1 55 ? -0.704  -17.651 -7.478  1.00 21.89 ? 55  LYS A CA  1 
ATOM   406  C C   . LYS A 1 55 ? -2.048  -16.925 -7.485  1.00 19.14 ? 55  LYS A C   1 
ATOM   407  O O   . LYS A 1 55 ? -2.796  -16.914 -6.491  1.00 18.84 ? 55  LYS A O   1 
ATOM   408  C CB  . LYS A 1 55 ? -0.969  -19.158 -7.707  1.00 21.39 ? 55  LYS A CB  1 
ATOM   409  N N   . VAL A 1 56 ? -2.284  -16.205 -8.590  1.00 16.85 ? 56  VAL A N   1 
ATOM   410  C CA  . VAL A 1 56 ? -3.517  -15.462 -8.795  1.00 14.26 ? 56  VAL A CA  1 
ATOM   411  C C   . VAL A 1 56 ? -4.054  -15.834 -10.176 1.00 14.43 ? 56  VAL A C   1 
ATOM   412  O O   . VAL A 1 56 ? -3.401  -16.554 -10.949 1.00 11.01 ? 56  VAL A O   1 
ATOM   413  C CB  . VAL A 1 56 ? -3.277  -13.936 -8.718  1.00 11.16 ? 56  VAL A CB  1 
ATOM   414  C CG1 . VAL A 1 56 ? -2.908  -13.603 -7.263  1.00 15.55 ? 56  VAL A CG1 1 
ATOM   415  C CG2 . VAL A 1 56 ? -2.183  -13.473 -9.652  1.00 10.67 ? 56  VAL A CG2 1 
ATOM   416  N N   . ARG A 1 57 ? -5.262  -15.367 -10.434 1.00 11.30 ? 57  ARG A N   1 
ATOM   417  C CA  . ARG A 1 57 ? -5.914  -15.538 -11.699 1.00 11.78 ? 57  ARG A CA  1 
ATOM   418  C C   . ARG A 1 57 ? -5.859  -14.166 -12.307 1.00 9.50  ? 57  ARG A C   1 
ATOM   419  O O   . ARG A 1 57 ? -6.366  -13.260 -11.655 1.00 14.10 ? 57  ARG A O   1 
ATOM   420  C CB  . ARG A 1 57 ? -7.381  -15.965 -11.531 1.00 11.88 ? 57  ARG A CB  1 
ATOM   421  C CG  . ARG A 1 57 ? -7.396  -17.464 -11.255 1.00 23.58 ? 57  ARG A CG  1 
ATOM   422  C CD  . ARG A 1 57 ? -8.711  -18.214 -11.265 1.00 25.81 ? 57  ARG A CD  1 
ATOM   423  N NE  . ARG A 1 57 ? -9.506  -17.672 -10.208 1.00 34.79 ? 57  ARG A NE  1 
ATOM   424  C CZ  . ARG A 1 57 ? -10.780 -17.356 -10.381 1.00 43.09 ? 57  ARG A CZ  1 
ATOM   425  N NH1 . ARG A 1 57 ? -11.460 -17.641 -11.489 1.00 50.45 ? 57  ARG A NH1 1 
ATOM   426  N NH2 . ARG A 1 57 ? -11.422 -16.759 -9.394  1.00 47.15 ? 57  ARG A NH2 1 
ATOM   427  N N   . GLN A 1 58 ? -5.271  -13.920 -13.472 1.00 6.69  ? 58  GLN A N   1 
ATOM   428  C CA  . GLN A 1 58 ? -5.324  -12.589 -14.024 1.00 11.25 ? 58  GLN A CA  1 
ATOM   429  C C   . GLN A 1 58 ? -6.473  -12.399 -15.004 1.00 12.44 ? 58  GLN A C   1 
ATOM   430  O O   . GLN A 1 58 ? -6.626  -13.211 -15.898 1.00 13.85 ? 58  GLN A O   1 
ATOM   431  C CB  . GLN A 1 58 ? -4.025  -12.304 -14.712 1.00 12.13 ? 58  GLN A CB  1 
ATOM   432  C CG  . GLN A 1 58 ? -4.058  -11.038 -15.557 1.00 15.33 ? 58  GLN A CG  1 
ATOM   433  C CD  . GLN A 1 58 ? -2.744  -10.784 -16.262 1.00 22.64 ? 58  GLN A CD  1 
ATOM   434  O OE1 . GLN A 1 58 ? -1.716  -11.413 -16.039 1.00 22.05 ? 58  GLN A OE1 1 
ATOM   435  N NE2 . GLN A 1 58 ? -2.719  -9.806  -17.137 1.00 25.59 ? 58  GLN A NE2 1 
ATOM   436  N N   . TYR A 1 59 ? -7.243  -11.327 -14.923 1.00 16.54 ? 59  TYR A N   1 
ATOM   437  C CA  . TYR A 1 59 ? -8.313  -10.961 -15.845 1.00 16.96 ? 59  TYR A CA  1 
ATOM   438  C C   . TYR A 1 59 ? -8.012  -9.601  -16.459 1.00 14.58 ? 59  TYR A C   1 
ATOM   439  O O   . TYR A 1 59 ? -7.732  -8.648  -15.738 1.00 11.79 ? 59  TYR A O   1 
ATOM   440  C CB  . TYR A 1 59 ? -9.661  -10.818 -15.149 1.00 16.41 ? 59  TYR A CB  1 
ATOM   441  C CG  . TYR A 1 59 ? -10.208 -12.122 -14.603 1.00 21.13 ? 59  TYR A CG  1 
ATOM   442  C CD1 . TYR A 1 59 ? -9.882  -12.539 -13.312 1.00 17.60 ? 59  TYR A CD1 1 
ATOM   443  C CD2 . TYR A 1 59 ? -11.088 -12.872 -15.392 1.00 21.80 ? 59  TYR A CD2 1 
ATOM   444  C CE1 . TYR A 1 59 ? -10.449 -13.697 -12.797 1.00 20.32 ? 59  TYR A CE1 1 
ATOM   445  C CE2 . TYR A 1 59 ? -11.659 -14.033 -14.877 1.00 21.56 ? 59  TYR A CE2 1 
ATOM   446  C CZ  . TYR A 1 59 ? -11.343 -14.434 -13.576 1.00 23.07 ? 59  TYR A CZ  1 
ATOM   447  O OH  . TYR A 1 59 ? -12.032 -15.495 -13.016 1.00 25.01 ? 59  TYR A OH  1 
ATOM   448  N N   . ASP A 1 60 ? -8.062  -9.475  -17.778 1.00 17.31 ? 60  ASP A N   1 
ATOM   449  C CA  . ASP A 1 60 ? -7.841  -8.214  -18.457 1.00 23.33 ? 60  ASP A CA  1 
ATOM   450  C C   . ASP A 1 60 ? -9.097  -7.466  -18.834 1.00 22.69 ? 60  ASP A C   1 
ATOM   451  O O   . ASP A 1 60 ? -10.172 -8.040  -18.963 1.00 22.27 ? 60  ASP A O   1 
ATOM   452  C CB  . ASP A 1 60 ? -7.018  -8.441  -19.712 1.00 25.97 ? 60  ASP A CB  1 
ATOM   453  C CG  . ASP A 1 60 ? -5.678  -9.043  -19.329 1.00 26.68 ? 60  ASP A CG  1 
ATOM   454  O OD1 . ASP A 1 60 ? -5.042  -8.536  -18.408 1.00 29.10 ? 60  ASP A OD1 1 
ATOM   455  O OD2 . ASP A 1 60 ? -5.279  -10.029 -19.942 1.00 33.38 ? 60  ASP A OD2 1 
ATOM   456  N N   . GLN A 1 61 ? -8.921  -6.155  -18.942 1.00 20.98 ? 61  GLN A N   1 
ATOM   457  C CA  . GLN A 1 61 ? -9.962  -5.238  -19.330 1.00 24.17 ? 61  GLN A CA  1 
ATOM   458  C C   . GLN A 1 61 ? -11.292 -5.347  -18.602 1.00 22.92 ? 61  GLN A C   1 
ATOM   459  O O   . GLN A 1 61 ? -12.361 -5.218  -19.192 1.00 24.32 ? 61  GLN A O   1 
ATOM   460  C CB  . GLN A 1 61 ? -10.191 -5.346  -20.859 1.00 30.15 ? 61  GLN A CB  1 
ATOM   461  C CG  . GLN A 1 61 ? -8.958  -5.108  -21.755 1.00 38.10 ? 61  GLN A CG  1 
ATOM   462  C CD  . GLN A 1 61 ? -8.200  -3.792  -21.564 1.00 43.59 ? 61  GLN A CD  1 
ATOM   463  O OE1 . GLN A 1 61 ? -8.600  -2.916  -20.801 1.00 48.93 ? 61  GLN A OE1 1 
ATOM   464  N NE2 . GLN A 1 61 ? -7.050  -3.569  -22.192 1.00 46.20 ? 61  GLN A NE2 1 
ATOM   465  N N   . ILE A 1 62 ? -11.228 -5.460  -17.278 1.00 20.55 ? 62  ILE A N   1 
ATOM   466  C CA  . ILE A 1 62 ? -12.399 -5.532  -16.422 1.00 16.33 ? 62  ILE A CA  1 
ATOM   467  C C   . ILE A 1 62 ? -12.791 -4.099  -16.120 1.00 14.11 ? 62  ILE A C   1 
ATOM   468  O O   . ILE A 1 62 ? -11.952 -3.299  -15.721 1.00 17.60 ? 62  ILE A O   1 
ATOM   469  C CB  . ILE A 1 62 ? -12.056 -6.309  -15.091 1.00 15.86 ? 62  ILE A CB  1 
ATOM   470  C CG1 . ILE A 1 62 ? -11.619 -7.721  -15.396 1.00 19.60 ? 62  ILE A CG1 1 
ATOM   471  C CG2 . ILE A 1 62 ? -13.263 -6.394  -14.195 1.00 10.21 ? 62  ILE A CG2 1 
ATOM   472  C CD1 . ILE A 1 62 ? -12.581 -8.508  -16.365 1.00 21.89 ? 62  ILE A CD1 1 
ATOM   473  N N   . PRO A 1 63 ? -14.039 -3.711  -16.265 1.00 15.44 ? 63  PRO A N   1 
ATOM   474  C CA  . PRO A 1 63 ? -14.557 -2.442  -15.791 1.00 17.06 ? 63  PRO A CA  1 
ATOM   475  C C   . PRO A 1 63 ? -14.789 -2.472  -14.282 1.00 19.48 ? 63  PRO A C   1 
ATOM   476  O O   . PRO A 1 63 ? -15.424 -3.428  -13.780 1.00 21.35 ? 63  PRO A O   1 
ATOM   477  C CB  . PRO A 1 63 ? -15.848 -2.231  -16.582 1.00 18.84 ? 63  PRO A CB  1 
ATOM   478  C CG  . PRO A 1 63 ? -15.836 -3.332  -17.652 1.00 19.52 ? 63  PRO A CG  1 
ATOM   479  C CD  . PRO A 1 63 ? -15.084 -4.466  -16.961 1.00 17.50 ? 63  PRO A CD  1 
ATOM   480  N N   . VAL A 1 64 ? -14.371 -1.414  -13.574 1.00 13.95 ? 64  VAL A N   1 
ATOM   481  C CA  . VAL A 1 64 ? -14.477 -1.327  -12.124 1.00 7.99  ? 64  VAL A CA  1 
ATOM   482  C C   . VAL A 1 64 ? -14.972 0.079   -11.884 1.00 12.12 ? 64  VAL A C   1 
ATOM   483  O O   . VAL A 1 64 ? -14.518 1.010   -12.571 1.00 18.59 ? 64  VAL A O   1 
ATOM   484  C CB  . VAL A 1 64 ? -13.088 -1.487  -11.481 1.00 9.25  ? 64  VAL A CB  1 
ATOM   485  C CG1 . VAL A 1 64 ? -13.264 -1.492  -10.002 1.00 8.90  ? 64  VAL A CG1 1 
ATOM   486  C CG2 . VAL A 1 64 ? -12.393 -2.788  -11.898 1.00 10.02 ? 64  VAL A CG2 1 
ATOM   487  N N   . GLU A 1 65 ? -15.914 0.319   -10.991 1.00 14.44 ? 65  GLU A N   1 
ATOM   488  C CA  . GLU A 1 65 ? -16.278 1.674   -10.616 1.00 14.89 ? 65  GLU A CA  1 
ATOM   489  C C   . GLU A 1 65 ? -15.775 1.912   -9.220  1.00 13.76 ? 65  GLU A C   1 
ATOM   490  O O   . GLU A 1 65 ? -16.069 1.080   -8.363  1.00 12.25 ? 65  GLU A O   1 
ATOM   491  C CB  . GLU A 1 65 ? -17.736 1.873   -10.567 1.00 22.94 ? 65  GLU A CB  1 
ATOM   492  C CG  . GLU A 1 65 ? -18.377 2.122   -11.899 1.00 35.49 ? 65  GLU A CG  1 
ATOM   493  C CD  . GLU A 1 65 ? -19.647 2.950   -11.713 1.00 44.12 ? 65  GLU A CD  1 
ATOM   494  O OE1 . GLU A 1 65 ? -20.519 2.565   -10.914 1.00 44.15 ? 65  GLU A OE1 1 
ATOM   495  O OE2 . GLU A 1 65 ? -19.733 4.000   -12.366 1.00 47.78 ? 65  GLU A OE2 1 
ATOM   496  N N   . ILE A 1 66 ? -15.042 2.996   -8.952  1.00 14.42 ? 66  ILE A N   1 
ATOM   497  C CA  . ILE A 1 66 ? -14.413 3.308   -7.664  1.00 15.99 ? 66  ILE A CA  1 
ATOM   498  C C   . ILE A 1 66 ? -14.985 4.662   -7.260  1.00 18.68 ? 66  ILE A C   1 
ATOM   499  O O   . ILE A 1 66 ? -14.610 5.688   -7.833  1.00 14.81 ? 66  ILE A O   1 
ATOM   500  C CB  . ILE A 1 66 ? -12.839 3.355   -7.846  1.00 16.28 ? 66  ILE A CB  1 
ATOM   501  C CG1 . ILE A 1 66 ? -12.316 1.975   -8.194  1.00 15.19 ? 66  ILE A CG1 1 
ATOM   502  C CG2 . ILE A 1 66 ? -12.149 3.772   -6.564  1.00 10.68 ? 66  ILE A CG2 1 
ATOM   503  C CD1 . ILE A 1 66 ? -11.175 1.910   -9.219  1.00 17.42 ? 66  ILE A CD1 1 
ATOM   504  N N   . CYS A 1 67 ? -15.953 4.713   -6.329  1.00 21.77 ? 67  CYS A N   1 
ATOM   505  C CA  . CYS A 1 67 ? -16.646 5.944   -5.963  1.00 23.56 ? 67  CYS A CA  1 
ATOM   506  C C   . CYS A 1 67 ? -17.284 6.618   -7.172  1.00 23.87 ? 67  CYS A C   1 
ATOM   507  O O   . CYS A 1 67 ? -17.210 7.831   -7.385  1.00 25.83 ? 67  CYS A O   1 
ATOM   508  C CB  . CYS A 1 67 ? -15.697 6.929   -5.325  1.00 29.27 ? 67  CYS A CB  1 
ATOM   509  S SG  . CYS A 1 67 ? -15.013 6.201   -3.852  1.00 34.72 ? 67  CYS A SG  1 
ATOM   510  N N   . GLY A 1 68 ? -17.856 5.819   -8.064  1.00 24.39 ? 68  GLY A N   1 
ATOM   511  C CA  . GLY A 1 68 ? -18.477 6.371   -9.260  1.00 25.44 ? 68  GLY A CA  1 
ATOM   512  C C   . GLY A 1 68 ? -17.490 6.882   -10.304 1.00 23.17 ? 68  GLY A C   1 
ATOM   513  O O   . GLY A 1 68 ? -17.891 7.621   -11.185 1.00 27.89 ? 68  GLY A O   1 
ATOM   514  N N   . HIS A 1 69 ? -16.198 6.596   -10.242 1.00 18.53 ? 69  HIS A N   1 
ATOM   515  C CA  . HIS A 1 69 ? -15.279 6.964   -11.311 1.00 18.01 ? 69  HIS A CA  1 
ATOM   516  C C   . HIS A 1 69 ? -15.039 5.635   -11.982 1.00 20.74 ? 69  HIS A C   1 
ATOM   517  O O   . HIS A 1 69 ? -14.796 4.657   -11.256 1.00 25.30 ? 69  HIS A O   1 
ATOM   518  C CB  . HIS A 1 69 ? -13.946 7.476   -10.789 1.00 19.72 ? 69  HIS A CB  1 
ATOM   519  C CG  . HIS A 1 69 ? -14.056 8.834   -10.115 1.00 24.07 ? 69  HIS A CG  1 
ATOM   520  N ND1 . HIS A 1 69 ? -14.820 9.237   -9.090  1.00 26.32 ? 69  HIS A ND1 1 
ATOM   521  C CD2 . HIS A 1 69 ? -13.310 9.913   -10.521 1.00 23.70 ? 69  HIS A CD2 1 
ATOM   522  C CE1 . HIS A 1 69 ? -14.552 10.502  -8.880  1.00 24.28 ? 69  HIS A CE1 1 
ATOM   523  N NE2 . HIS A 1 69 ? -13.640 10.900  -9.741  1.00 24.55 ? 69  HIS A NE2 1 
ATOM   524  N N   . LYS A 1 70 ? -15.075 5.486   -13.296 1.00 19.34 ? 70  LYS A N   1 
ATOM   525  C CA  . LYS A 1 70 ? -14.837 4.175   -13.820 1.00 20.50 ? 70  LYS A CA  1 
ATOM   526  C C   . LYS A 1 70 ? -13.433 4.005   -14.378 1.00 17.00 ? 70  LYS A C   1 
ATOM   527  O O   . LYS A 1 70 ? -12.790 4.950   -14.834 1.00 11.53 ? 70  LYS A O   1 
ATOM   528  C CB  . LYS A 1 70 ? -15.922 3.868   -14.850 1.00 26.69 ? 70  LYS A CB  1 
ATOM   529  C CG  . LYS A 1 70 ? -16.342 4.910   -15.860 1.00 35.14 ? 70  LYS A CG  1 
ATOM   530  C CD  . LYS A 1 70 ? -17.530 4.363   -16.676 1.00 44.25 ? 70  LYS A CD  1 
ATOM   531  C CE  . LYS A 1 70 ? -17.237 3.244   -17.729 1.00 48.29 ? 70  LYS A CE  1 
ATOM   532  N NZ  . LYS A 1 70 ? -17.005 1.906   -17.190 1.00 50.30 ? 70  LYS A NZ  1 
ATOM   533  N N   . ALA A 1 71 ? -12.944 2.787   -14.202 1.00 10.26 ? 71  ALA A N   1 
ATOM   534  C CA  . ALA A 1 71 ? -11.640 2.408   -14.666 1.00 13.54 ? 71  ALA A CA  1 
ATOM   535  C C   . ALA A 1 71 ? -11.876 1.132   -15.476 1.00 9.93  ? 71  ALA A C   1 
ATOM   536  O O   . ALA A 1 71 ? -12.924 0.513   -15.279 1.00 13.33 ? 71  ALA A O   1 
ATOM   537  C CB  . ALA A 1 71 ? -10.732 2.128   -13.466 1.00 9.41  ? 71  ALA A CB  1 
ATOM   538  N N   . ILE A 1 72 ? -11.023 0.726   -16.432 1.00 10.42 ? 72  ILE A N   1 
ATOM   539  C CA  . ILE A 1 72 ? -11.153 -0.540  -17.178 1.00 10.32 ? 72  ILE A CA  1 
ATOM   540  C C   . ILE A 1 72 ? -9.718  -1.098  -17.233 1.00 8.64  ? 72  ILE A C   1 
ATOM   541  O O   . ILE A 1 72 ? -8.819  -0.448  -17.757 1.00 9.98  ? 72  ILE A O   1 
ATOM   542  C CB  . ILE A 1 72 ? -11.712 -0.331  -18.656 1.00 6.55  ? 72  ILE A CB  1 
ATOM   543  C CG1 . ILE A 1 72 ? -13.060 0.368   -18.650 1.00 8.39  ? 72  ILE A CG1 1 
ATOM   544  C CG2 . ILE A 1 72 ? -11.897 -1.684  -19.317 1.00 7.90  ? 72  ILE A CG2 1 
ATOM   545  C CD1 . ILE A 1 72 ? -13.379 1.119   -19.945 1.00 10.51 ? 72  ILE A CD1 1 
ATOM   546  N N   . GLY A 1 73 ? -9.406  -2.272  -16.701 1.00 9.60  ? 73  GLY A N   1 
ATOM   547  C CA  . GLY A 1 73 ? -8.050  -2.745  -16.684 1.00 8.62  ? 73  GLY A CA  1 
ATOM   548  C C   . GLY A 1 73 ? -7.994  -4.097  -16.024 1.00 11.16 ? 73  GLY A C   1 
ATOM   549  O O   . GLY A 1 73 ? -8.992  -4.735  -15.743 1.00 10.21 ? 73  GLY A O   1 
ATOM   550  N N   . THR A 1 74 ? -6.759  -4.531  -15.867 1.00 16.57 ? 74  THR A N   1 
ATOM   551  C CA  . THR A 1 74 ? -6.397  -5.825  -15.306 1.00 15.39 ? 74  THR A CA  1 
ATOM   552  C C   . THR A 1 74 ? -6.805  -5.908  -13.840 1.00 17.80 ? 74  THR A C   1 
ATOM   553  O O   . THR A 1 74 ? -6.673  -4.914  -13.095 1.00 17.78 ? 74  THR A O   1 
ATOM   554  C CB  . THR A 1 74 ? -4.846  -5.988  -15.497 1.00 14.25 ? 74  THR A CB  1 
ATOM   555  O OG1 . THR A 1 74 ? -4.556  -5.929  -16.900 1.00 17.54 ? 74  THR A OG1 1 
ATOM   556  C CG2 . THR A 1 74 ? -4.334  -7.301  -14.940 1.00 17.40 ? 74  THR A CG2 1 
ATOM   557  N N   . VAL A 1 75 ? -7.243  -7.095  -13.429 1.00 15.15 ? 75  VAL A N   1 
ATOM   558  C CA  . VAL A 1 75 ? -7.643  -7.399  -12.061 1.00 15.60 ? 75  VAL A CA  1 
ATOM   559  C C   . VAL A 1 75 ? -7.100  -8.806  -11.845 1.00 15.58 ? 75  VAL A C   1 
ATOM   560  O O   . VAL A 1 75 ? -7.172  -9.680  -12.713 1.00 12.91 ? 75  VAL A O   1 
ATOM   561  C CB  . VAL A 1 75 ? -9.189  -7.363  -11.941 1.00 19.71 ? 75  VAL A CB  1 
ATOM   562  C CG1 . VAL A 1 75 ? -9.649  -7.941  -10.629 1.00 16.40 ? 75  VAL A CG1 1 
ATOM   563  C CG2 . VAL A 1 75 ? -9.663  -5.904  -12.053 1.00 16.59 ? 75  VAL A CG2 1 
ATOM   564  N N   . LEU A 1 76 ? -6.432  -8.993  -10.733 1.00 12.26 ? 76  LEU A N   1 
ATOM   565  C CA  . LEU A 1 76 ? -5.856  -10.283 -10.362 1.00 9.96  ? 76  LEU A CA  1 
ATOM   566  C C   . LEU A 1 76 ? -6.791  -10.742 -9.243  1.00 11.89 ? 76  LEU A C   1 
ATOM   567  O O   . LEU A 1 76 ? -7.293  -9.888  -8.496  1.00 12.48 ? 76  LEU A O   1 
ATOM   568  C CB  . LEU A 1 76 ? -4.459  -10.065 -9.824  1.00 8.97  ? 76  LEU A CB  1 
ATOM   569  C CG  . LEU A 1 76 ? -3.501  -9.301  -10.718 1.00 10.76 ? 76  LEU A CG  1 
ATOM   570  C CD1 . LEU A 1 76 ? -2.272  -8.982  -9.911  1.00 5.85  ? 76  LEU A CD1 1 
ATOM   571  C CD2 . LEU A 1 76 ? -3.177  -10.126 -11.980 1.00 6.02  ? 76  LEU A CD2 1 
ATOM   572  N N   . VAL A 1 77 ? -7.096  -12.031 -9.095  1.00 12.91 ? 77  VAL A N   1 
ATOM   573  C CA  . VAL A 1 77 ? -7.990  -12.545 -8.074  1.00 6.99  ? 77  VAL A CA  1 
ATOM   574  C C   . VAL A 1 77 ? -7.209  -13.633 -7.322  1.00 10.59 ? 77  VAL A C   1 
ATOM   575  O O   . VAL A 1 77 ? -6.613  -14.529 -7.934  1.00 8.37  ? 77  VAL A O   1 
ATOM   576  C CB  . VAL A 1 77 ? -9.260  -13.036 -8.817  1.00 10.36 ? 77  VAL A CB  1 
ATOM   577  C CG1 . VAL A 1 77 ? -10.153 -13.904 -7.938  1.00 16.06 ? 77  VAL A CG1 1 
ATOM   578  C CG2 . VAL A 1 77 ? -10.112 -11.814 -9.172  1.00 7.76  ? 77  VAL A CG2 1 
ATOM   579  N N   . GLY A 1 78 ? -7.094  -13.548 -5.995  1.00 7.72  ? 78  GLY A N   1 
ATOM   580  C CA  . GLY A 1 78 ? -6.372  -14.563 -5.269  1.00 7.51  ? 78  GLY A CA  1 
ATOM   581  C C   . GLY A 1 78 ? -6.401  -14.268 -3.788  1.00 9.78  ? 78  GLY A C   1 
ATOM   582  O O   . GLY A 1 78 ? -7.118  -13.380 -3.342  1.00 9.46  ? 78  GLY A O   1 
ATOM   583  N N   . PRO A 1 79 ? -5.652  -14.981 -2.962  1.00 15.37 ? 79  PRO A N   1 
ATOM   584  C CA  . PRO A 1 79 ? -5.754  -14.921 -1.498  1.00 15.94 ? 79  PRO A CA  1 
ATOM   585  C C   . PRO A 1 79 ? -5.110  -13.661 -0.918  1.00 19.28 ? 79  PRO A C   1 
ATOM   586  O O   . PRO A 1 79 ? -3.949  -13.654 -0.557  1.00 21.56 ? 79  PRO A O   1 
ATOM   587  C CB  . PRO A 1 79 ? -5.100  -16.220 -1.054  1.00 9.07  ? 79  PRO A CB  1 
ATOM   588  C CG  . PRO A 1 79 ? -4.028  -16.411 -2.091  1.00 11.70 ? 79  PRO A CG  1 
ATOM   589  C CD  . PRO A 1 79 ? -4.639  -15.949 -3.408  1.00 12.01 ? 79  PRO A CD  1 
ATOM   590  N N   . THR A 1 80 ? -5.811  -12.557 -0.813  1.00 22.79 ? 80  THR A N   1 
ATOM   591  C CA  . THR A 1 80 ? -5.294  -11.313 -0.305  1.00 17.41 ? 80  THR A CA  1 
ATOM   592  C C   . THR A 1 80 ? -6.045  -11.106 0.994   1.00 15.03 ? 80  THR A C   1 
ATOM   593  O O   . THR A 1 80 ? -7.222  -11.445 1.120   1.00 11.76 ? 80  THR A O   1 
ATOM   594  C CB  . THR A 1 80 ? -5.574  -10.176 -1.348  1.00 19.67 ? 80  THR A CB  1 
ATOM   595  O OG1 . THR A 1 80 ? -5.035  -8.989  -0.801  1.00 14.62 ? 80  THR A OG1 1 
ATOM   596  C CG2 . THR A 1 80 ? -7.056  -9.969  -1.670  1.00 15.34 ? 80  THR A CG2 1 
ATOM   597  N N   . PRO A 1 81 ? -5.357  -10.609 2.016   1.00 18.14 ? 81  PRO A N   1 
ATOM   598  C CA  . PRO A 1 81 ? -5.967  -10.182 3.263   1.00 14.90 ? 81  PRO A CA  1 
ATOM   599  C C   . PRO A 1 81 ? -7.141  -9.237  3.113   1.00 18.67 ? 81  PRO A C   1 
ATOM   600  O O   . PRO A 1 81 ? -8.065  -9.285  3.929   1.00 24.34 ? 81  PRO A O   1 
ATOM   601  C CB  . PRO A 1 81 ? -4.812  -9.569  4.040   1.00 15.71 ? 81  PRO A CB  1 
ATOM   602  C CG  . PRO A 1 81 ? -3.666  -9.394  3.039   1.00 16.10 ? 81  PRO A CG  1 
ATOM   603  C CD  . PRO A 1 81 ? -3.884  -10.555 2.092   1.00 14.21 ? 81  PRO A CD  1 
ATOM   604  N N   . VAL A 1 82 ? -7.134  -8.357  2.092   1.00 19.04 ? 82  VAL A N   1 
ATOM   605  C CA  . VAL A 1 82 ? -8.152  -7.324  1.865   1.00 14.30 ? 82  VAL A CA  1 
ATOM   606  C C   . VAL A 1 82 ? -8.110  -6.989  0.386   1.00 13.87 ? 82  VAL A C   1 
ATOM   607  O O   . VAL A 1 82 ? -7.040  -7.053  -0.225  1.00 15.82 ? 82  VAL A O   1 
ATOM   608  C CB  . VAL A 1 82 ? -7.840  -6.048  2.694   1.00 16.22 ? 82  VAL A CB  1 
ATOM   609  C CG1 . VAL A 1 82 ? -6.375  -5.628  2.536   1.00 13.71 ? 82  VAL A CG1 1 
ATOM   610  C CG2 . VAL A 1 82 ? -8.763  -4.915  2.230   1.00 20.83 ? 82  VAL A CG2 1 
ATOM   611  N N   . ASN A 1 83 ? -9.241  -6.640  -0.219  1.00 12.86 ? 83  ASN A N   1 
ATOM   612  C CA  . ASN A 1 83 ? -9.245  -6.254  -1.622  1.00 10.45 ? 83  ASN A CA  1 
ATOM   613  C C   . ASN A 1 83 ? -8.452  -4.964  -1.716  1.00 7.64  ? 83  ASN A C   1 
ATOM   614  O O   . ASN A 1 83 ? -8.635  -4.081  -0.878  1.00 12.26 ? 83  ASN A O   1 
ATOM   615  C CB  . ASN A 1 83 ? -10.642 -5.957  -2.148  1.00 10.59 ? 83  ASN A CB  1 
ATOM   616  C CG  . ASN A 1 83 ? -11.532 -7.173  -2.090  1.00 17.86 ? 83  ASN A CG  1 
ATOM   617  O OD1 . ASN A 1 83 ? -11.116 -8.309  -2.361  1.00 17.21 ? 83  ASN A OD1 1 
ATOM   618  N ND2 . ASN A 1 83 ? -12.778 -6.920  -1.722  1.00 18.22 ? 83  ASN A ND2 1 
ATOM   619  N N   . ILE A 1 84 ? -7.601  -4.777  -2.709  1.00 7.25  ? 84  ILE A N   1 
ATOM   620  C CA  . ILE A 1 84 ? -6.864  -3.546  -2.844  1.00 7.87  ? 84  ILE A CA  1 
ATOM   621  C C   . ILE A 1 84 ? -6.959  -3.167  -4.286  1.00 10.16 ? 84  ILE A C   1 
ATOM   622  O O   . ILE A 1 84 ? -6.991  -4.028  -5.178  1.00 11.83 ? 84  ILE A O   1 
ATOM   623  C CB  . ILE A 1 84 ? -5.400  -3.736  -2.473  1.00 5.45  ? 84  ILE A CB  1 
ATOM   624  C CG1 . ILE A 1 84 ? -4.812  -4.936  -3.166  1.00 7.06  ? 84  ILE A CG1 1 
ATOM   625  C CG2 . ILE A 1 84 ? -5.332  -3.896  -0.973  1.00 3.98  ? 84  ILE A CG2 1 
ATOM   626  C CD1 . ILE A 1 84 ? -3.294  -5.035  -3.145  1.00 11.51 ? 84  ILE A CD1 1 
ATOM   627  N N   . ILE A 1 85 ? -6.997  -1.842  -4.452  1.00 13.83 ? 85  ILE A N   1 
ATOM   628  C CA  . ILE A 1 85 ? -6.944  -1.163  -5.752  1.00 9.94  ? 85  ILE A CA  1 
ATOM   629  C C   . ILE A 1 85 ? -5.511  -0.647  -5.845  1.00 7.59  ? 85  ILE A C   1 
ATOM   630  O O   . ILE A 1 85 ? -5.115  0.172   -5.016  1.00 6.94  ? 85  ILE A O   1 
ATOM   631  C CB  . ILE A 1 85 ? -7.946  0.026   -5.792  1.00 7.71  ? 85  ILE A CB  1 
ATOM   632  C CG1 . ILE A 1 85 ? -9.402  -0.446  -5.490  1.00 6.48  ? 85  ILE A CG1 1 
ATOM   633  C CG2 . ILE A 1 85 ? -7.828  0.683   -7.151  1.00 6.12  ? 85  ILE A CG2 1 
ATOM   634  C CD1 . ILE A 1 85 ? -9.865  -1.594  -6.450  1.00 7.44  ? 85  ILE A CD1 1 
ATOM   635  N N   . GLY A 1 86 ? -4.744  -1.118  -6.817  1.00 10.01 ? 86  GLY A N   1 
ATOM   636  C CA  . GLY A 1 86 ? -3.368  -0.703  -6.996  1.00 12.77 ? 86  GLY A CA  1 
ATOM   637  C C   . GLY A 1 86 ? -3.229  0.431   -7.988  1.00 11.70 ? 86  GLY A C   1 
ATOM   638  O O   . GLY A 1 86 ? -4.209  0.946   -8.583  1.00 12.14 ? 86  GLY A O   1 
ATOM   639  N N   . ARG A 1 87 ? -1.964  0.800   -8.229  1.00 9.34  ? 87  ARG A N   1 
ATOM   640  C CA  . ARG A 1 87 ? -1.682  1.952   -9.087  1.00 10.16 ? 87  ARG A CA  1 
ATOM   641  C C   . ARG A 1 87 ? -2.174  1.834   -10.520 1.00 9.68  ? 87  ARG A C   1 
ATOM   642  O O   . ARG A 1 87 ? -2.605  2.833   -11.083 1.00 7.10  ? 87  ARG A O   1 
ATOM   643  C CB  . ARG A 1 87 ? -0.231  2.212   -9.061  1.00 9.46  ? 87  ARG A CB  1 
ATOM   644  C CG  . ARG A 1 87 ? 0.293   2.820   -7.722  1.00 12.10 ? 87  ARG A CG  1 
ATOM   645  C CD  . ARG A 1 87 ? 1.844   2.660   -7.575  1.00 10.11 ? 87  ARG A CD  1 
ATOM   646  N NE  . ARG A 1 87 ? 2.391   3.096   -8.821  1.00 16.16 ? 87  ARG A NE  1 
ATOM   647  C CZ  . ARG A 1 87 ? 3.029   2.350   -9.733  1.00 15.42 ? 87  ARG A CZ  1 
ATOM   648  N NH1 . ARG A 1 87 ? 3.540   1.121   -9.568  1.00 10.66 ? 87  ARG A NH1 1 
ATOM   649  N NH2 . ARG A 1 87 ? 3.253   2.974   -10.868 1.00 17.75 ? 87  ARG A NH2 1 
ATOM   650  N N   . ASN A 1 88 ? -2.339  0.616   -11.048 1.00 11.68 ? 88  ASN A N   1 
ATOM   651  C CA  . ASN A 1 88 ? -2.851  0.430   -12.396 1.00 10.04 ? 88  ASN A CA  1 
ATOM   652  C C   . ASN A 1 88 ? -4.218  1.055   -12.639 1.00 8.91  ? 88  ASN A C   1 
ATOM   653  O O   . ASN A 1 88 ? -4.453  1.567   -13.736 1.00 10.37 ? 88  ASN A O   1 
ATOM   654  C CB  . ASN A 1 88 ? -2.894  -1.077  -12.736 1.00 7.74  ? 88  ASN A CB  1 
ATOM   655  C CG  . ASN A 1 88 ? -3.982  -1.951  -12.114 1.00 12.24 ? 88  ASN A CG  1 
ATOM   656  O OD1 . ASN A 1 88 ? -4.075  -2.025  -10.899 1.00 15.63 ? 88  ASN A OD1 1 
ATOM   657  N ND2 . ASN A 1 88 ? -4.848  -2.643  -12.859 1.00 8.03  ? 88  ASN A ND2 1 
ATOM   658  N N   . LEU A 1 89 ? -5.108  1.079   -11.654 1.00 9.29  ? 89  LEU A N   1 
ATOM   659  C CA  . LEU A 1 89 ? -6.403  1.673   -11.779 1.00 6.62  ? 89  LEU A CA  1 
ATOM   660  C C   . LEU A 1 89 ? -6.411  2.968   -10.965 1.00 12.85 ? 89  LEU A C   1 
ATOM   661  O O   . LEU A 1 89 ? -7.308  3.778   -11.175 1.00 12.33 ? 89  LEU A O   1 
ATOM   662  C CB  . LEU A 1 89 ? -7.456  0.744   -11.253 1.00 5.67  ? 89  LEU A CB  1 
ATOM   663  C CG  . LEU A 1 89 ? -7.585  -0.705  -11.815 1.00 15.44 ? 89  LEU A CG  1 
ATOM   664  C CD1 . LEU A 1 89 ? -8.813  -1.352  -11.167 1.00 9.15  ? 89  LEU A CD1 1 
ATOM   665  C CD2 . LEU A 1 89 ? -7.698  -0.719  -13.338 1.00 14.51 ? 89  LEU A CD2 1 
ATOM   666  N N   . LEU A 1 90 ? -5.508  3.293   -10.018 1.00 14.99 ? 90  LEU A N   1 
ATOM   667  C CA  . LEU A 1 90 ? -5.554  4.609   -9.373  1.00 9.28  ? 90  LEU A CA  1 
ATOM   668  C C   . LEU A 1 90 ? -5.055  5.658   -10.374 1.00 10.58 ? 90  LEU A C   1 
ATOM   669  O O   . LEU A 1 90 ? -5.503  6.798   -10.335 1.00 10.31 ? 90  LEU A O   1 
ATOM   670  C CB  . LEU A 1 90 ? -4.686  4.612   -8.118  1.00 10.79 ? 90  LEU A CB  1 
ATOM   671  C CG  . LEU A 1 90 ? -5.079  3.668   -6.973  1.00 10.52 ? 90  LEU A CG  1 
ATOM   672  C CD1 . LEU A 1 90 ? -4.041  3.669   -5.872  1.00 8.59  ? 90  LEU A CD1 1 
ATOM   673  C CD2 . LEU A 1 90 ? -6.394  4.124   -6.421  1.00 12.01 ? 90  LEU A CD2 1 
ATOM   674  N N   . THR A 1 91 ? -4.189  5.383   -11.349 1.00 11.51 ? 91  THR A N   1 
ATOM   675  C CA  . THR A 1 91 ? -3.798  6.367   -12.324 1.00 9.20  ? 91  THR A CA  1 
ATOM   676  C C   . THR A 1 91 ? -4.997  6.653   -13.178 1.00 11.07 ? 91  THR A C   1 
ATOM   677  O O   . THR A 1 91 ? -5.245  7.829   -13.432 1.00 12.63 ? 91  THR A O   1 
ATOM   678  C CB  . THR A 1 91 ? -2.641  5.863   -13.199 1.00 9.44  ? 91  THR A CB  1 
ATOM   679  O OG1 . THR A 1 91 ? -2.887  4.528   -13.650 1.00 8.86  ? 91  THR A OG1 1 
ATOM   680  C CG2 . THR A 1 91 ? -1.397  5.813   -12.398 1.00 4.70  ? 91  THR A CG2 1 
ATOM   681  N N   . GLN A 1 92 ? -5.790  5.636   -13.559 1.00 10.43 ? 92  GLN A N   1 
ATOM   682  C CA  . GLN A 1 92 ? -6.938  5.814   -14.441 1.00 4.38  ? 92  GLN A CA  1 
ATOM   683  C C   . GLN A 1 92 ? -7.962  6.748   -13.916 1.00 10.24 ? 92  GLN A C   1 
ATOM   684  O O   . GLN A 1 92 ? -8.572  7.462   -14.700 1.00 16.30 ? 92  GLN A O   1 
ATOM   685  C CB  . GLN A 1 92 ? -7.684  4.576   -14.712 1.00 2.00  ? 92  GLN A CB  1 
ATOM   686  C CG  . GLN A 1 92 ? -6.802  3.728   -15.567 1.00 5.11  ? 92  GLN A CG  1 
ATOM   687  C CD  . GLN A 1 92 ? -7.554  2.599   -16.233 1.00 12.16 ? 92  GLN A CD  1 
ATOM   688  O OE1 . GLN A 1 92 ? -8.768  2.667   -16.436 1.00 18.00 ? 92  GLN A OE1 1 
ATOM   689  N NE2 . GLN A 1 92 ? -6.887  1.532   -16.619 1.00 11.34 ? 92  GLN A NE2 1 
ATOM   690  N N   . ILE A 1 93 ? -8.127  6.769   -12.599 1.00 14.61 ? 93  ILE A N   1 
ATOM   691  C CA  . ILE A 1 93 ? -9.107  7.661   -12.003 1.00 13.72 ? 93  ILE A CA  1 
ATOM   692  C C   . ILE A 1 93 ? -8.438  8.957   -11.558 1.00 14.84 ? 93  ILE A C   1 
ATOM   693  O O   . ILE A 1 93 ? -9.074  9.776   -10.910 1.00 15.67 ? 93  ILE A O   1 
ATOM   694  C CB  . ILE A 1 93 ? -9.851  6.940   -10.786 1.00 14.19 ? 93  ILE A CB  1 
ATOM   695  C CG1 . ILE A 1 93 ? -8.883  6.525   -9.718  1.00 12.03 ? 93  ILE A CG1 1 
ATOM   696  C CG2 . ILE A 1 93 ? -10.553 5.640   -11.270 1.00 10.67 ? 93  ILE A CG2 1 
ATOM   697  C CD1 . ILE A 1 93 ? -9.623  6.551   -8.377  1.00 13.10 ? 93  ILE A CD1 1 
ATOM   698  N N   . GLY A 1 94 ? -7.150  9.161   -11.841 1.00 14.00 ? 94  GLY A N   1 
ATOM   699  C CA  . GLY A 1 94 ? -6.477  10.423  -11.575 1.00 14.27 ? 94  GLY A CA  1 
ATOM   700  C C   . GLY A 1 94 ? -6.179  10.645  -10.104 1.00 16.16 ? 94  GLY A C   1 
ATOM   701  O O   . GLY A 1 94 ? -6.211  11.758  -9.585  1.00 17.15 ? 94  GLY A O   1 
ATOM   702  N N   . CYS A 1 95 ? -5.815  9.585   -9.418  1.00 12.94 ? 95  CYS A N   1 
ATOM   703  C CA  . CYS A 1 95 ? -5.593  9.696   -8.001  1.00 16.28 ? 95  CYS A CA  1 
ATOM   704  C C   . CYS A 1 95 ? -4.232  10.309  -7.707  1.00 17.83 ? 95  CYS A C   1 
ATOM   705  O O   . CYS A 1 95 ? -3.291  9.970   -8.447  1.00 15.61 ? 95  CYS A O   1 
ATOM   706  C CB  . CYS A 1 95 ? -5.727  8.308   -7.479  1.00 19.69 ? 95  CYS A CB  1 
ATOM   707  S SG  . CYS A 1 95 ? -5.768  8.277   -5.696  1.00 27.56 ? 95  CYS A SG  1 
ATOM   708  N N   . THR A 1 96 ? -4.065  11.246  -6.759  1.00 15.63 ? 96  THR A N   1 
ATOM   709  C CA  . THR A 1 96 ? -2.724  11.682  -6.369  1.00 16.95 ? 96  THR A CA  1 
ATOM   710  C C   . THR A 1 96 ? -2.494  11.662  -4.824  1.00 15.37 ? 96  THR A C   1 
ATOM   711  O O   . THR A 1 96 ? -3.444  11.572  -4.052  1.00 14.58 ? 96  THR A O   1 
ATOM   712  C CB  . THR A 1 96 ? -2.399  13.140  -6.954  1.00 11.99 ? 96  THR A CB  1 
ATOM   713  O OG1 . THR A 1 96 ? -3.405  14.020  -6.492  1.00 13.52 ? 96  THR A OG1 1 
ATOM   714  C CG2 . THR A 1 96 ? -2.306  13.182  -8.471  1.00 9.92  ? 96  THR A CG2 1 
ATOM   715  N N   . LEU A 1 97 ? -1.246  11.610  -4.333  1.00 15.19 ? 97  LEU A N   1 
ATOM   716  C CA  . LEU A 1 97 ? -0.900  11.793  -2.920  1.00 15.53 ? 97  LEU A CA  1 
ATOM   717  C C   . LEU A 1 97 ? -0.547  13.270  -2.816  1.00 15.67 ? 97  LEU A C   1 
ATOM   718  O O   . LEU A 1 97 ? 0.063   13.834  -3.733  1.00 14.67 ? 97  LEU A O   1 
ATOM   719  C CB  . LEU A 1 97 ? 0.343   10.966  -2.524  1.00 11.87 ? 97  LEU A CB  1 
ATOM   720  C CG  . LEU A 1 97 ? 0.237   9.435   -2.383  1.00 13.30 ? 97  LEU A CG  1 
ATOM   721  C CD1 . LEU A 1 97 ? 1.580   8.774   -2.258  1.00 13.47 ? 97  LEU A CD1 1 
ATOM   722  C CD2 . LEU A 1 97 ? -0.510  9.131   -1.121  1.00 14.94 ? 97  LEU A CD2 1 
ATOM   723  N N   . ASN A 1 98 ? -0.848  13.972  -1.769  1.00 17.33 ? 98  ASN A N   1 
ATOM   724  C CA  . ASN A 1 98 ? -0.509  15.377  -1.698  1.00 27.72 ? 98  ASN A CA  1 
ATOM   725  C C   . ASN A 1 98 ? -0.174  15.738  -0.257  1.00 32.33 ? 98  ASN A C   1 
ATOM   726  O O   . ASN A 1 98 ? -0.841  15.236  0.664   1.00 28.68 ? 98  ASN A O   1 
ATOM   727  C CB  . ASN A 1 98 ? -1.695  16.251  -2.140  1.00 36.70 ? 98  ASN A CB  1 
ATOM   728  C CG  . ASN A 1 98 ? -2.135  16.181  -3.604  1.00 39.72 ? 98  ASN A CG  1 
ATOM   729  O OD1 . ASN A 1 98 ? -1.872  17.102  -4.369  1.00 46.36 ? 98  ASN A OD1 1 
ATOM   730  N ND2 . ASN A 1 98 ? -2.849  15.178  -4.077  1.00 41.20 ? 98  ASN A ND2 1 
ATOM   731  N N   . PHE A 1 99 ? 0.842   16.595  -0.052  1.00 35.23 ? 99  PHE A N   1 
ATOM   732  C CA  . PHE A 1 99 ? 1.297   17.138  1.242   1.00 34.54 ? 99  PHE A CA  1 
ATOM   733  C C   . PHE A 1 99 ? 2.316   18.269  0.953   1.00 36.45 ? 99  PHE A C   1 
ATOM   734  O O   . PHE A 1 99 ? 2.433   18.695  -0.199  1.00 31.96 ? 99  PHE A O   1 
ATOM   735  C CB  . PHE A 1 99 ? 1.978   16.048  2.117   1.00 27.75 ? 99  PHE A CB  1 
ATOM   736  C CG  . PHE A 1 99 ? 3.249   15.500  1.507   1.00 26.34 ? 99  PHE A CG  1 
ATOM   737  C CD1 . PHE A 1 99 ? 3.169   14.632  0.421   1.00 23.11 ? 99  PHE A CD1 1 
ATOM   738  C CD2 . PHE A 1 99 ? 4.486   15.884  2.035   1.00 25.80 ? 99  PHE A CD2 1 
ATOM   739  C CE1 . PHE A 1 99 ? 4.326   14.142  -0.146  1.00 23.40 ? 99  PHE A CE1 1 
ATOM   740  C CE2 . PHE A 1 99 ? 5.647   15.389  1.458   1.00 26.02 ? 99  PHE A CE2 1 
ATOM   741  C CZ  . PHE A 1 99 ? 5.566   14.519  0.371   1.00 28.92 ? 99  PHE A CZ  1 
ATOM   742  O OXT . PHE A 1 99 ? 3.028   18.721  1.854   1.00 39.79 ? 99  PHE A OXT 1 
ATOM   743  N N   . PRO B 1 1  ? 4.296   18.479  -1.871  1.00 29.55 ? 1   PRO B N   1 
ATOM   744  C CA  . PRO B 1 1  ? 4.256   18.109  -3.277  1.00 31.48 ? 1   PRO B CA  1 
ATOM   745  C C   . PRO B 1 1  ? 2.962   17.426  -3.725  1.00 30.64 ? 1   PRO B C   1 
ATOM   746  O O   . PRO B 1 1  ? 2.185   16.988  -2.886  1.00 36.49 ? 1   PRO B O   1 
ATOM   747  C CB  . PRO B 1 1  ? 5.466   17.197  -3.529  1.00 31.24 ? 1   PRO B CB  1 
ATOM   748  C CG  . PRO B 1 1  ? 6.022   16.873  -2.161  1.00 25.84 ? 1   PRO B CG  1 
ATOM   749  C CD  . PRO B 1 1  ? 5.633   18.157  -1.426  1.00 28.91 ? 1   PRO B CD  1 
ATOM   750  N N   . GLN B 1 2  ? 2.663   17.372  -5.008  1.00 28.50 ? 2   GLN B N   1 
ATOM   751  C CA  . GLN B 1 2  ? 1.595   16.525  -5.464  1.00 26.92 ? 2   GLN B CA  1 
ATOM   752  C C   . GLN B 1 2  ? 2.380   15.393  -6.102  1.00 25.59 ? 2   GLN B C   1 
ATOM   753  O O   . GLN B 1 2  ? 3.282   15.669  -6.902  1.00 26.07 ? 2   GLN B O   1 
ATOM   754  C CB  . GLN B 1 2  ? 0.730   17.183  -6.519  1.00 28.81 ? 2   GLN B CB  1 
ATOM   755  C CG  . GLN B 1 2  ? -0.222  16.151  -7.093  1.00 29.50 ? 2   GLN B CG  1 
ATOM   756  C CD  . GLN B 1 2  ? -1.358  16.730  -7.901  1.00 30.05 ? 2   GLN B CD  1 
ATOM   757  O OE1 . GLN B 1 2  ? -2.510  16.816  -7.494  1.00 31.92 ? 2   GLN B OE1 1 
ATOM   758  N NE2 . GLN B 1 2  ? -1.095  17.108  -9.132  1.00 28.83 ? 2   GLN B NE2 1 
ATOM   759  N N   . ILE B 1 3  ? 2.097   14.140  -5.746  1.00 23.57 ? 3   ILE B N   1 
ATOM   760  C CA  . ILE B 1 3  ? 2.780   12.979  -6.301  1.00 19.27 ? 3   ILE B CA  1 
ATOM   761  C C   . ILE B 1 3  ? 1.786   12.161  -7.155  1.00 18.90 ? 3   ILE B C   1 
ATOM   762  O O   . ILE B 1 3  ? 0.662   11.884  -6.728  1.00 13.57 ? 3   ILE B O   1 
ATOM   763  C CB  . ILE B 1 3  ? 3.369   12.189  -5.094  1.00 19.22 ? 3   ILE B CB  1 
ATOM   764  C CG1 . ILE B 1 3  ? 4.336   13.112  -4.315  1.00 18.69 ? 3   ILE B CG1 1 
ATOM   765  C CG2 . ILE B 1 3  ? 4.071   10.919  -5.567  1.00 14.32 ? 3   ILE B CG2 1 
ATOM   766  C CD1 . ILE B 1 3  ? 5.162   12.442  -3.170  1.00 18.66 ? 3   ILE B CD1 1 
ATOM   767  N N   . THR B 1 4  ? 2.148   11.840  -8.411  1.00 19.78 ? 4   THR B N   1 
ATOM   768  C CA  . THR B 1 4  ? 1.292   11.062  -9.289  1.00 19.09 ? 4   THR B CA  1 
ATOM   769  C C   . THR B 1 4  ? 1.703   9.605   -9.179  1.00 15.93 ? 4   THR B C   1 
ATOM   770  O O   . THR B 1 4  ? 2.786   9.260   -8.682  1.00 16.72 ? 4   THR B O   1 
ATOM   771  C CB  . THR B 1 4  ? 1.392   11.505  -10.782 1.00 21.14 ? 4   THR B CB  1 
ATOM   772  O OG1 . THR B 1 4  ? 2.763   11.482  -11.155 1.00 27.28 ? 4   THR B OG1 1 
ATOM   773  C CG2 . THR B 1 4  ? 0.768   12.858  -11.022 1.00 21.00 ? 4   THR B CG2 1 
ATOM   774  N N   . LEU B 1 5  ? 0.852   8.716   -9.664  1.00 13.08 ? 5   LEU B N   1 
ATOM   775  C CA  . LEU B 1 5  ? 1.088   7.302   -9.398  1.00 13.74 ? 5   LEU B CA  1 
ATOM   776  C C   . LEU B 1 5  ? 1.505   6.500   -10.616 1.00 10.53 ? 5   LEU B C   1 
ATOM   777  O O   . LEU B 1 5  ? 1.508   5.268   -10.644 1.00 6.96  ? 5   LEU B O   1 
ATOM   778  C CB  . LEU B 1 5  ? -0.204  6.819   -8.695  1.00 9.63  ? 5   LEU B CB  1 
ATOM   779  C CG  . LEU B 1 5  ? -0.348  7.527   -7.314  1.00 16.89 ? 5   LEU B CG  1 
ATOM   780  C CD1 . LEU B 1 5  ? -1.769  7.396   -6.801  1.00 14.83 ? 5   LEU B CD1 1 
ATOM   781  C CD2 . LEU B 1 5  ? 0.677   6.936   -6.320  1.00 13.73 ? 5   LEU B CD2 1 
ATOM   782  N N   . TRP B 1 6  ? 1.979   7.230   -11.634 1.00 8.68  ? 6   TRP B N   1 
ATOM   783  C CA  . TRP B 1 6  ? 2.434   6.601   -12.849 1.00 11.57 ? 6   TRP B CA  1 
ATOM   784  C C   . TRP B 1 6  ? 3.561   5.660   -12.531 1.00 14.62 ? 6   TRP B C   1 
ATOM   785  O O   . TRP B 1 6  ? 3.718   4.644   -13.182 1.00 20.40 ? 6   TRP B O   1 
ATOM   786  C CB  . TRP B 1 6  ? 2.952   7.605   -13.854 1.00 7.98  ? 6   TRP B CB  1 
ATOM   787  C CG  . TRP B 1 6  ? 1.880   8.454   -14.510 1.00 10.14 ? 6   TRP B CG  1 
ATOM   788  C CD1 . TRP B 1 6  ? 1.857   9.785   -14.233 1.00 14.93 ? 6   TRP B CD1 1 
ATOM   789  C CD2 . TRP B 1 6  ? 0.911   8.074   -15.438 1.00 13.99 ? 6   TRP B CD2 1 
ATOM   790  N NE1 . TRP B 1 6  ? 0.885   10.269  -14.980 1.00 22.05 ? 6   TRP B NE1 1 
ATOM   791  C CE2 . TRP B 1 6  ? 0.300   9.300   -15.711 1.00 16.03 ? 6   TRP B CE2 1 
ATOM   792  C CE3 . TRP B 1 6  ? 0.456   6.921   -16.104 1.00 14.52 ? 6   TRP B CE3 1 
ATOM   793  C CZ2 . TRP B 1 6  ? -0.745  9.405   -16.623 1.00 12.68 ? 6   TRP B CZ2 1 
ATOM   794  C CZ3 . TRP B 1 6  ? -0.585  7.017   -17.023 1.00 9.63  ? 6   TRP B CZ3 1 
ATOM   795  C CH2 . TRP B 1 6  ? -1.175  8.248   -17.277 1.00 12.00 ? 6   TRP B CH2 1 
ATOM   796  N N   . LYS B 1 7  ? 4.330   5.951   -11.491 1.00 18.84 ? 7   LYS B N   1 
ATOM   797  C CA  . LYS B 1 7  ? 5.437   5.116   -11.091 1.00 16.50 ? 7   LYS B CA  1 
ATOM   798  C C   . LYS B 1 7  ? 5.282   5.012   -9.559  1.00 14.13 ? 7   LYS B C   1 
ATOM   799  O O   . LYS B 1 7  ? 4.461   5.716   -8.957  1.00 10.87 ? 7   LYS B O   1 
ATOM   800  C CB  . LYS B 1 7  ? 6.760   5.806   -11.525 1.00 18.28 ? 7   LYS B CB  1 
ATOM   801  N N   . ARG B 1 8  ? 6.008   4.076   -8.926  1.00 15.18 ? 8   ARG B N   1 
ATOM   802  C CA  . ARG B 1 8  ? 5.895   3.802   -7.486  1.00 14.92 ? 8   ARG B CA  1 
ATOM   803  C C   . ARG B 1 8  ? 6.308   5.086   -6.764  1.00 13.36 ? 8   ARG B C   1 
ATOM   804  O O   . ARG B 1 8  ? 7.285   5.690   -7.204  1.00 16.75 ? 8   ARG B O   1 
ATOM   805  C CB  . ARG B 1 8  ? 6.806   2.588   -7.141  1.00 4.93  ? 8   ARG B CB  1 
ATOM   806  N N   . PRO B 1 9  ? 5.558   5.651   -5.795  1.00 15.43 ? 9   PRO B N   1 
ATOM   807  C CA  . PRO B 1 9  ? 5.900   6.925   -5.129  1.00 17.26 ? 9   PRO B CA  1 
ATOM   808  C C   . PRO B 1 9  ? 7.083   6.865   -4.137  1.00 16.54 ? 9   PRO B C   1 
ATOM   809  O O   . PRO B 1 9  ? 6.901   6.856   -2.924  1.00 13.04 ? 9   PRO B O   1 
ATOM   810  C CB  . PRO B 1 9  ? 4.578   7.346   -4.500  1.00 9.91  ? 9   PRO B CB  1 
ATOM   811  C CG  . PRO B 1 9  ? 3.904   6.025   -4.227  1.00 8.27  ? 9   PRO B CG  1 
ATOM   812  C CD  . PRO B 1 9  ? 4.203   5.232   -5.445  1.00 10.53 ? 9   PRO B CD  1 
ATOM   813  N N   . LEU B 1 10 ? 8.292   6.696   -4.666  1.00 18.46 ? 10  LEU B N   1 
ATOM   814  C CA  . LEU B 1 10 ? 9.523   6.673   -3.911  1.00 21.73 ? 10  LEU B CA  1 
ATOM   815  C C   . LEU B 1 10 ? 9.855   8.092   -3.463  1.00 28.85 ? 10  LEU B C   1 
ATOM   816  O O   . LEU B 1 10 ? 9.672   9.090   -4.177  1.00 30.73 ? 10  LEU B O   1 
ATOM   817  C CB  . LEU B 1 10 ? 10.614  6.175   -4.764  1.00 19.57 ? 10  LEU B CB  1 
ATOM   818  C CG  . LEU B 1 10 ? 10.601  4.723   -5.081  1.00 21.90 ? 10  LEU B CG  1 
ATOM   819  C CD1 . LEU B 1 10 ? 11.521  4.503   -6.248  1.00 27.23 ? 10  LEU B CD1 1 
ATOM   820  C CD2 . LEU B 1 10 ? 11.101  3.906   -3.899  1.00 25.27 ? 10  LEU B CD2 1 
ATOM   821  N N   . VAL B 1 11 ? 10.324  8.228   -2.237  1.00 30.08 ? 11  VAL B N   1 
ATOM   822  C CA  . VAL B 1 11 ? 10.592  9.523   -1.657  1.00 29.37 ? 11  VAL B CA  1 
ATOM   823  C C   . VAL B 1 11 ? 11.869  9.337   -0.849  1.00 30.60 ? 11  VAL B C   1 
ATOM   824  O O   . VAL B 1 11 ? 12.288  8.212   -0.528  1.00 27.61 ? 11  VAL B O   1 
ATOM   825  C CB  . VAL B 1 11 ? 9.311   9.840   -0.853  1.00 31.64 ? 11  VAL B CB  1 
ATOM   826  C CG1 . VAL B 1 11 ? 9.552   10.669  0.393   1.00 37.53 ? 11  VAL B CG1 1 
ATOM   827  C CG2 . VAL B 1 11 ? 8.397   10.633  -1.774  1.00 29.47 ? 11  VAL B CG2 1 
ATOM   828  N N   . THR B 1 12 ? 12.542  10.452  -0.598  1.00 35.65 ? 12  THR B N   1 
ATOM   829  C CA  . THR B 1 12 ? 13.723  10.487  0.265   1.00 34.15 ? 12  THR B CA  1 
ATOM   830  C C   . THR B 1 12 ? 13.305  10.680  1.713   1.00 27.14 ? 12  THR B C   1 
ATOM   831  O O   . THR B 1 12 ? 12.535  11.608  2.027   1.00 26.89 ? 12  THR B O   1 
ATOM   832  C CB  . THR B 1 12 ? 14.655  11.635  -0.213  1.00 35.78 ? 12  THR B CB  1 
ATOM   833  O OG1 . THR B 1 12 ? 15.396  11.065  -1.292  1.00 39.72 ? 12  THR B OG1 1 
ATOM   834  C CG2 . THR B 1 12 ? 15.584  12.207  0.866   1.00 39.02 ? 12  THR B CG2 1 
ATOM   835  N N   . ILE B 1 13 ? 13.781  9.747   2.540   1.00 23.17 ? 13  ILE B N   1 
ATOM   836  C CA  . ILE B 1 13 ? 13.616  9.856   3.983   1.00 26.37 ? 13  ILE B CA  1 
ATOM   837  C C   . ILE B 1 13 ? 14.978  9.928   4.705   1.00 25.26 ? 13  ILE B C   1 
ATOM   838  O O   . ILE B 1 13 ? 16.029  9.590   4.142   1.00 26.87 ? 13  ILE B O   1 
ATOM   839  C CB  . ILE B 1 13 ? 12.826  8.663   4.601   1.00 20.16 ? 13  ILE B CB  1 
ATOM   840  C CG1 . ILE B 1 13 ? 13.474  7.361   4.254   1.00 17.31 ? 13  ILE B CG1 1 
ATOM   841  C CG2 . ILE B 1 13 ? 11.401  8.733   4.149   1.00 19.84 ? 13  ILE B CG2 1 
ATOM   842  C CD1 . ILE B 1 13 ? 13.140  6.341   5.323   1.00 12.32 ? 13  ILE B CD1 1 
ATOM   843  N N   . ARG B 1 14 ? 15.021  10.400  5.939   1.00 26.64 ? 14  ARG B N   1 
ATOM   844  C CA  . ARG B 1 14 ? 16.256  10.386  6.724   1.00 32.15 ? 14  ARG B CA  1 
ATOM   845  C C   . ARG B 1 14 ? 15.971  10.009  8.180   1.00 28.96 ? 14  ARG B C   1 
ATOM   846  O O   . ARG B 1 14 ? 15.092  10.581  8.837   1.00 22.62 ? 14  ARG B O   1 
ATOM   847  C CB  . ARG B 1 14 ? 16.940  11.766  6.676   1.00 33.91 ? 14  ARG B CB  1 
ATOM   848  N N   . ILE B 1 15 ? 16.635  8.962   8.654   1.00 32.12 ? 15  ILE B N   1 
ATOM   849  C CA  . ILE B 1 15 ? 16.428  8.433   10.002  1.00 38.96 ? 15  ILE B CA  1 
ATOM   850  C C   . ILE B 1 15 ? 17.854  8.470   10.525  1.00 43.48 ? 15  ILE B C   1 
ATOM   851  O O   . ILE B 1 15 ? 18.736  7.825   9.937   1.00 45.69 ? 15  ILE B O   1 
ATOM   852  C CB  . ILE B 1 15 ? 15.980  6.949   10.078  1.00 39.19 ? 15  ILE B CB  1 
ATOM   853  C CG1 . ILE B 1 15 ? 15.178  6.431   8.885   1.00 43.36 ? 15  ILE B CG1 1 
ATOM   854  C CG2 . ILE B 1 15 ? 15.123  6.866   11.304  1.00 41.49 ? 15  ILE B CG2 1 
ATOM   855  C CD1 . ILE B 1 15 ? 16.012  5.933   7.654   1.00 43.53 ? 15  ILE B CD1 1 
ATOM   856  N N   . GLY B 1 16 ? 18.167  9.182   11.608  1.00 44.83 ? 16  GLY B N   1 
ATOM   857  C CA  . GLY B 1 16 ? 19.565  9.306   12.046  1.00 47.08 ? 16  GLY B CA  1 
ATOM   858  C C   . GLY B 1 16 ? 20.379  9.976   10.932  1.00 47.13 ? 16  GLY B C   1 
ATOM   859  O O   . GLY B 1 16 ? 19.878  10.864  10.238  1.00 47.68 ? 16  GLY B O   1 
ATOM   860  N N   . GLY B 1 17 ? 21.613  9.576   10.678  1.00 46.02 ? 17  GLY B N   1 
ATOM   861  C CA  . GLY B 1 17 ? 22.304  10.109  9.514   1.00 47.13 ? 17  GLY B CA  1 
ATOM   862  C C   . GLY B 1 17 ? 21.974  9.273   8.281   1.00 48.60 ? 17  GLY B C   1 
ATOM   863  O O   . GLY B 1 17 ? 22.613  9.420   7.245   1.00 51.53 ? 17  GLY B O   1 
ATOM   864  N N   . GLN B 1 18 ? 20.974  8.390   8.328   1.00 47.68 ? 18  GLN B N   1 
ATOM   865  C CA  . GLN B 1 18 ? 20.672  7.532   7.210   1.00 48.86 ? 18  GLN B CA  1 
ATOM   866  C C   . GLN B 1 18 ? 19.744  8.256   6.276   1.00 46.94 ? 18  GLN B C   1 
ATOM   867  O O   . GLN B 1 18 ? 18.743  8.848   6.674   1.00 46.64 ? 18  GLN B O   1 
ATOM   868  C CB  . GLN B 1 18 ? 20.008  6.235   7.673   1.00 52.08 ? 18  GLN B CB  1 
ATOM   869  C CG  . GLN B 1 18 ? 20.847  5.441   8.657   1.00 54.87 ? 18  GLN B CG  1 
ATOM   870  C CD  . GLN B 1 18 ? 22.282  5.305   8.172   1.00 58.07 ? 18  GLN B CD  1 
ATOM   871  O OE1 . GLN B 1 18 ? 23.134  6.149   8.443   1.00 61.75 ? 18  GLN B OE1 1 
ATOM   872  N NE2 . GLN B 1 18 ? 22.617  4.278   7.407   1.00 59.52 ? 18  GLN B NE2 1 
ATOM   873  N N   . LEU B 1 19 ? 20.156  8.186   5.031   1.00 44.06 ? 19  LEU B N   1 
ATOM   874  C CA  . LEU B 1 19 ? 19.443  8.756   3.915   1.00 45.59 ? 19  LEU B CA  1 
ATOM   875  C C   . LEU B 1 19 ? 18.860  7.527   3.230   1.00 45.00 ? 19  LEU B C   1 
ATOM   876  O O   . LEU B 1 19 ? 19.593  6.541   3.043   1.00 46.79 ? 19  LEU B O   1 
ATOM   877  C CB  . LEU B 1 19 ? 20.425  9.423   3.021   1.00 48.93 ? 19  LEU B CB  1 
ATOM   878  C CG  . LEU B 1 19 ? 19.927  10.118  1.803   1.00 48.80 ? 19  LEU B CG  1 
ATOM   879  C CD1 . LEU B 1 19 ? 19.377  11.472  2.239   1.00 48.96 ? 19  LEU B CD1 1 
ATOM   880  C CD2 . LEU B 1 19 ? 21.062  10.218  0.784   1.00 48.58 ? 19  LEU B CD2 1 
ATOM   881  N N   . LYS B 1 20 ? 17.595  7.520   2.831   1.00 39.89 ? 20  LYS B N   1 
ATOM   882  C CA  . LYS B 1 20 ? 17.021  6.308   2.293   1.00 36.66 ? 20  LYS B CA  1 
ATOM   883  C C   . LYS B 1 20 ? 15.880  6.637   1.375   1.00 33.06 ? 20  LYS B C   1 
ATOM   884  O O   . LYS B 1 20 ? 15.273  7.690   1.509   1.00 32.26 ? 20  LYS B O   1 
ATOM   885  C CB  . LYS B 1 20 ? 16.548  5.438   3.452   1.00 34.42 ? 20  LYS B CB  1 
ATOM   886  C CG  . LYS B 1 20 ? 17.337  4.166   3.558   1.00 35.01 ? 20  LYS B CG  1 
ATOM   887  C CD  . LYS B 1 20 ? 17.793  3.987   4.981   1.00 39.71 ? 20  LYS B CD  1 
ATOM   888  C CE  . LYS B 1 20 ? 18.869  2.879   5.036   1.00 41.58 ? 20  LYS B CE  1 
ATOM   889  N NZ  . LYS B 1 20 ? 20.038  3.099   4.183   1.00 39.91 ? 20  LYS B NZ  1 
ATOM   890  N N   . GLU B 1 21 ? 15.610  5.728   0.449   1.00 36.17 ? 21  GLU B N   1 
ATOM   891  C CA  . GLU B 1 21 ? 14.498  5.800   -0.499  1.00 35.60 ? 21  GLU B CA  1 
ATOM   892  C C   . GLU B 1 21 ? 13.366  5.021   0.168   1.00 30.36 ? 21  GLU B C   1 
ATOM   893  O O   . GLU B 1 21 ? 13.586  3.895   0.666   1.00 25.27 ? 21  GLU B O   1 
ATOM   894  C CB  . GLU B 1 21 ? 14.866  5.104   -1.811  1.00 43.40 ? 21  GLU B CB  1 
ATOM   895  C CG  . GLU B 1 21 ? 14.721  5.882   -3.128  1.00 55.04 ? 21  GLU B CG  1 
ATOM   896  C CD  . GLU B 1 21 ? 15.065  5.064   -4.391  1.00 62.19 ? 21  GLU B CD  1 
ATOM   897  O OE1 . GLU B 1 21 ? 14.456  4.006   -4.644  1.00 64.12 ? 21  GLU B OE1 1 
ATOM   898  O OE2 . GLU B 1 21 ? 15.962  5.493   -5.126  1.00 65.19 ? 21  GLU B OE2 1 
ATOM   899  N N   . ALA B 1 22 ? 12.166  5.577   0.149   1.00 19.41 ? 22  ALA B N   1 
ATOM   900  C CA  . ALA B 1 22 ? 11.023  4.948   0.776   1.00 20.31 ? 22  ALA B CA  1 
ATOM   901  C C   . ALA B 1 22 ? 9.735   5.019   -0.050  1.00 21.64 ? 22  ALA B C   1 
ATOM   902  O O   . ALA B 1 22 ? 9.484   6.025   -0.717  1.00 26.93 ? 22  ALA B O   1 
ATOM   903  C CB  . ALA B 1 22 ? 10.745  5.614   2.075   1.00 11.55 ? 22  ALA B CB  1 
ATOM   904  N N   . LEU B 1 23 ? 8.912   3.978   -0.065  1.00 17.78 ? 23  LEU B N   1 
ATOM   905  C CA  . LEU B 1 23 ? 7.604   3.986   -0.695  1.00 12.69 ? 23  LEU B CA  1 
ATOM   906  C C   . LEU B 1 23 ? 6.551   4.621   0.193   1.00 13.27 ? 23  LEU B C   1 
ATOM   907  O O   . LEU B 1 23 ? 6.319   4.195   1.350   1.00 10.34 ? 23  LEU B O   1 
ATOM   908  C CB  . LEU B 1 23 ? 7.229   2.563   -0.989  1.00 14.54 ? 23  LEU B CB  1 
ATOM   909  C CG  . LEU B 1 23 ? 6.044   2.261   -1.834  1.00 12.46 ? 23  LEU B CG  1 
ATOM   910  C CD1 . LEU B 1 23 ? 6.166   2.855   -3.179  1.00 8.67  ? 23  LEU B CD1 1 
ATOM   911  C CD2 . LEU B 1 23 ? 6.024   0.770   -2.028  1.00 11.87 ? 23  LEU B CD2 1 
ATOM   912  N N   . LEU B 1 24 ? 5.884   5.660   -0.294  1.00 10.83 ? 24  LEU B N   1 
ATOM   913  C CA  . LEU B 1 24 ? 4.778   6.211   0.466   1.00 13.34 ? 24  LEU B CA  1 
ATOM   914  C C   . LEU B 1 24 ? 3.587   5.274   0.267   1.00 16.23 ? 24  LEU B C   1 
ATOM   915  O O   . LEU B 1 24 ? 3.073   5.179   -0.851  1.00 14.48 ? 24  LEU B O   1 
ATOM   916  C CB  . LEU B 1 24 ? 4.394   7.566   -0.027  1.00 13.30 ? 24  LEU B CB  1 
ATOM   917  C CG  . LEU B 1 24 ? 5.428   8.622   0.096   1.00 21.62 ? 24  LEU B CG  1 
ATOM   918  C CD1 . LEU B 1 24 ? 4.816   9.915   -0.419  1.00 15.39 ? 24  LEU B CD1 1 
ATOM   919  C CD2 . LEU B 1 24 ? 5.948   8.671   1.552   1.00 21.05 ? 24  LEU B CD2 1 
ATOM   920  N N   . ASP B 1 25 ? 3.091   4.617   1.305   1.00 12.62 ? 25  ASP B N   1 
ATOM   921  C CA  . ASP B 1 25 ? 2.107   3.560   1.141   1.00 10.24 ? 25  ASP B CA  1 
ATOM   922  C C   . ASP B 1 25 ? 0.793   3.695   1.872   1.00 11.03 ? 25  ASP B C   1 
ATOM   923  O O   . ASP B 1 25 ? 0.700   3.252   3.017   1.00 13.49 ? 25  ASP B O   1 
ATOM   924  C CB  . ASP B 1 25 ? 2.782   2.238   1.531   1.00 8.25  ? 25  ASP B CB  1 
ATOM   925  C CG  . ASP B 1 25 ? 2.022   0.971   1.195   1.00 8.93  ? 25  ASP B CG  1 
ATOM   926  O OD1 . ASP B 1 25 ? 0.874   0.990   0.778   1.00 14.32 ? 25  ASP B OD1 1 
ATOM   927  O OD2 . ASP B 1 25 ? 2.571   -0.094  1.342   1.00 9.38  ? 25  ASP B OD2 1 
ATOM   928  N N   . THR B 1 26 ? -0.290  4.142   1.215   1.00 5.90  ? 26  THR B N   1 
ATOM   929  C CA  . THR B 1 26 ? -1.576  4.236   1.883   1.00 8.24  ? 26  THR B CA  1 
ATOM   930  C C   . THR B 1 26 ? -2.207  2.903   2.290   1.00 8.30  ? 26  THR B C   1 
ATOM   931  O O   . THR B 1 26 ? -3.156  2.850   3.047   1.00 9.38  ? 26  THR B O   1 
ATOM   932  C CB  . THR B 1 26 ? -2.531  4.949   0.989   1.00 5.77  ? 26  THR B CB  1 
ATOM   933  O OG1 . THR B 1 26 ? -2.522  4.166   -0.192  1.00 6.48  ? 26  THR B OG1 1 
ATOM   934  C CG2 . THR B 1 26 ? -2.163  6.377   0.734   1.00 5.20  ? 26  THR B CG2 1 
ATOM   935  N N   . GLY B 1 27 ? -1.727  1.821   1.723   1.00 6.05  ? 27  GLY B N   1 
ATOM   936  C CA  . GLY B 1 27 ? -2.239  0.515   2.031   1.00 12.12 ? 27  GLY B CA  1 
ATOM   937  C C   . GLY B 1 27 ? -1.589  -0.147  3.248   1.00 14.64 ? 27  GLY B C   1 
ATOM   938  O O   . GLY B 1 27 ? -1.998  -1.252  3.626   1.00 18.69 ? 27  GLY B O   1 
ATOM   939  N N   . ALA B 1 28 ? -0.618  0.509   3.871   1.00 9.89  ? 28  ALA B N   1 
ATOM   940  C CA  . ALA B 1 28 ? 0.074   -0.041  5.006   1.00 7.39  ? 28  ALA B CA  1 
ATOM   941  C C   . ALA B 1 28 ? -0.270  0.729   6.262   1.00 10.83 ? 28  ALA B C   1 
ATOM   942  O O   . ALA B 1 28 ? -0.207  1.965   6.344   1.00 11.92 ? 28  ALA B O   1 
ATOM   943  C CB  . ALA B 1 28 ? 1.525   0.039   4.741   1.00 6.59  ? 28  ALA B CB  1 
ATOM   944  N N   . ASP B 1 29 ? -0.715  -0.023  7.243   1.00 9.59  ? 29  ASP B N   1 
ATOM   945  C CA  . ASP B 1 29 ? -0.928  0.533   8.566   1.00 17.21 ? 29  ASP B CA  1 
ATOM   946  C C   . ASP B 1 29 ? 0.293   1.119   9.281   1.00 12.85 ? 29  ASP B C   1 
ATOM   947  O O   . ASP B 1 29 ? 0.152   2.124   9.976   1.00 13.10 ? 29  ASP B O   1 
ATOM   948  C CB  . ASP B 1 29 ? -1.504  -0.515  9.501   1.00 15.94 ? 29  ASP B CB  1 
ATOM   949  C CG  . ASP B 1 29 ? -2.813  -1.080  9.020   1.00 18.53 ? 29  ASP B CG  1 
ATOM   950  O OD1 . ASP B 1 29 ? -3.630  -0.370  8.437   1.00 18.36 ? 29  ASP B OD1 1 
ATOM   951  O OD2 . ASP B 1 29 ? -3.000  -2.251  9.258   1.00 17.61 ? 29  ASP B OD2 1 
ATOM   952  N N   . ASP B 1 30 ? 1.451   0.486   9.111   1.00 14.84 ? 30  ASP B N   1 
ATOM   953  C CA  . ASP B 1 30 ? 2.695   0.792   9.805   1.00 16.66 ? 30  ASP B CA  1 
ATOM   954  C C   . ASP B 1 30 ? 3.839   1.090   8.875   1.00 15.43 ? 30  ASP B C   1 
ATOM   955  O O   . ASP B 1 30 ? 3.777   0.746   7.701   1.00 15.32 ? 30  ASP B O   1 
ATOM   956  C CB  . ASP B 1 30 ? 3.144   -0.369  10.623  1.00 20.62 ? 30  ASP B CB  1 
ATOM   957  C CG  . ASP B 1 30 ? 2.208   -0.600  11.769  1.00 27.04 ? 30  ASP B CG  1 
ATOM   958  O OD1 . ASP B 1 30 ? 2.110   0.308   12.607  1.00 31.53 ? 30  ASP B OD1 1 
ATOM   959  O OD2 . ASP B 1 30 ? 1.593   -1.673  11.788  1.00 27.40 ? 30  ASP B OD2 1 
ATOM   960  N N   . THR B 1 31 ? 4.916   1.597   9.424   1.00 14.08 ? 31  THR B N   1 
ATOM   961  C CA  . THR B 1 31 ? 6.065   1.930   8.662   1.00 13.64 ? 31  THR B CA  1 
ATOM   962  C C   . THR B 1 31 ? 7.001   0.772   8.921   1.00 17.89 ? 31  THR B C   1 
ATOM   963  O O   . THR B 1 31 ? 7.189   0.416   10.101  1.00 21.26 ? 31  THR B O   1 
ATOM   964  C CB  . THR B 1 31 ? 6.565   3.280   9.192   1.00 11.52 ? 31  THR B CB  1 
ATOM   965  O OG1 . THR B 1 31 ? 5.526   4.232   8.960   1.00 5.91  ? 31  THR B OG1 1 
ATOM   966  C CG2 . THR B 1 31 ? 7.871   3.713   8.548   1.00 15.38 ? 31  THR B CG2 1 
ATOM   967  N N   . VAL B 1 32 ? 7.547   0.132   7.865   1.00 12.13 ? 32  VAL B N   1 
ATOM   968  C CA  . VAL B 1 32 ? 8.487   -0.931  8.091   1.00 14.00 ? 32  VAL B CA  1 
ATOM   969  C C   . VAL B 1 32 ? 9.676   -0.571  7.234   1.00 16.34 ? 32  VAL B C   1 
ATOM   970  O O   . VAL B 1 32 ? 9.522   -0.185  6.074   1.00 17.33 ? 32  VAL B O   1 
ATOM   971  C CB  . VAL B 1 32 ? 7.951   -2.385  7.733   1.00 14.28 ? 32  VAL B CB  1 
ATOM   972  C CG1 . VAL B 1 32 ? 6.505   -2.434  8.114   1.00 18.67 ? 32  VAL B CG1 1 
ATOM   973  C CG2 . VAL B 1 32 ? 7.976   -2.740  6.320   1.00 19.28 ? 32  VAL B CG2 1 
ATOM   974  N N   . LEU B 1 33 ? 10.874  -0.562  7.833   1.00 18.51 ? 33  LEU B N   1 
ATOM   975  C CA  . LEU B 1 33 ? 12.067  -0.160  7.111   1.00 15.79 ? 33  LEU B CA  1 
ATOM   976  C C   . LEU B 1 33 ? 12.960  -1.376  7.069   1.00 15.88 ? 33  LEU B C   1 
ATOM   977  O O   . LEU B 1 33 ? 12.799  -2.331  7.856   1.00 16.86 ? 33  LEU B O   1 
ATOM   978  C CB  . LEU B 1 33 ? 12.680  1.049   7.846   1.00 18.68 ? 33  LEU B CB  1 
ATOM   979  C CG  . LEU B 1 33 ? 11.677  2.225   8.064   1.00 21.11 ? 33  LEU B CG  1 
ATOM   980  C CD1 . LEU B 1 33 ? 12.293  3.293   8.926   1.00 16.93 ? 33  LEU B CD1 1 
ATOM   981  C CD2 . LEU B 1 33 ? 11.238  2.783   6.719   1.00 21.84 ? 33  LEU B CD2 1 
ATOM   982  N N   . GLU B 1 34 ? 13.835  -1.436  6.082   1.00 18.96 ? 34  GLU B N   1 
ATOM   983  C CA  . GLU B 1 34 ? 14.739  -2.555  5.970   1.00 24.33 ? 34  GLU B CA  1 
ATOM   984  C C   . GLU B 1 34 ? 15.637  -2.630  7.211   1.00 27.20 ? 34  GLU B C   1 
ATOM   985  O O   . GLU B 1 34 ? 15.639  -1.772  8.102   1.00 25.32 ? 34  GLU B O   1 
ATOM   986  C CB  . GLU B 1 34 ? 15.554  -2.409  4.693   1.00 24.34 ? 34  GLU B CB  1 
ATOM   987  C CG  . GLU B 1 34 ? 16.902  -1.700  4.727   1.00 30.92 ? 34  GLU B CG  1 
ATOM   988  C CD  . GLU B 1 34 ? 16.971  -0.246  4.297   1.00 32.11 ? 34  GLU B CD  1 
ATOM   989  O OE1 . GLU B 1 34 ? 16.786  0.600   5.172   1.00 32.24 ? 34  GLU B OE1 1 
ATOM   990  O OE2 . GLU B 1 34 ? 17.228  0.029   3.115   1.00 32.13 ? 34  GLU B OE2 1 
ATOM   991  N N   . GLU B 1 35 ? 16.371  -3.721  7.329   1.00 31.76 ? 35  GLU B N   1 
ATOM   992  C CA  . GLU B 1 35 ? 17.154  -3.978  8.510   1.00 35.17 ? 35  GLU B CA  1 
ATOM   993  C C   . GLU B 1 35 ? 18.192  -2.880  8.763   1.00 38.70 ? 35  GLU B C   1 
ATOM   994  O O   . GLU B 1 35 ? 19.019  -2.506  7.913   1.00 35.94 ? 35  GLU B O   1 
ATOM   995  C CB  . GLU B 1 35 ? 17.758  -5.363  8.308   1.00 35.02 ? 35  GLU B CB  1 
ATOM   996  C CG  . GLU B 1 35 ? 18.672  -5.862  9.393   1.00 38.67 ? 35  GLU B CG  1 
ATOM   997  C CD  . GLU B 1 35 ? 18.190  -5.727  10.826  1.00 41.39 ? 35  GLU B CD  1 
ATOM   998  O OE1 . GLU B 1 35 ? 17.011  -5.979  11.095  1.00 42.89 ? 35  GLU B OE1 1 
ATOM   999  O OE2 . GLU B 1 35 ? 19.010  -5.356  11.666  1.00 42.33 ? 35  GLU B OE2 1 
ATOM   1000 N N   . MET B 1 36 ? 17.998  -2.284  9.938   1.00 38.39 ? 36  MET B N   1 
ATOM   1001 C CA  . MET B 1 36 ? 18.911  -1.277  10.427  1.00 39.34 ? 36  MET B CA  1 
ATOM   1002 C C   . MET B 1 36 ? 18.934  -1.380  11.932  1.00 40.22 ? 36  MET B C   1 
ATOM   1003 O O   . MET B 1 36 ? 18.056  -1.967  12.576  1.00 40.57 ? 36  MET B O   1 
ATOM   1004 C CB  . MET B 1 36 ? 18.502  0.155   10.052  1.00 37.61 ? 36  MET B CB  1 
ATOM   1005 C CG  . MET B 1 36 ? 17.217  0.761   10.581  1.00 35.60 ? 36  MET B CG  1 
ATOM   1006 S SD  . MET B 1 36 ? 17.072  2.443   9.939   1.00 40.41 ? 36  MET B SD  1 
ATOM   1007 C CE  . MET B 1 36 ? 16.568  2.080   8.278   1.00 40.35 ? 36  MET B CE  1 
ATOM   1008 N N   . ASN B 1 37 ? 19.981  -0.783  12.487  1.00 43.97 ? 37  ASN B N   1 
ATOM   1009 C CA  . ASN B 1 37 ? 20.172  -0.844  13.913  1.00 46.20 ? 37  ASN B CA  1 
ATOM   1010 C C   . ASN B 1 37 ? 19.831  0.479   14.537  1.00 42.51 ? 37  ASN B C   1 
ATOM   1011 O O   . ASN B 1 37 ? 20.556  1.454   14.410  1.00 47.54 ? 37  ASN B O   1 
ATOM   1012 C CB  . ASN B 1 37 ? 21.595  -1.201  14.218  1.00 51.07 ? 37  ASN B CB  1 
ATOM   1013 C CG  . ASN B 1 37 ? 21.704  -1.818  15.592  1.00 56.94 ? 37  ASN B CG  1 
ATOM   1014 O OD1 . ASN B 1 37 ? 22.825  -1.946  16.087  1.00 63.83 ? 37  ASN B OD1 1 
ATOM   1015 N ND2 . ASN B 1 37 ? 20.657  -2.271  16.293  1.00 57.40 ? 37  ASN B ND2 1 
ATOM   1016 N N   . LEU B 1 38 ? 18.661  0.525   15.122  1.00 37.09 ? 38  LEU B N   1 
ATOM   1017 C CA  . LEU B 1 38 ? 18.184  1.723   15.743  1.00 35.38 ? 38  LEU B CA  1 
ATOM   1018 C C   . LEU B 1 38 ? 18.473  1.612   17.236  1.00 36.51 ? 38  LEU B C   1 
ATOM   1019 O O   . LEU B 1 38 ? 18.622  0.495   17.738  1.00 40.14 ? 38  LEU B O   1 
ATOM   1020 C CB  . LEU B 1 38 ? 16.686  1.854   15.471  1.00 29.82 ? 38  LEU B CB  1 
ATOM   1021 C CG  . LEU B 1 38 ? 16.159  2.354   14.141  1.00 29.81 ? 38  LEU B CG  1 
ATOM   1022 C CD1 . LEU B 1 38 ? 14.635  2.327   14.243  1.00 28.95 ? 38  LEU B CD1 1 
ATOM   1023 C CD2 . LEU B 1 38 ? 16.612  3.798   13.831  1.00 29.91 ? 38  LEU B CD2 1 
ATOM   1024 N N   . PRO B 1 39 ? 18.547  2.698   18.003  1.00 38.79 ? 39  PRO B N   1 
ATOM   1025 C CA  . PRO B 1 39 ? 18.622  2.631   19.448  1.00 38.82 ? 39  PRO B CA  1 
ATOM   1026 C C   . PRO B 1 39 ? 17.265  2.511   20.150  1.00 35.40 ? 39  PRO B C   1 
ATOM   1027 O O   . PRO B 1 39 ? 16.222  3.005   19.715  1.00 32.85 ? 39  PRO B O   1 
ATOM   1028 C CB  . PRO B 1 39 ? 19.408  3.890   19.770  1.00 38.59 ? 39  PRO B CB  1 
ATOM   1029 C CG  . PRO B 1 39 ? 18.793  4.892   18.827  1.00 40.57 ? 39  PRO B CG  1 
ATOM   1030 C CD  . PRO B 1 39 ? 18.675  4.081   17.538  1.00 40.15 ? 39  PRO B CD  1 
ATOM   1031 N N   . GLY B 1 40 ? 17.269  1.901   21.316  1.00 32.52 ? 40  GLY B N   1 
ATOM   1032 C CA  . GLY B 1 40 ? 16.067  1.846   22.110  1.00 31.11 ? 40  GLY B CA  1 
ATOM   1033 C C   . GLY B 1 40 ? 15.669  0.409   22.284  1.00 32.04 ? 40  GLY B C   1 
ATOM   1034 O O   . GLY B 1 40 ? 16.329  -0.489  21.764  1.00 31.00 ? 40  GLY B O   1 
ATOM   1035 N N   . LYS B 1 41 ? 14.620  0.189   23.072  1.00 36.28 ? 41  LYS B N   1 
ATOM   1036 C CA  . LYS B 1 41 ? 14.110  -1.160  23.274  1.00 39.70 ? 41  LYS B CA  1 
ATOM   1037 C C   . LYS B 1 41 ? 13.134  -1.485  22.139  1.00 39.09 ? 41  LYS B C   1 
ATOM   1038 O O   . LYS B 1 41 ? 12.554  -0.559  21.555  1.00 41.03 ? 41  LYS B O   1 
ATOM   1039 C CB  . LYS B 1 41 ? 13.388  -1.244  24.622  1.00 36.86 ? 41  LYS B CB  1 
ATOM   1040 N N   . TRP B 1 42 ? 12.992  -2.779  21.829  1.00 38.59 ? 42  TRP B N   1 
ATOM   1041 C CA  . TRP B 1 42 ? 12.082  -3.247  20.807  1.00 37.08 ? 42  TRP B CA  1 
ATOM   1042 C C   . TRP B 1 42 ? 11.277  -4.488  21.125  1.00 37.76 ? 42  TRP B C   1 
ATOM   1043 O O   . TRP B 1 42 ? 11.838  -5.493  21.563  1.00 38.64 ? 42  TRP B O   1 
ATOM   1044 C CB  . TRP B 1 42 ? 12.819  -3.541  19.548  1.00 36.24 ? 42  TRP B CB  1 
ATOM   1045 C CG  . TRP B 1 42 ? 13.967  -4.517  19.654  1.00 39.48 ? 42  TRP B CG  1 
ATOM   1046 C CD1 . TRP B 1 42 ? 15.237  -4.054  19.862  1.00 39.88 ? 42  TRP B CD1 1 
ATOM   1047 C CD2 . TRP B 1 42 ? 13.913  -5.872  19.446  1.00 40.28 ? 42  TRP B CD2 1 
ATOM   1048 N NE1 . TRP B 1 42 ? 16.007  -5.110  19.760  1.00 39.62 ? 42  TRP B NE1 1 
ATOM   1049 C CE2 . TRP B 1 42 ? 15.274  -6.210  19.519  1.00 41.10 ? 42  TRP B CE2 1 
ATOM   1050 C CE3 . TRP B 1 42 ? 12.955  -6.855  19.195  1.00 41.11 ? 42  TRP B CE3 1 
ATOM   1051 C CZ2 . TRP B 1 42 ? 15.690  -7.538  19.338  1.00 42.87 ? 42  TRP B CZ2 1 
ATOM   1052 C CZ3 . TRP B 1 42 ? 13.369  -8.179  19.013  1.00 42.37 ? 42  TRP B CZ3 1 
ATOM   1053 C CH2 . TRP B 1 42 ? 14.724  -8.523  19.081  1.00 43.26 ? 42  TRP B CH2 1 
ATOM   1054 N N   . LYS B 1 43 ? 9.964   -4.430  20.886  1.00 35.56 ? 43  LYS B N   1 
ATOM   1055 C CA  . LYS B 1 43 ? 9.059   -5.571  20.986  1.00 32.22 ? 43  LYS B CA  1 
ATOM   1056 C C   . LYS B 1 43 ? 9.134   -6.341  19.663  1.00 32.10 ? 43  LYS B C   1 
ATOM   1057 O O   . LYS B 1 43 ? 9.256   -5.719  18.609  1.00 32.98 ? 43  LYS B O   1 
ATOM   1058 C CB  . LYS B 1 43 ? 7.649   -5.059  21.217  1.00 34.26 ? 43  LYS B CB  1 
ATOM   1059 C CG  . LYS B 1 43 ? 7.571   -4.423  22.599  1.00 41.47 ? 43  LYS B CG  1 
ATOM   1060 C CD  . LYS B 1 43 ? 6.454   -3.399  22.810  1.00 49.55 ? 43  LYS B CD  1 
ATOM   1061 C CE  . LYS B 1 43 ? 6.545   -2.156  21.904  1.00 57.34 ? 43  LYS B CE  1 
ATOM   1062 N NZ  . LYS B 1 43 ? 7.848   -1.493  21.922  1.00 63.22 ? 43  LYS B NZ  1 
ATOM   1063 N N   . PRO B 1 44 ? 9.126   -7.661  19.561  1.00 33.20 ? 44  PRO B N   1 
ATOM   1064 C CA  . PRO B 1 44 ? 8.731   -8.374  18.332  1.00 29.80 ? 44  PRO B CA  1 
ATOM   1065 C C   . PRO B 1 44 ? 7.220   -8.286  18.019  1.00 29.04 ? 44  PRO B C   1 
ATOM   1066 O O   . PRO B 1 44 ? 6.348   -8.196  18.911  1.00 25.23 ? 44  PRO B O   1 
ATOM   1067 C CB  . PRO B 1 44 ? 9.234   -9.775  18.568  1.00 29.80 ? 44  PRO B CB  1 
ATOM   1068 C CG  . PRO B 1 44 ? 9.015   -9.891  20.065  1.00 33.03 ? 44  PRO B CG  1 
ATOM   1069 C CD  . PRO B 1 44 ? 9.562   -8.567  20.604  1.00 32.82 ? 44  PRO B CD  1 
ATOM   1070 N N   . LYS B 1 45 ? 6.895   -8.234  16.724  1.00 24.02 ? 45  LYS B N   1 
ATOM   1071 C CA  . LYS B 1 45 ? 5.520   -8.112  16.312  1.00 20.38 ? 45  LYS B CA  1 
ATOM   1072 C C   . LYS B 1 45 ? 5.447   -8.878  15.027  1.00 16.73 ? 45  LYS B C   1 
ATOM   1073 O O   . LYS B 1 45 ? 6.456   -8.995  14.336  1.00 15.22 ? 45  LYS B O   1 
ATOM   1074 C CB  . LYS B 1 45 ? 5.171   -6.645  16.071  1.00 25.65 ? 45  LYS B CB  1 
ATOM   1075 C CG  . LYS B 1 45 ? 3.665   -6.491  15.997  1.00 25.86 ? 45  LYS B CG  1 
ATOM   1076 C CD  . LYS B 1 45 ? 3.195   -5.107  16.343  1.00 28.45 ? 45  LYS B CD  1 
ATOM   1077 C CE  . LYS B 1 45 ? 2.887   -4.314  15.094  1.00 24.49 ? 45  LYS B CE  1 
ATOM   1078 N NZ  . LYS B 1 45 ? 1.652   -3.591  15.332  1.00 27.07 ? 45  LYS B NZ  1 
ATOM   1079 N N   . MET B 1 46 ? 4.298   -9.414  14.673  1.00 17.59 ? 46  MET B N   1 
ATOM   1080 C CA  . MET B 1 46 ? 4.125   -10.133 13.425  1.00 15.62 ? 46  MET B CA  1 
ATOM   1081 C C   . MET B 1 46 ? 3.354   -9.189  12.549  1.00 12.78 ? 46  MET B C   1 
ATOM   1082 O O   . MET B 1 46 ? 2.417   -8.587  13.029  1.00 13.16 ? 46  MET B O   1 
ATOM   1083 C CB  . MET B 1 46 ? 3.266   -11.358 13.563  1.00 18.92 ? 46  MET B CB  1 
ATOM   1084 C CG  . MET B 1 46 ? 3.797   -12.451 14.418  1.00 21.71 ? 46  MET B CG  1 
ATOM   1085 S SD  . MET B 1 46 ? 5.200   -13.240 13.649  1.00 24.38 ? 46  MET B SD  1 
ATOM   1086 C CE  . MET B 1 46 ? 4.234   -14.260 12.576  1.00 27.44 ? 46  MET B CE  1 
ATOM   1087 N N   . ILE B 1 47 ? 3.642   -8.962  11.277  1.00 17.97 ? 47  ILE B N   1 
ATOM   1088 C CA  . ILE B 1 47 ? 2.774   -8.148  10.429  1.00 15.95 ? 47  ILE B CA  1 
ATOM   1089 C C   . ILE B 1 47 ? 2.546   -8.914  9.134   1.00 10.65 ? 47  ILE B C   1 
ATOM   1090 O O   . ILE B 1 47 ? 3.394   -9.696  8.695   1.00 10.75 ? 47  ILE B O   1 
ATOM   1091 C CB  . ILE B 1 47 ? 3.412   -6.771  10.110  1.00 20.83 ? 47  ILE B CB  1 
ATOM   1092 C CG1 . ILE B 1 47 ? 4.823   -6.969  9.583   1.00 16.83 ? 47  ILE B CG1 1 
ATOM   1093 C CG2 . ILE B 1 47 ? 3.324   -5.880  11.357  1.00 22.87 ? 47  ILE B CG2 1 
ATOM   1094 C CD1 . ILE B 1 47 ? 5.279   -5.708  8.858   1.00 20.90 ? 47  ILE B CD1 1 
ATOM   1095 N N   . GLY B 1 48 ? 1.410   -8.723  8.496   1.00 8.56  ? 48  GLY B N   1 
ATOM   1096 C CA  . GLY B 1 48 ? 1.192   -9.529  7.299   1.00 14.80 ? 48  GLY B CA  1 
ATOM   1097 C C   . GLY B 1 48 ? 0.831   -8.785  6.042   1.00 16.99 ? 48  GLY B C   1 
ATOM   1098 O O   . GLY B 1 48 ? 0.659   -7.547  6.090   1.00 15.32 ? 48  GLY B O   1 
ATOM   1099 N N   . GLY B 1 49 ? 0.701   -9.534  4.958   1.00 15.74 ? 49  GLY B N   1 
ATOM   1100 C CA  . GLY B 1 49 ? 0.282   -8.986  3.687   1.00 18.99 ? 49  GLY B CA  1 
ATOM   1101 C C   . GLY B 1 49 ? 0.018   -10.108 2.691   1.00 16.27 ? 49  GLY B C   1 
ATOM   1102 O O   . GLY B 1 49 ? -0.375  -11.213 3.036   1.00 12.44 ? 49  GLY B O   1 
ATOM   1103 N N   . ILE B 1 50 ? 0.231   -9.838  1.417   1.00 20.63 ? 50  ILE B N   1 
ATOM   1104 C CA  . ILE B 1 50 ? 0.129   -10.818 0.346   1.00 20.92 ? 50  ILE B CA  1 
ATOM   1105 C C   . ILE B 1 50 ? 1.193   -11.856 0.724   1.00 20.68 ? 50  ILE B C   1 
ATOM   1106 O O   . ILE B 1 50 ? 2.375   -11.522 0.920   1.00 21.40 ? 50  ILE B O   1 
ATOM   1107 C CB  . ILE B 1 50 ? 0.488   -10.125 -1.019  1.00 25.06 ? 50  ILE B CB  1 
ATOM   1108 C CG1 . ILE B 1 50 ? -0.468  -9.021  -1.339  1.00 22.47 ? 50  ILE B CG1 1 
ATOM   1109 C CG2 . ILE B 1 50 ? 0.529   -11.154 -2.137  1.00 27.81 ? 50  ILE B CG2 1 
ATOM   1110 C CD1 . ILE B 1 50 ? -1.923  -9.401  -1.413  1.00 24.72 ? 50  ILE B CD1 1 
ATOM   1111 N N   . GLY B 1 51 ? 0.794   -13.104 0.865   1.00 22.42 ? 51  GLY B N   1 
ATOM   1112 C CA  . GLY B 1 51 ? 1.750   -14.151 1.141   1.00 23.02 ? 51  GLY B CA  1 
ATOM   1113 C C   . GLY B 1 51 ? 1.855   -14.584 2.602   1.00 22.82 ? 51  GLY B C   1 
ATOM   1114 O O   . GLY B 1 51 ? 2.178   -15.748 2.859   1.00 28.44 ? 51  GLY B O   1 
ATOM   1115 N N   . GLY B 1 52 ? 1.626   -13.768 3.623   1.00 18.62 ? 52  GLY B N   1 
ATOM   1116 C CA  . GLY B 1 52 ? 1.757   -14.255 4.977   1.00 11.73 ? 52  GLY B CA  1 
ATOM   1117 C C   . GLY B 1 52 ? 2.186   -13.157 5.917   1.00 13.80 ? 52  GLY B C   1 
ATOM   1118 O O   . GLY B 1 52 ? 1.873   -11.967 5.759   1.00 13.75 ? 52  GLY B O   1 
ATOM   1119 N N   . PHE B 1 53 ? 2.880   -13.593 6.946   1.00 15.12 ? 53  PHE B N   1 
ATOM   1120 C CA  . PHE B 1 53 ? 3.330   -12.708 8.012   1.00 14.43 ? 53  PHE B CA  1 
ATOM   1121 C C   . PHE B 1 53 ? 4.840   -12.727 8.095   1.00 16.57 ? 53  PHE B C   1 
ATOM   1122 O O   . PHE B 1 53 ? 5.420   -13.747 7.736   1.00 19.89 ? 53  PHE B O   1 
ATOM   1123 C CB  . PHE B 1 53 ? 2.747   -13.178 9.325   1.00 10.31 ? 53  PHE B CB  1 
ATOM   1124 C CG  . PHE B 1 53 ? 1.324   -12.720 9.525   1.00 7.72  ? 53  PHE B CG  1 
ATOM   1125 C CD1 . PHE B 1 53 ? 0.280   -13.352 8.883   1.00 4.84  ? 53  PHE B CD1 1 
ATOM   1126 C CD2 . PHE B 1 53 ? 1.068   -11.655 10.358  1.00 5.23  ? 53  PHE B CD2 1 
ATOM   1127 C CE1 . PHE B 1 53 ? -1.022  -12.925 9.078   1.00 2.00  ? 53  PHE B CE1 1 
ATOM   1128 C CE2 . PHE B 1 53 ? -0.239  -11.230 10.543  1.00 9.22  ? 53  PHE B CE2 1 
ATOM   1129 C CZ  . PHE B 1 53 ? -1.290  -11.866 9.905   1.00 5.28  ? 53  PHE B CZ  1 
ATOM   1130 N N   . ILE B 1 54 ? 5.550   -11.673 8.462   1.00 16.26 ? 54  ILE B N   1 
ATOM   1131 C CA  . ILE B 1 54 ? 6.966   -11.784 8.729   1.00 13.00 ? 54  ILE B CA  1 
ATOM   1132 C C   . ILE B 1 54 ? 7.135   -11.243 10.139  1.00 10.24 ? 54  ILE B C   1 
ATOM   1133 O O   . ILE B 1 54 ? 6.371   -10.404 10.623  1.00 11.07 ? 54  ILE B O   1 
ATOM   1134 C CB  . ILE B 1 54 ? 7.864   -10.933 7.775   1.00 20.57 ? 54  ILE B CB  1 
ATOM   1135 C CG1 . ILE B 1 54 ? 7.473   -9.447  7.732   1.00 21.52 ? 54  ILE B CG1 1 
ATOM   1136 C CG2 . ILE B 1 54 ? 7.771   -11.561 6.406   1.00 22.95 ? 54  ILE B CG2 1 
ATOM   1137 C CD1 . ILE B 1 54 ? 8.560   -8.573  7.031   1.00 25.14 ? 54  ILE B CD1 1 
ATOM   1138 N N   . LYS B 1 55 ? 8.144   -11.640 10.875  1.00 17.50 ? 55  LYS B N   1 
ATOM   1139 C CA  . LYS B 1 55 ? 8.298   -11.131 12.239  1.00 18.54 ? 55  LYS B CA  1 
ATOM   1140 C C   . LYS B 1 55 ? 9.202   -9.904  12.079  1.00 14.57 ? 55  LYS B C   1 
ATOM   1141 O O   . LYS B 1 55 ? 10.148  -9.924  11.290  1.00 15.26 ? 55  LYS B O   1 
ATOM   1142 C CB  . LYS B 1 55 ? 8.940   -12.268 13.128  1.00 13.96 ? 55  LYS B CB  1 
ATOM   1143 N N   . VAL B 1 56 ? 8.856   -8.806  12.734  1.00 10.79 ? 56  VAL B N   1 
ATOM   1144 C CA  . VAL B 1 56 ? 9.629   -7.579  12.730  1.00 16.85 ? 56  VAL B CA  1 
ATOM   1145 C C   . VAL B 1 56 ? 9.903   -7.111  14.175  1.00 21.24 ? 56  VAL B C   1 
ATOM   1146 O O   . VAL B 1 56 ? 9.400   -7.717  15.149  1.00 22.68 ? 56  VAL B O   1 
ATOM   1147 C CB  . VAL B 1 56 ? 8.876   -6.449  11.968  1.00 18.25 ? 56  VAL B CB  1 
ATOM   1148 C CG1 . VAL B 1 56 ? 8.804   -6.857  10.506  1.00 17.52 ? 56  VAL B CG1 1 
ATOM   1149 C CG2 . VAL B 1 56 ? 7.494   -6.168  12.583  1.00 17.52 ? 56  VAL B CG2 1 
ATOM   1150 N N   . ARG B 1 57 ? 10.674  -6.029  14.375  1.00 19.93 ? 57  ARG B N   1 
ATOM   1151 C CA  . ARG B 1 57 ? 10.936  -5.512  15.733  1.00 18.99 ? 57  ARG B CA  1 
ATOM   1152 C C   . ARG B 1 57 ? 10.250  -4.189  15.745  1.00 12.52 ? 57  ARG B C   1 
ATOM   1153 O O   . ARG B 1 57 ? 10.315  -3.504  14.728  1.00 15.07 ? 57  ARG B O   1 
ATOM   1154 C CB  . ARG B 1 57 ? 12.422  -5.290  16.003  1.00 18.51 ? 57  ARG B CB  1 
ATOM   1155 C CG  . ARG B 1 57 ? 13.205  -6.537  15.648  1.00 24.64 ? 57  ARG B CG  1 
ATOM   1156 C CD  . ARG B 1 57 ? 14.665  -6.488  16.019  1.00 26.65 ? 57  ARG B CD  1 
ATOM   1157 N NE  . ARG B 1 57 ? 15.351  -5.384  15.376  1.00 36.69 ? 57  ARG B NE  1 
ATOM   1158 C CZ  . ARG B 1 57 ? 16.088  -5.540  14.264  1.00 39.64 ? 57  ARG B CZ  1 
ATOM   1159 N NH1 . ARG B 1 57 ? 16.165  -6.729  13.656  1.00 42.46 ? 57  ARG B NH1 1 
ATOM   1160 N NH2 . ARG B 1 57 ? 16.731  -4.485  13.737  1.00 39.72 ? 57  ARG B NH2 1 
ATOM   1161 N N   . GLN B 1 58 ? 9.648   -3.786  16.838  1.00 10.50 ? 58  GLN B N   1 
ATOM   1162 C CA  . GLN B 1 58 ? 8.918   -2.556  16.903  1.00 16.03 ? 58  GLN B CA  1 
ATOM   1163 C C   . GLN B 1 58 ? 9.672   -1.515  17.717  1.00 22.81 ? 58  GLN B C   1 
ATOM   1164 O O   . GLN B 1 58 ? 9.906   -1.766  18.909  1.00 27.19 ? 58  GLN B O   1 
ATOM   1165 C CB  . GLN B 1 58 ? 7.587   -2.787  17.553  1.00 13.62 ? 58  GLN B CB  1 
ATOM   1166 C CG  . GLN B 1 58 ? 6.863   -1.473  17.653  1.00 13.34 ? 58  GLN B CG  1 
ATOM   1167 C CD  . GLN B 1 58 ? 5.557   -1.568  18.376  1.00 21.36 ? 58  GLN B CD  1 
ATOM   1168 O OE1 . GLN B 1 58 ? 4.810   -2.526  18.274  1.00 26.31 ? 58  GLN B OE1 1 
ATOM   1169 N NE2 . GLN B 1 58 ? 5.172   -0.554  19.110  1.00 25.94 ? 58  GLN B NE2 1 
ATOM   1170 N N   . TYR B 1 59 ? 9.966   -0.324  17.172  1.00 25.81 ? 59  TYR B N   1 
ATOM   1171 C CA  . TYR B 1 59 ? 10.690  0.712   17.904  1.00 24.56 ? 59  TYR B CA  1 
ATOM   1172 C C   . TYR B 1 59 ? 9.768   1.881   17.901  1.00 27.00 ? 59  TYR B C   1 
ATOM   1173 O O   . TYR B 1 59 ? 9.064   2.133   16.921  1.00 31.80 ? 59  TYR B O   1 
ATOM   1174 C CB  . TYR B 1 59 ? 11.997  1.103   17.219  1.00 23.60 ? 59  TYR B CB  1 
ATOM   1175 C CG  . TYR B 1 59 ? 13.077  0.017   17.109  1.00 19.73 ? 59  TYR B CG  1 
ATOM   1176 C CD1 . TYR B 1 59 ? 13.020  -0.882  16.042  1.00 20.20 ? 59  TYR B CD1 1 
ATOM   1177 C CD2 . TYR B 1 59 ? 14.167  -0.020  17.989  1.00 21.42 ? 59  TYR B CD2 1 
ATOM   1178 C CE1 . TYR B 1 59 ? 14.027  -1.814  15.808  1.00 20.58 ? 59  TYR B CE1 1 
ATOM   1179 C CE2 . TYR B 1 59 ? 15.199  -0.955  17.753  1.00 24.62 ? 59  TYR B CE2 1 
ATOM   1180 C CZ  . TYR B 1 59 ? 15.136  -1.847  16.661  1.00 25.19 ? 59  TYR B CZ  1 
ATOM   1181 O OH  . TYR B 1 59 ? 16.178  -2.738  16.363  1.00 21.87 ? 59  TYR B OH  1 
ATOM   1182 N N   . ASP B 1 60 ? 9.728   2.585   19.018  1.00 35.45 ? 60  ASP B N   1 
ATOM   1183 C CA  . ASP B 1 60 ? 8.801   3.689   19.194  1.00 40.58 ? 60  ASP B CA  1 
ATOM   1184 C C   . ASP B 1 60 ? 9.551   4.984   19.204  1.00 39.85 ? 60  ASP B C   1 
ATOM   1185 O O   . ASP B 1 60 ? 10.741  4.962   19.507  1.00 41.79 ? 60  ASP B O   1 
ATOM   1186 C CB  . ASP B 1 60 ? 8.055   3.544   20.503  1.00 43.28 ? 60  ASP B CB  1 
ATOM   1187 C CG  . ASP B 1 60 ? 7.258   2.258   20.491  1.00 47.88 ? 60  ASP B CG  1 
ATOM   1188 O OD1 . ASP B 1 60 ? 6.391   2.142   19.621  1.00 48.77 ? 60  ASP B OD1 1 
ATOM   1189 O OD2 . ASP B 1 60 ? 7.535   1.378   21.313  1.00 49.38 ? 60  ASP B OD2 1 
ATOM   1190 N N   . GLN B 1 61 ? 8.843   6.063   18.860  1.00 39.91 ? 61  GLN B N   1 
ATOM   1191 C CA  . GLN B 1 61 ? 9.340   7.445   18.859  1.00 41.87 ? 61  GLN B CA  1 
ATOM   1192 C C   . GLN B 1 61 ? 10.622  7.624   18.056  1.00 38.32 ? 61  GLN B C   1 
ATOM   1193 O O   . GLN B 1 61 ? 11.542  8.331   18.466  1.00 39.65 ? 61  GLN B O   1 
ATOM   1194 C CB  . GLN B 1 61 ? 9.605   7.963   20.293  1.00 44.30 ? 61  GLN B CB  1 
ATOM   1195 C CG  . GLN B 1 61 ? 8.445   8.024   21.280  1.00 49.24 ? 61  GLN B CG  1 
ATOM   1196 C CD  . GLN B 1 61 ? 7.509   9.220   21.181  1.00 52.69 ? 61  GLN B CD  1 
ATOM   1197 O OE1 . GLN B 1 61 ? 7.096   9.771   22.207  1.00 53.20 ? 61  GLN B OE1 1 
ATOM   1198 N NE2 . GLN B 1 61 ? 7.100   9.675   20.000  1.00 55.03 ? 61  GLN B NE2 1 
ATOM   1199 N N   . ILE B 1 62 ? 10.692  6.988   16.885  1.00 33.94 ? 62  ILE B N   1 
ATOM   1200 C CA  . ILE B 1 62 ? 11.828  7.142   16.010  1.00 28.21 ? 62  ILE B CA  1 
ATOM   1201 C C   . ILE B 1 62 ? 11.481  8.301   15.091  1.00 28.83 ? 62  ILE B C   1 
ATOM   1202 O O   . ILE B 1 62 ? 10.359  8.341   14.572  1.00 28.29 ? 62  ILE B O   1 
ATOM   1203 C CB  . ILE B 1 62 ? 12.042  5.853   15.250  1.00 26.89 ? 62  ILE B CB  1 
ATOM   1204 C CG1 . ILE B 1 62 ? 12.405  4.725   16.222  1.00 28.23 ? 62  ILE B CG1 1 
ATOM   1205 C CG2 . ILE B 1 62 ? 13.105  6.077   14.203  1.00 27.48 ? 62  ILE B CG2 1 
ATOM   1206 C CD1 . ILE B 1 62 ? 13.560  4.927   17.235  1.00 28.78 ? 62  ILE B CD1 1 
ATOM   1207 N N   . PRO B 1 63 ? 12.375  9.307   14.964  1.00 31.91 ? 63  PRO B N   1 
ATOM   1208 C CA  . PRO B 1 63 ? 12.171  10.484  14.135  1.00 30.20 ? 63  PRO B CA  1 
ATOM   1209 C C   . PRO B 1 63 ? 12.561  10.126  12.692  1.00 30.91 ? 63  PRO B C   1 
ATOM   1210 O O   . PRO B 1 63 ? 13.585  9.463   12.466  1.00 25.05 ? 63  PRO B O   1 
ATOM   1211 C CB  . PRO B 1 63 ? 13.054  11.531  14.834  1.00 30.63 ? 63  PRO B CB  1 
ATOM   1212 C CG  . PRO B 1 63 ? 13.523  10.926  16.149  1.00 27.65 ? 63  PRO B CG  1 
ATOM   1213 C CD  . PRO B 1 63 ? 13.639  9.473   15.722  1.00 28.55 ? 63  PRO B CD  1 
ATOM   1214 N N   . VAL B 1 64 ? 11.741  10.459  11.689  1.00 32.92 ? 64  VAL B N   1 
ATOM   1215 C CA  . VAL B 1 64 ? 12.061  10.180  10.297  1.00 31.16 ? 64  VAL B CA  1 
ATOM   1216 C C   . VAL B 1 64 ? 11.766  11.489  9.592   1.00 31.81 ? 64  VAL B C   1 
ATOM   1217 O O   . VAL B 1 64 ? 10.789  12.175  9.904   1.00 33.46 ? 64  VAL B O   1 
ATOM   1218 C CB  . VAL B 1 64 ? 11.181  9.040   9.693   1.00 26.99 ? 64  VAL B CB  1 
ATOM   1219 C CG1 . VAL B 1 64 ? 11.661  8.691   8.259   1.00 16.91 ? 64  VAL B CG1 1 
ATOM   1220 C CG2 . VAL B 1 64 ? 11.301  7.781   10.567  1.00 21.11 ? 64  VAL B CG2 1 
ATOM   1221 N N   . GLU B 1 65 ? 12.669  11.910  8.726   1.00 32.88 ? 65  GLU B N   1 
ATOM   1222 C CA  . GLU B 1 65 ? 12.418  13.055  7.900   1.00 37.67 ? 65  GLU B CA  1 
ATOM   1223 C C   . GLU B 1 65 ? 11.966  12.610  6.525   1.00 32.37 ? 65  GLU B C   1 
ATOM   1224 O O   . GLU B 1 65 ? 12.698  11.903  5.846   1.00 30.10 ? 65  GLU B O   1 
ATOM   1225 C CB  . GLU B 1 65 ? 13.640  13.896  7.724   1.00 42.67 ? 65  GLU B CB  1 
ATOM   1226 C CG  . GLU B 1 65 ? 13.139  15.211  8.273   1.00 51.12 ? 65  GLU B CG  1 
ATOM   1227 C CD  . GLU B 1 65 ? 13.856  16.396  7.692   1.00 56.58 ? 65  GLU B CD  1 
ATOM   1228 O OE1 . GLU B 1 65 ? 15.044  16.570  7.954   1.00 61.21 ? 65  GLU B OE1 1 
ATOM   1229 O OE2 . GLU B 1 65 ? 13.216  17.143  6.969   1.00 60.51 ? 65  GLU B OE2 1 
ATOM   1230 N N   . ILE B 1 66 ? 10.727  12.948  6.197   1.00 32.37 ? 66  ILE B N   1 
ATOM   1231 C CA  . ILE B 1 66 ? 10.068  12.688  4.918   1.00 30.67 ? 66  ILE B CA  1 
ATOM   1232 C C   . ILE B 1 66 ? 10.031  13.979  4.102   1.00 28.79 ? 66  ILE B C   1 
ATOM   1233 O O   . ILE B 1 66 ? 9.247   14.890  4.438   1.00 24.61 ? 66  ILE B O   1 
ATOM   1234 C CB  . ILE B 1 66 ? 8.631   12.176  5.226   1.00 31.23 ? 66  ILE B CB  1 
ATOM   1235 C CG1 . ILE B 1 66 ? 8.722   10.915  6.082   1.00 33.62 ? 66  ILE B CG1 1 
ATOM   1236 C CG2 . ILE B 1 66 ? 7.874   11.895  3.940   1.00 27.37 ? 66  ILE B CG2 1 
ATOM   1237 C CD1 . ILE B 1 66 ? 7.432   10.607  6.860   1.00 34.34 ? 66  ILE B CD1 1 
ATOM   1238 N N   . CYS B 1 67 ? 10.872  14.143  3.073   1.00 30.98 ? 67  CYS B N   1 
ATOM   1239 C CA  . CYS B 1 67 ? 10.813  15.328  2.199   1.00 33.91 ? 67  CYS B CA  1 
ATOM   1240 C C   . CYS B 1 67 ? 10.670  16.670  2.920   1.00 35.50 ? 67  CYS B C   1 
ATOM   1241 O O   . CYS B 1 67 ? 9.763   17.473  2.648   1.00 35.07 ? 67  CYS B O   1 
ATOM   1242 C CB  . CYS B 1 67 ? 9.630   15.233  1.182   1.00 36.09 ? 67  CYS B CB  1 
ATOM   1243 S SG  . CYS B 1 67 ? 9.798   13.979  -0.104  1.00 40.57 ? 67  CYS B SG  1 
ATOM   1244 N N   . GLY B 1 68 ? 11.534  16.922  3.908   1.00 38.26 ? 68  GLY B N   1 
ATOM   1245 C CA  . GLY B 1 68 ? 11.507  18.203  4.611   1.00 33.76 ? 68  GLY B CA  1 
ATOM   1246 C C   . GLY B 1 68 ? 10.485  18.232  5.728   1.00 33.98 ? 68  GLY B C   1 
ATOM   1247 O O   . GLY B 1 68 ? 10.143  19.280  6.285   1.00 35.19 ? 68  GLY B O   1 
ATOM   1248 N N   . HIS B 1 69 ? 9.948   17.078  6.073   1.00 30.61 ? 69  HIS B N   1 
ATOM   1249 C CA  . HIS B 1 69 ? 8.967   17.024  7.124   1.00 30.77 ? 69  HIS B CA  1 
ATOM   1250 C C   . HIS B 1 69 ? 9.475   16.016  8.126   1.00 33.13 ? 69  HIS B C   1 
ATOM   1251 O O   . HIS B 1 69 ? 9.922   14.925  7.754   1.00 30.13 ? 69  HIS B O   1 
ATOM   1252 C CB  . HIS B 1 69 ? 7.621   16.534  6.646   1.00 29.74 ? 69  HIS B CB  1 
ATOM   1253 C CG  . HIS B 1 69 ? 6.942   17.434  5.643   1.00 28.70 ? 69  HIS B CG  1 
ATOM   1254 N ND1 . HIS B 1 69 ? 5.819   18.109  5.800   1.00 29.92 ? 69  HIS B ND1 1 
ATOM   1255 C CD2 . HIS B 1 69 ? 7.376   17.670  4.375   1.00 29.13 ? 69  HIS B CD2 1 
ATOM   1256 C CE1 . HIS B 1 69 ? 5.539   18.740  4.691   1.00 26.01 ? 69  HIS B CE1 1 
ATOM   1257 N NE2 . HIS B 1 69 ? 6.496   18.460  3.842   1.00 30.07 ? 69  HIS B NE2 1 
ATOM   1258 N N   . LYS B 1 70 ? 9.406   16.437  9.388   1.00 33.92 ? 70  LYS B N   1 
ATOM   1259 C CA  . LYS B 1 70 ? 9.777   15.647  10.544  1.00 30.98 ? 70  LYS B CA  1 
ATOM   1260 C C   . LYS B 1 70 ? 8.534   14.899  11.021  1.00 29.98 ? 70  LYS B C   1 
ATOM   1261 O O   . LYS B 1 70 ? 7.469   15.502  11.244  1.00 29.19 ? 70  LYS B O   1 
ATOM   1262 C CB  . LYS B 1 70 ? 10.274  16.588  11.636  1.00 33.18 ? 70  LYS B CB  1 
ATOM   1263 N N   . ALA B 1 71 ? 8.628   13.581  11.094  1.00 26.30 ? 71  ALA B N   1 
ATOM   1264 C CA  . ALA B 1 71 ? 7.539   12.777  11.614  1.00 26.62 ? 71  ALA B CA  1 
ATOM   1265 C C   . ALA B 1 71 ? 8.261   11.961  12.658  1.00 25.49 ? 71  ALA B C   1 
ATOM   1266 O O   . ALA B 1 71 ? 9.456   11.686  12.484  1.00 25.65 ? 71  ALA B O   1 
ATOM   1267 C CB  . ALA B 1 71 ? 6.970   11.780  10.605  1.00 25.27 ? 71  ALA B CB  1 
ATOM   1268 N N   . ILE B 1 72 ? 7.603   11.555  13.734  1.00 24.13 ? 72  ILE B N   1 
ATOM   1269 C CA  . ILE B 1 72 ? 8.228   10.692  14.727  1.00 25.53 ? 72  ILE B CA  1 
ATOM   1270 C C   . ILE B 1 72 ? 7.224   9.640   15.194  1.00 17.23 ? 72  ILE B C   1 
ATOM   1271 O O   . ILE B 1 72 ? 6.093   9.946   15.567  1.00 14.08 ? 72  ILE B O   1 
ATOM   1272 C CB  . ILE B 1 72 ? 8.764   11.624  15.885  1.00 33.13 ? 72  ILE B CB  1 
ATOM   1273 C CG1 . ILE B 1 72 ? 9.534   10.826  16.918  1.00 36.92 ? 72  ILE B CG1 1 
ATOM   1274 C CG2 . ILE B 1 72 ? 7.612   12.289  16.587  1.00 32.84 ? 72  ILE B CG2 1 
ATOM   1275 C CD1 . ILE B 1 72 ? 10.258  11.714  17.955  1.00 42.84 ? 72  ILE B CD1 1 
ATOM   1276 N N   . GLY B 1 73 ? 7.541   8.365   15.178  1.00 17.13 ? 73  GLY B N   1 
ATOM   1277 C CA  . GLY B 1 73 ? 6.543   7.415   15.580  1.00 14.85 ? 73  GLY B CA  1 
ATOM   1278 C C   . GLY B 1 73 ? 7.122   6.043   15.637  1.00 16.58 ? 73  GLY B C   1 
ATOM   1279 O O   . GLY B 1 73 ? 8.329   5.862   15.823  1.00 16.17 ? 73  GLY B O   1 
ATOM   1280 N N   . THR B 1 74 ? 6.227   5.081   15.457  1.00 18.10 ? 74  THR B N   1 
ATOM   1281 C CA  . THR B 1 74 ? 6.597   3.676   15.583  1.00 21.86 ? 74  THR B CA  1 
ATOM   1282 C C   . THR B 1 74 ? 7.083   3.316   14.202  1.00 21.41 ? 74  THR B C   1 
ATOM   1283 O O   . THR B 1 74 ? 6.468   3.695   13.198  1.00 22.09 ? 74  THR B O   1 
ATOM   1284 C CB  . THR B 1 74 ? 5.343   2.834   16.004  1.00 23.87 ? 74  THR B CB  1 
ATOM   1285 O OG1 . THR B 1 74 ? 4.974   3.299   17.305  1.00 31.09 ? 74  THR B OG1 1 
ATOM   1286 C CG2 . THR B 1 74 ? 5.570   1.351   16.075  1.00 26.32 ? 74  THR B CG2 1 
ATOM   1287 N N   . VAL B 1 75 ? 8.170   2.583   14.204  1.00 18.00 ? 75  VAL B N   1 
ATOM   1288 C CA  . VAL B 1 75 ? 8.834   2.117   13.026  1.00 15.51 ? 75  VAL B CA  1 
ATOM   1289 C C   . VAL B 1 75 ? 9.038   0.639   13.318  1.00 17.72 ? 75  VAL B C   1 
ATOM   1290 O O   . VAL B 1 75 ? 9.299   0.290   14.474  1.00 18.10 ? 75  VAL B O   1 
ATOM   1291 C CB  . VAL B 1 75 ? 10.145  2.922   12.924  1.00 19.28 ? 75  VAL B CB  1 
ATOM   1292 C CG1 . VAL B 1 75 ? 11.202  2.201   12.135  1.00 19.86 ? 75  VAL B CG1 1 
ATOM   1293 C CG2 . VAL B 1 75 ? 9.803   4.260   12.263  1.00 18.43 ? 75  VAL B CG2 1 
ATOM   1294 N N   . LEU B 1 76 ? 8.837   -0.230  12.319  1.00 15.59 ? 76  LEU B N   1 
ATOM   1295 C CA  . LEU B 1 76 ? 9.059   -1.648  12.456  1.00 14.38 ? 76  LEU B CA  1 
ATOM   1296 C C   . LEU B 1 76 ? 10.234  -1.915  11.532  1.00 14.25 ? 76  LEU B C   1 
ATOM   1297 O O   . LEU B 1 76 ? 10.415  -1.239  10.528  1.00 15.65 ? 76  LEU B O   1 
ATOM   1298 C CB  . LEU B 1 76 ? 7.810   -2.422  12.016  1.00 14.17 ? 76  LEU B CB  1 
ATOM   1299 C CG  . LEU B 1 76 ? 6.478   -1.916  12.556  1.00 11.61 ? 76  LEU B CG  1 
ATOM   1300 C CD1 . LEU B 1 76 ? 5.405   -2.733  11.943  1.00 13.10 ? 76  LEU B CD1 1 
ATOM   1301 C CD2 . LEU B 1 76 ? 6.335   -2.089  14.052  1.00 11.38 ? 76  LEU B CD2 1 
ATOM   1302 N N   . VAL B 1 77 ? 11.089  -2.870  11.823  1.00 14.97 ? 77  VAL B N   1 
ATOM   1303 C CA  . VAL B 1 77 ? 12.313  -3.097  11.078  1.00 15.16 ? 77  VAL B CA  1 
ATOM   1304 C C   . VAL B 1 77 ? 12.283  -4.595  10.825  1.00 17.87 ? 77  VAL B C   1 
ATOM   1305 O O   . VAL B 1 77 ? 11.955  -5.374  11.741  1.00 23.08 ? 77  VAL B O   1 
ATOM   1306 C CB  . VAL B 1 77 ? 13.566  -2.688  11.955  1.00 13.95 ? 77  VAL B CB  1 
ATOM   1307 C CG1 . VAL B 1 77 ? 14.853  -3.125  11.252  1.00 12.33 ? 77  VAL B CG1 1 
ATOM   1308 C CG2 . VAL B 1 77 ? 13.558  -1.199  12.220  1.00 7.70  ? 77  VAL B CG2 1 
ATOM   1309 N N   . GLY B 1 78 ? 12.587  -5.055  9.630   1.00 17.66 ? 78  GLY B N   1 
ATOM   1310 C CA  . GLY B 1 78 ? 12.523  -6.458  9.359   1.00 18.96 ? 78  GLY B CA  1 
ATOM   1311 C C   . GLY B 1 78 ? 12.847  -6.670  7.918   1.00 22.66 ? 78  GLY B C   1 
ATOM   1312 O O   . GLY B 1 78 ? 13.230  -5.687  7.287   1.00 25.75 ? 78  GLY B O   1 
ATOM   1313 N N   . PRO B 1 79 ? 12.756  -7.877  7.341   1.00 25.41 ? 79  PRO B N   1 
ATOM   1314 C CA  . PRO B 1 79 ? 13.388  -8.213  6.074   1.00 27.81 ? 79  PRO B CA  1 
ATOM   1315 C C   . PRO B 1 79 ? 12.640  -7.809  4.821   1.00 34.09 ? 79  PRO B C   1 
ATOM   1316 O O   . PRO B 1 79 ? 12.540  -8.581  3.869   1.00 37.62 ? 79  PRO B O   1 
ATOM   1317 C CB  . PRO B 1 79 ? 13.616  -9.688  6.165   1.00 26.15 ? 79  PRO B CB  1 
ATOM   1318 C CG  . PRO B 1 79 ? 12.452  -10.180 6.974   1.00 28.95 ? 79  PRO B CG  1 
ATOM   1319 C CD  . PRO B 1 79 ? 12.259  -9.079  8.008   1.00 26.09 ? 79  PRO B CD  1 
ATOM   1320 N N   . THR B 1 80 ? 12.139  -6.579  4.786   1.00 38.15 ? 80  THR B N   1 
ATOM   1321 C CA  . THR B 1 80 ? 11.416  -6.068  3.634   1.00 38.36 ? 80  THR B CA  1 
ATOM   1322 C C   . THR B 1 80 ? 12.443  -5.589  2.603   1.00 39.60 ? 80  THR B C   1 
ATOM   1323 O O   . THR B 1 80 ? 13.437  -4.965  2.994   1.00 41.03 ? 80  THR B O   1 
ATOM   1324 C CB  . THR B 1 80 ? 10.460  -4.935  4.141   1.00 36.29 ? 80  THR B CB  1 
ATOM   1325 O OG1 . THR B 1 80 ? 9.783   -4.458  2.981   1.00 37.22 ? 80  THR B OG1 1 
ATOM   1326 C CG2 . THR B 1 80 ? 11.166  -3.843  4.929   1.00 33.58 ? 80  THR B CG2 1 
ATOM   1327 N N   . PRO B 1 81 ? 12.274  -5.855  1.291   1.00 42.51 ? 81  PRO B N   1 
ATOM   1328 C CA  . PRO B 1 81 ? 13.121  -5.305  0.220   1.00 42.48 ? 81  PRO B CA  1 
ATOM   1329 C C   . PRO B 1 81 ? 13.108  -3.788  0.132   1.00 40.54 ? 81  PRO B C   1 
ATOM   1330 O O   . PRO B 1 81 ? 14.126  -3.161  -0.156  1.00 39.97 ? 81  PRO B O   1 
ATOM   1331 C CB  . PRO B 1 81 ? 12.605  -5.911  -1.067  1.00 42.41 ? 81  PRO B CB  1 
ATOM   1332 C CG  . PRO B 1 81 ? 11.141  -6.172  -0.747  1.00 42.63 ? 81  PRO B CG  1 
ATOM   1333 C CD  . PRO B 1 81 ? 11.157  -6.607  0.717   1.00 40.92 ? 81  PRO B CD  1 
ATOM   1334 N N   . VAL B 1 82 ? 11.907  -3.250  0.417   1.00 39.34 ? 82  VAL B N   1 
ATOM   1335 C CA  . VAL B 1 82 ? 11.516  -1.871  0.184   1.00 30.31 ? 82  VAL B CA  1 
ATOM   1336 C C   . VAL B 1 82 ? 11.183  -1.311  1.534   1.00 26.82 ? 82  VAL B C   1 
ATOM   1337 O O   . VAL B 1 82 ? 10.479  -1.988  2.295   1.00 25.45 ? 82  VAL B O   1 
ATOM   1338 C CB  . VAL B 1 82 ? 10.201  -1.724  -0.666  1.00 30.01 ? 82  VAL B CB  1 
ATOM   1339 C CG1 . VAL B 1 82 ? 10.135  -0.296  -1.189  1.00 29.94 ? 82  VAL B CG1 1 
ATOM   1340 C CG2 . VAL B 1 82 ? 10.133  -2.720  -1.803  1.00 31.76 ? 82  VAL B CG2 1 
ATOM   1341 N N   . ASN B 1 83 ? 11.638  -0.066  1.737   1.00 25.54 ? 83  ASN B N   1 
ATOM   1342 C CA  . ASN B 1 83 ? 11.252  0.771   2.871   1.00 20.51 ? 83  ASN B CA  1 
ATOM   1343 C C   . ASN B 1 83 ? 9.808   1.249   2.688   1.00 19.87 ? 83  ASN B C   1 
ATOM   1344 O O   . ASN B 1 83 ? 9.482   1.758   1.609   1.00 19.79 ? 83  ASN B O   1 
ATOM   1345 C CB  . ASN B 1 83 ? 12.124  1.982   2.955   1.00 21.98 ? 83  ASN B CB  1 
ATOM   1346 C CG  . ASN B 1 83 ? 13.496  1.685   3.475   1.00 23.40 ? 83  ASN B CG  1 
ATOM   1347 O OD1 . ASN B 1 83 ? 13.647  0.914   4.405   1.00 28.96 ? 83  ASN B OD1 1 
ATOM   1348 N ND2 . ASN B 1 83 ? 14.564  2.255   2.954   1.00 24.53 ? 83  ASN B ND2 1 
ATOM   1349 N N   . ILE B 1 84 ? 8.936   1.149   3.688   1.00 14.79 ? 84  ILE B N   1 
ATOM   1350 C CA  . ILE B 1 84 ? 7.518   1.416   3.546   1.00 14.82 ? 84  ILE B CA  1 
ATOM   1351 C C   . ILE B 1 84 ? 7.171   2.520   4.517   1.00 12.48 ? 84  ILE B C   1 
ATOM   1352 O O   . ILE B 1 84 ? 7.426   2.296   5.697   1.00 20.12 ? 84  ILE B O   1 
ATOM   1353 C CB  . ILE B 1 84 ? 6.693   0.129   3.901   1.00 13.84 ? 84  ILE B CB  1 
ATOM   1354 C CG1 . ILE B 1 84 ? 7.031   -0.974  2.928   1.00 16.90 ? 84  ILE B CG1 1 
ATOM   1355 C CG2 . ILE B 1 84 ? 5.191   0.424   3.951   1.00 10.55 ? 84  ILE B CG2 1 
ATOM   1356 C CD1 . ILE B 1 84 ? 6.530   -0.692  1.528   1.00 20.78 ? 84  ILE B CD1 1 
ATOM   1357 N N   . ILE B 1 85 ? 6.572   3.655   4.147   1.00 8.61  ? 85  ILE B N   1 
ATOM   1358 C CA  . ILE B 1 85 ? 6.130   4.656   5.107   1.00 12.56 ? 85  ILE B CA  1 
ATOM   1359 C C   . ILE B 1 85 ? 4.618   4.419   5.120   1.00 16.97 ? 85  ILE B C   1 
ATOM   1360 O O   . ILE B 1 85 ? 4.015   4.581   4.064   1.00 16.37 ? 85  ILE B O   1 
ATOM   1361 C CB  . ILE B 1 85 ? 6.453   6.117   4.611   1.00 13.82 ? 85  ILE B CB  1 
ATOM   1362 C CG1 . ILE B 1 85 ? 7.985   6.311   4.492   1.00 13.19 ? 85  ILE B CG1 1 
ATOM   1363 C CG2 . ILE B 1 85 ? 5.785   7.152   5.543   1.00 9.38  ? 85  ILE B CG2 1 
ATOM   1364 C CD1 . ILE B 1 85 ? 8.882   6.366   5.751   1.00 12.80 ? 85  ILE B CD1 1 
ATOM   1365 N N   . GLY B 1 86 ? 3.952   4.017   6.208   1.00 16.21 ? 86  GLY B N   1 
ATOM   1366 C CA  . GLY B 1 86 ? 2.537   3.757   6.157   1.00 8.33  ? 86  GLY B CA  1 
ATOM   1367 C C   . GLY B 1 86 ? 1.805   4.855   6.846   1.00 10.82 ? 86  GLY B C   1 
ATOM   1368 O O   . GLY B 1 86 ? 2.379   5.857   7.290   1.00 13.90 ? 86  GLY B O   1 
ATOM   1369 N N   . ARG B 1 87 ? 0.523   4.637   7.027   1.00 8.16  ? 87  ARG B N   1 
ATOM   1370 C CA  . ARG B 1 87 ? -0.349  5.665   7.530   1.00 11.50 ? 87  ARG B CA  1 
ATOM   1371 C C   . ARG B 1 87 ? -0.003  6.296   8.876   1.00 18.16 ? 87  ARG B C   1 
ATOM   1372 O O   . ARG B 1 87 ? -0.431  7.442   9.103   1.00 18.56 ? 87  ARG B O   1 
ATOM   1373 C CB  . ARG B 1 87 ? -1.754  5.126   7.618   1.00 6.79  ? 87  ARG B CB  1 
ATOM   1374 C CG  . ARG B 1 87 ? -2.502  4.841   6.288   1.00 5.96  ? 87  ARG B CG  1 
ATOM   1375 C CD  . ARG B 1 87 ? -3.600  3.804   6.573   1.00 9.60  ? 87  ARG B CD  1 
ATOM   1376 N NE  . ARG B 1 87 ? -4.357  4.245   7.719   1.00 17.34 ? 87  ARG B NE  1 
ATOM   1377 C CZ  . ARG B 1 87 ? -4.574  3.516   8.809   1.00 16.72 ? 87  ARG B CZ  1 
ATOM   1378 N NH1 . ARG B 1 87 ? -4.237  2.235   8.905   1.00 16.32 ? 87  ARG B NH1 1 
ATOM   1379 N NH2 . ARG B 1 87 ? -5.217  4.119   9.803   1.00 19.20 ? 87  ARG B NH2 1 
ATOM   1380 N N   . ASN B 1 88 ? 0.812   5.661   9.744   1.00 19.32 ? 88  ASN B N   1 
ATOM   1381 C CA  . ASN B 1 88 ? 1.079   6.226   11.072  1.00 18.24 ? 88  ASN B CA  1 
ATOM   1382 C C   . ASN B 1 88 ? 1.916   7.477   10.993  1.00 17.74 ? 88  ASN B C   1 
ATOM   1383 O O   . ASN B 1 88 ? 1.711   8.404   11.778  1.00 21.47 ? 88  ASN B O   1 
ATOM   1384 C CB  . ASN B 1 88 ? 1.767   5.223   11.964  1.00 9.35  ? 88  ASN B CB  1 
ATOM   1385 C CG  . ASN B 1 88 ? 3.062   4.679   11.470  1.00 13.27 ? 88  ASN B CG  1 
ATOM   1386 O OD1 . ASN B 1 88 ? 3.213   4.250   10.342  1.00 19.11 ? 88  ASN B OD1 1 
ATOM   1387 N ND2 . ASN B 1 88 ? 4.070   4.684   12.308  1.00 15.15 ? 88  ASN B ND2 1 
ATOM   1388 N N   . LEU B 1 89 ? 2.787   7.540   9.985   1.00 20.76 ? 89  LEU B N   1 
ATOM   1389 C CA  . LEU B 1 89 ? 3.581   8.725   9.680   1.00 18.86 ? 89  LEU B CA  1 
ATOM   1390 C C   . LEU B 1 89 ? 2.951   9.669   8.657   1.00 18.12 ? 89  LEU B C   1 
ATOM   1391 O O   . LEU B 1 89 ? 3.030   10.897  8.783   1.00 19.95 ? 89  LEU B O   1 
ATOM   1392 C CB  . LEU B 1 89 ? 4.966   8.323   9.165   1.00 15.12 ? 89  LEU B CB  1 
ATOM   1393 C CG  . LEU B 1 89 ? 5.829   7.441   10.079  1.00 19.45 ? 89  LEU B CG  1 
ATOM   1394 C CD1 . LEU B 1 89 ? 7.247   7.463   9.537   1.00 17.89 ? 89  LEU B CD1 1 
ATOM   1395 C CD2 . LEU B 1 89 ? 5.810   7.927   11.520  1.00 19.47 ? 89  LEU B CD2 1 
ATOM   1396 N N   . LEU B 1 90 ? 2.290   9.132   7.628   1.00 17.88 ? 90  LEU B N   1 
ATOM   1397 C CA  . LEU B 1 90 ? 1.713   9.920   6.552   1.00 11.54 ? 90  LEU B CA  1 
ATOM   1398 C C   . LEU B 1 90 ? 0.690   10.893  7.102   1.00 12.85 ? 90  LEU B C   1 
ATOM   1399 O O   . LEU B 1 90 ? 0.643   12.047  6.672   1.00 11.38 ? 90  LEU B O   1 
ATOM   1400 C CB  . LEU B 1 90 ? 1.065   8.982   5.503   1.00 17.03 ? 90  LEU B CB  1 
ATOM   1401 C CG  . LEU B 1 90 ? 1.935   8.027   4.698   1.00 12.08 ? 90  LEU B CG  1 
ATOM   1402 C CD1 . LEU B 1 90 ? 1.116   7.237   3.743   1.00 12.85 ? 90  LEU B CD1 1 
ATOM   1403 C CD2 . LEU B 1 90 ? 2.931   8.831   3.879   1.00 19.85 ? 90  LEU B CD2 1 
ATOM   1404 N N   . THR B 1 91 ? -0.096  10.538  8.107   1.00 15.87 ? 91  THR B N   1 
ATOM   1405 C CA  . THR B 1 91 ? -1.006  11.510  8.716   1.00 19.54 ? 91  THR B CA  1 
ATOM   1406 C C   . THR B 1 91 ? -0.280  12.665  9.394   1.00 26.26 ? 91  THR B C   1 
ATOM   1407 O O   . THR B 1 91 ? -0.778  13.794  9.457   1.00 30.62 ? 91  THR B O   1 
ATOM   1408 C CB  . THR B 1 91 ? -1.822  10.813  9.719   1.00 16.04 ? 91  THR B CB  1 
ATOM   1409 O OG1 . THR B 1 91 ? -0.900  9.999   10.433  1.00 19.83 ? 91  THR B OG1 1 
ATOM   1410 C CG2 . THR B 1 91 ? -2.928  10.017  9.114   1.00 14.14 ? 91  THR B CG2 1 
ATOM   1411 N N   . GLN B 1 92 ? 0.945   12.368  9.870   1.00 31.17 ? 92  GLN B N   1 
ATOM   1412 C CA  . GLN B 1 92 ? 1.810   13.313  10.574  1.00 29.91 ? 92  GLN B CA  1 
ATOM   1413 C C   . GLN B 1 92 ? 2.359   14.393  9.669   1.00 29.47 ? 92  GLN B C   1 
ATOM   1414 O O   . GLN B 1 92 ? 2.510   15.549  10.096  1.00 28.00 ? 92  GLN B O   1 
ATOM   1415 C CB  . GLN B 1 92 ? 2.993   12.601  11.213  1.00 32.07 ? 92  GLN B CB  1 
ATOM   1416 C CG  . GLN B 1 92 ? 2.600   11.751  12.417  1.00 29.88 ? 92  GLN B CG  1 
ATOM   1417 C CD  . GLN B 1 92 ? 3.805   11.198  13.156  1.00 31.20 ? 92  GLN B CD  1 
ATOM   1418 O OE1 . GLN B 1 92 ? 4.915   11.726  13.087  1.00 30.12 ? 92  GLN B OE1 1 
ATOM   1419 N NE2 . GLN B 1 92 ? 3.664   10.092  13.867  1.00 30.70 ? 92  GLN B NE2 1 
ATOM   1420 N N   . ILE B 1 93 ? 2.650   14.007  8.424   1.00 22.52 ? 93  ILE B N   1 
ATOM   1421 C CA  . ILE B 1 93 ? 3.101   15.009  7.477   1.00 19.75 ? 93  ILE B CA  1 
ATOM   1422 C C   . ILE B 1 93 ? 1.940   15.568  6.669   1.00 17.78 ? 93  ILE B C   1 
ATOM   1423 O O   . ILE B 1 93 ? 2.149   16.258  5.692   1.00 18.35 ? 93  ILE B O   1 
ATOM   1424 C CB  . ILE B 1 93 ? 4.193   14.427  6.519   1.00 19.66 ? 93  ILE B CB  1 
ATOM   1425 C CG1 . ILE B 1 93 ? 3.637   13.374  5.582   1.00 18.13 ? 93  ILE B CG1 1 
ATOM   1426 C CG2 . ILE B 1 93 ? 5.314   13.843  7.404   1.00 22.90 ? 93  ILE B CG2 1 
ATOM   1427 C CD1 . ILE B 1 93 ? 4.699   12.866  4.610   1.00 14.37 ? 93  ILE B CD1 1 
ATOM   1428 N N   . GLY B 1 94 ? 0.688   15.295  6.999   1.00 23.46 ? 94  GLY B N   1 
ATOM   1429 C CA  . GLY B 1 94 ? -0.438  15.876  6.275   1.00 24.93 ? 94  GLY B CA  1 
ATOM   1430 C C   . GLY B 1 94 ? -0.819  15.238  4.938   1.00 26.27 ? 94  GLY B C   1 
ATOM   1431 O O   . GLY B 1 94 ? -1.684  15.773  4.231   1.00 29.54 ? 94  GLY B O   1 
ATOM   1432 N N   . CYS B 1 95 ? -0.242  14.089  4.583   1.00 23.71 ? 95  CYS B N   1 
ATOM   1433 C CA  . CYS B 1 95 ? -0.548  13.416  3.339   1.00 23.08 ? 95  CYS B CA  1 
ATOM   1434 C C   . CYS B 1 95 ? -2.014  12.998  3.176   1.00 23.68 ? 95  CYS B C   1 
ATOM   1435 O O   . CYS B 1 95 ? -2.702  12.554  4.119   1.00 23.62 ? 95  CYS B O   1 
ATOM   1436 C CB  . CYS B 1 95 ? 0.349   12.233  3.254   1.00 25.41 ? 95  CYS B CB  1 
ATOM   1437 S SG  . CYS B 1 95 ? 0.445   11.649  1.561   1.00 27.51 ? 95  CYS B SG  1 
ATOM   1438 N N   . THR B 1 96 ? -2.488  13.190  1.950   1.00 22.82 ? 96  THR B N   1 
ATOM   1439 C CA  . THR B 1 96 ? -3.880  12.975  1.559   1.00 20.94 ? 96  THR B CA  1 
ATOM   1440 C C   . THR B 1 96 ? -3.990  12.343  0.139   1.00 19.97 ? 96  THR B C   1 
ATOM   1441 O O   . THR B 1 96 ? -3.088  12.491  -0.682  1.00 20.77 ? 96  THR B O   1 
ATOM   1442 C CB  . THR B 1 96 ? -4.476  14.427  1.783   1.00 20.36 ? 96  THR B CB  1 
ATOM   1443 O OG1 . THR B 1 96 ? -5.686  14.282  2.535   1.00 26.10 ? 96  THR B OG1 1 
ATOM   1444 C CG2 . THR B 1 96 ? -4.672  15.199  0.527   1.00 8.85  ? 96  THR B CG2 1 
ATOM   1445 N N   . LEU B 1 97 ? -5.019  11.525  -0.129  1.00 24.07 ? 97  LEU B N   1 
ATOM   1446 C CA  . LEU B 1 97 ? -5.334  10.911  -1.423  1.00 22.05 ? 97  LEU B CA  1 
ATOM   1447 C C   . LEU B 1 97 ? -6.435  11.750  -2.053  1.00 19.96 ? 97  LEU B C   1 
ATOM   1448 O O   . LEU B 1 97 ? -7.446  12.046  -1.418  1.00 21.28 ? 97  LEU B O   1 
ATOM   1449 C CB  . LEU B 1 97 ? -5.888  9.477   -1.286  1.00 21.05 ? 97  LEU B CB  1 
ATOM   1450 C CG  . LEU B 1 97 ? -4.941  8.325   -1.003  1.00 17.79 ? 97  LEU B CG  1 
ATOM   1451 C CD1 . LEU B 1 97 ? -5.729  7.031   -0.914  1.00 19.47 ? 97  LEU B CD1 1 
ATOM   1452 C CD2 . LEU B 1 97 ? -3.913  8.242   -2.103  1.00 16.55 ? 97  LEU B CD2 1 
ATOM   1453 N N   . ASN B 1 98 ? -6.302  12.193  -3.269  1.00 19.13 ? 98  ASN B N   1 
ATOM   1454 C CA  . ASN B 1 98 ? -7.304  13.069  -3.853  1.00 21.00 ? 98  ASN B CA  1 
ATOM   1455 C C   . ASN B 1 98 ? -7.628  12.605  -5.270  1.00 17.57 ? 98  ASN B C   1 
ATOM   1456 O O   . ASN B 1 98 ? -6.756  12.050  -5.954  1.00 15.41 ? 98  ASN B O   1 
ATOM   1457 C CB  . ASN B 1 98 ? -6.778  14.525  -3.890  1.00 24.13 ? 98  ASN B CB  1 
ATOM   1458 C CG  . ASN B 1 98 ? -6.224  15.139  -2.594  1.00 23.59 ? 98  ASN B CG  1 
ATOM   1459 O OD1 . ASN B 1 98 ? -5.098  14.848  -2.211  1.00 21.58 ? 98  ASN B OD1 1 
ATOM   1460 N ND2 . ASN B 1 98 ? -6.901  16.015  -1.864  1.00 23.37 ? 98  ASN B ND2 1 
ATOM   1461 N N   . PHE B 1 99 ? -8.863  12.795  -5.712  1.00 16.39 ? 99  PHE B N   1 
ATOM   1462 C CA  . PHE B 1 99 ? -9.354  12.440  -7.058  1.00 22.61 ? 99  PHE B CA  1 
ATOM   1463 C C   . PHE B 1 99 ? -10.823 12.880  -7.207  1.00 24.62 ? 99  PHE B C   1 
ATOM   1464 O O   . PHE B 1 99 ? -11.445 12.591  -8.237  1.00 27.41 ? 99  PHE B O   1 
ATOM   1465 C CB  . PHE B 1 99 ? -9.297  10.916  -7.355  1.00 18.35 ? 99  PHE B CB  1 
ATOM   1466 C CG  . PHE B 1 99 ? -10.169 10.002  -6.516  1.00 19.69 ? 99  PHE B CG  1 
ATOM   1467 C CD1 . PHE B 1 99 ? -9.702  9.540   -5.285  1.00 23.08 ? 99  PHE B CD1 1 
ATOM   1468 C CD2 . PHE B 1 99 ? -11.438 9.638   -6.959  1.00 19.87 ? 99  PHE B CD2 1 
ATOM   1469 C CE1 . PHE B 1 99 ? -10.513 8.720   -4.505  1.00 21.54 ? 99  PHE B CE1 1 
ATOM   1470 C CE2 . PHE B 1 99 ? -12.240 8.823   -6.181  1.00 16.43 ? 99  PHE B CE2 1 
ATOM   1471 C CZ  . PHE B 1 99 ? -11.776 8.364   -4.952  1.00 20.33 ? 99  PHE B CZ  1 
ATOM   1472 O OXT . PHE B 1 99 ? -11.367 13.494  -6.274  1.00 23.71 ? 99  PHE B OXT 1 
ATOM   1473 N N   . PRO C 2 1  ? -0.404  -6.053  7.984   1.00 37.87 ? 1   PRO I N   1 
ATOM   1474 C CA  . PRO C 2 1  ? -1.526  -5.577  7.172   1.00 31.15 ? 1   PRO I CA  1 
ATOM   1475 C C   . PRO C 2 1  ? -0.905  -4.366  6.454   1.00 30.81 ? 1   PRO I C   1 
ATOM   1476 O O   . PRO C 2 1  ? -1.034  -3.188  6.770   1.00 26.80 ? 1   PRO I O   1 
ATOM   1477 C CB  . PRO C 2 1  ? -2.617  -5.302  8.192   1.00 35.20 ? 1   PRO I CB  1 
ATOM   1478 C CG  . PRO C 2 1  ? -1.877  -5.236  9.545   1.00 34.04 ? 1   PRO I CG  1 
ATOM   1479 C CD  . PRO C 2 1  ? -0.770  -6.253  9.372   1.00 29.96 ? 1   PRO I CD  1 
ATOM   1480 N N   . ILE C 2 2  ? 0.059   -4.763  5.642   1.00 29.79 ? 2   ILE I N   1 
ATOM   1481 C CA  . ILE C 2 2  ? 0.812   -3.876  4.802   1.00 29.21 ? 2   ILE I CA  1 
ATOM   1482 C C   . ILE C 2 2  ? 0.544   -4.616  3.500   1.00 31.99 ? 2   ILE I C   1 
ATOM   1483 O O   . ILE C 2 2  ? 1.076   -5.721  3.296   1.00 38.13 ? 2   ILE I O   1 
ATOM   1484 C CB  . ILE C 2 2  ? 2.329   -3.894  5.208   1.00 26.91 ? 2   ILE I CB  1 
ATOM   1485 C CG1 . ILE C 2 2  ? 2.516   -2.987  6.406   1.00 27.14 ? 2   ILE I CG1 1 
ATOM   1486 C CG2 . ILE C 2 2  ? 3.240   -3.443  4.074   1.00 23.98 ? 2   ILE I CG2 1 
ATOM   1487 C CD1 . ILE C 2 2  ? 2.184   -3.564  7.801   1.00 25.39 ? 2   ILE I CD1 1 
ATOM   1488 N N   . VAL C 2 3  ? -0.334  -4.119  2.630   1.00 32.28 ? 3   VAL I N   1 
ATOM   1489 C CA  . VAL C 2 3  ? -0.419  -4.810  1.358   1.00 36.63 ? 3   VAL I CA  1 
ATOM   1490 C C   . VAL C 2 3  ? 0.549   -4.176  0.314   1.00 43.44 ? 3   VAL I C   1 
ATOM   1491 O O   . VAL C 2 3  ? 1.338   -4.876  -0.348  1.00 43.93 ? 3   VAL I O   1 
ATOM   1492 C CB  . VAL C 2 3  ? -1.866  -4.781  0.932   1.00 33.94 ? 3   VAL I CB  1 
ATOM   1493 C CG1 . VAL C 2 3  ? -1.984  -5.850  -0.115  1.00 32.05 ? 3   VAL I CG1 1 
ATOM   1494 C CG2 . VAL C 2 3  ? -2.844  -5.196  2.012   1.00 29.94 ? 3   VAL I CG2 1 
HETATM 1495 N N   . NH2 C 2 4  ? 0.672   -2.743  0.137   1.00 40.26 ? 4   NH2 I N   1 
HETATM 1496 O O   . HOH D 3 .  ? 3.741   1.044   -5.944  1.00 16.71 ? 404 HOH A O   1 
HETATM 1497 O O   . HOH D 3 .  ? -18.251 4.629   0.774   1.00 50.98 ? 406 HOH A O   1 
HETATM 1498 O O   . HOH D 3 .  ? -2.067  -14.021 1.038   1.00 25.23 ? 407 HOH A O   1 
HETATM 1499 O O   . HOH D 3 .  ? -1.819  9.388   -10.425 1.00 17.24 ? 408 HOH A O   1 
HETATM 1500 O O   . HOH D 3 .  ? -18.385 -1.393  -13.219 1.00 52.82 ? 409 HOH A O   1 
HETATM 1501 O O   . HOH D 3 .  ? -3.603  9.952   -13.777 1.00 42.08 ? 411 HOH A O   1 
HETATM 1502 O O   . HOH D 3 .  ? -3.880  -5.668  -11.606 1.00 9.69  ? 412 HOH A O   1 
HETATM 1503 O O   . HOH D 3 .  ? -4.490  -2.420  -16.031 1.00 22.48 ? 414 HOH A O   1 
HETATM 1504 O O   . HOH D 3 .  ? -16.354 -6.573  0.835   1.00 34.15 ? 417 HOH A O   1 
HETATM 1505 O O   . HOH D 3 .  ? -11.406 11.483  4.604   1.00 37.76 ? 418 HOH A O   1 
HETATM 1506 O O   . HOH D 3 .  ? -20.906 -3.636  -12.314 1.00 27.84 ? 419 HOH A O   1 
HETATM 1507 O O   . HOH D 3 .  ? -4.004  1.201   -16.362 1.00 20.64 ? 423 HOH A O   1 
HETATM 1508 O O   . HOH D 3 .  ? -17.466 -5.298  -14.292 1.00 21.44 ? 424 HOH A O   1 
HETATM 1509 O O   . HOH D 3 .  ? -18.083 -14.280 -6.905  1.00 38.96 ? 425 HOH A O   1 
HETATM 1510 O O   . HOH D 3 .  ? 4.903   -3.278  -0.875  1.00 40.20 ? 426 HOH A O   1 
HETATM 1511 O O   . HOH D 3 .  ? -9.765  6.806   5.449   1.00 35.45 ? 429 HOH A O   1 
HETATM 1512 O O   . HOH D 3 .  ? -11.734 10.175  9.160   1.00 69.39 ? 430 HOH A O   1 
HETATM 1513 O O   . HOH D 3 .  ? -9.293  1.356   10.202  1.00 28.93 ? 431 HOH A O   1 
HETATM 1514 O O   . HOH D 3 .  ? -21.337 -9.249  -14.362 1.00 27.69 ? 432 HOH A O   1 
HETATM 1515 O O   . HOH D 3 .  ? 3.814   -1.857  -12.237 1.00 35.48 ? 433 HOH A O   1 
HETATM 1516 O O   . HOH D 3 .  ? 4.383   -14.358 -13.057 1.00 64.55 ? 434 HOH A O   1 
HETATM 1517 O O   . HOH D 3 .  ? -16.214 8.320   -14.673 1.00 41.70 ? 435 HOH A O   1 
HETATM 1518 O O   . HOH D 3 .  ? -8.653  -0.299  -20.598 1.00 19.56 ? 436 HOH A O   1 
HETATM 1519 O O   . HOH D 3 .  ? -8.736  -13.672 0.913   1.00 28.88 ? 437 HOH A O   1 
HETATM 1520 O O   . HOH E 3 .  ? -4.096  12.332  6.408   1.00 10.81 ? 402 HOH B O   1 
HETATM 1521 O O   . HOH E 3 .  ? -3.847  0.694   5.467   1.00 30.18 ? 403 HOH B O   1 
HETATM 1522 O O   . HOH E 3 .  ? 4.546   1.841   12.331  1.00 15.56 ? 405 HOH B O   1 
HETATM 1523 O O   . HOH E 3 .  ? -1.865  3.191   11.475  1.00 29.59 ? 410 HOH B O   1 
HETATM 1524 O O   . HOH E 3 .  ? 13.780  14.581  3.838   1.00 26.80 ? 413 HOH B O   1 
HETATM 1525 O O   . HOH E 3 .  ? 13.068  12.264  -3.453  1.00 28.71 ? 415 HOH B O   1 
HETATM 1526 O O   . HOH E 3 .  ? 2.934   6.005   15.196  1.00 26.38 ? 416 HOH B O   1 
HETATM 1527 O O   . HOH E 3 .  ? 13.665  8.349   -5.217  1.00 43.92 ? 420 HOH B O   1 
HETATM 1528 O O   . HOH E 3 .  ? 17.050  3.068   0.290   1.00 49.96 ? 421 HOH B O   1 
HETATM 1529 O O   . HOH E 3 .  ? 6.105   5.990   19.131  1.00 31.08 ? 422 HOH B O   1 
HETATM 1530 O O   . HOH E 3 .  ? 9.909   -14.571 9.171   1.00 41.52 ? 439 HOH B O   1 
HETATM 1531 O O   . HOH E 3 .  ? 10.778  14.745  -2.542  1.00 54.30 ? 440 HOH B O   1 
HETATM 1532 O O   . HOH E 3 .  ? -1.195  19.096  4.764   1.00 40.15 ? 441 HOH B O   1 
HETATM 1533 O O   . HOH E 3 .  ? 4.276   17.793  9.285   1.00 27.62 ? 442 HOH B O   1 
HETATM 1534 O O   . HOH F 3 .  ? 1.809   -7.270  0.995   1.00 19.48 ? 401 HOH I O   1 
HETATM 1535 O O   . HOH F 3 .  ? 0.942   -5.805  -3.028  1.00 37.87 ? 427 HOH I O   1 
HETATM 1536 O O   . HOH F 3 .  ? 0.759   -6.204  -6.280  1.00 35.56 ? 428 HOH I O   1 
# 
